data_1AQ7
# 
_entry.id   1AQ7 
# 
_audit_conform.dict_name       mmcif_pdbx.dic 
_audit_conform.dict_version    5.375 
_audit_conform.dict_location   http://mmcif.pdb.org/dictionaries/ascii/mmcif_pdbx.dic 
# 
loop_
_database_2.database_id 
_database_2.database_code 
_database_2.pdbx_database_accession 
_database_2.pdbx_DOI 
PDB   1AQ7         pdb_00001aq7 10.2210/pdb1aq7/pdb 
WWPDB D_1000171122 ?            ?                   
# 
_pdbx_database_status.status_code                     REL 
_pdbx_database_status.entry_id                        1AQ7 
_pdbx_database_status.recvd_initial_deposition_date   1997-08-07 
_pdbx_database_status.deposit_site                    ? 
_pdbx_database_status.process_site                    BNL 
_pdbx_database_status.status_code_sf                  REL 
_pdbx_database_status.status_code_mr                  ? 
_pdbx_database_status.SG_entry                        ? 
_pdbx_database_status.pdb_format_compatible           Y 
_pdbx_database_status.status_code_cs                  ? 
_pdbx_database_status.status_code_nmr_data            ? 
_pdbx_database_status.methods_development_category    ? 
# 
loop_
_audit_author.name 
_audit_author.pdbx_ordinal 
'Sandler, B.'  1 
'Murakami, M.' 2 
'Clardy, J.'   3 
# 
loop_
_citation.id 
_citation.title 
_citation.journal_abbrev 
_citation.journal_volume 
_citation.page_first 
_citation.page_last 
_citation.year 
_citation.journal_id_ASTM 
_citation.country 
_citation.journal_id_ISSN 
_citation.journal_id_CSD 
_citation.book_publisher 
_citation.pdbx_database_id_PubMed 
_citation.pdbx_database_id_DOI 
primary 'Atomic Structure of the Trypsin-Aeruginosin 98-B Complex'                                              J.Am.Chem.Soc. 120 
595  596 1998 JACSAT US 0002-7863 0004 ? -1 ? 
1       'Aeruginosins 98-A and B, Trypsin Inhibitors from the Blue-Green Alga Microcystis Aeruginosa (Nies-98)' 
'Tetrahedron Lett.' 36  2785 ?   1995 TELEAY UK 0040-4039 0024 ? ?  ? 
# 
loop_
_citation_author.citation_id 
_citation_author.name 
_citation_author.ordinal 
_citation_author.identifier_ORCID 
primary 'Sandler, B.'   1 ? 
primary 'Murakami, M.'  2 ? 
primary 'Clardy, J.'    3 ? 
1       'Murakami, M.'  4 ? 
1       'Ishida, K.'    5 ? 
1       'Okino, T.'     6 ? 
1       'Okita, Y.'     7 ? 
1       'Matsuda, H.'   8 ? 
1       'Yamaguchi, K.' 9 ? 
# 
_cell.entry_id           1AQ7 
_cell.length_a           48.300 
_cell.length_b           48.300 
_cell.length_c           145.200 
_cell.angle_alpha        90.00 
_cell.angle_beta         90.00 
_cell.angle_gamma        120.00 
_cell.Z_PDB              6 
_cell.pdbx_unique_axis   ? 
# 
_symmetry.entry_id                         1AQ7 
_symmetry.space_group_name_H-M             'P 61' 
_symmetry.pdbx_full_space_group_name_H-M   ? 
_symmetry.cell_setting                     ? 
_symmetry.Int_Tables_number                169 
# 
loop_
_entity.id 
_entity.type 
_entity.src_method 
_entity.pdbx_description 
_entity.formula_weight 
_entity.pdbx_number_of_molecules 
_entity.pdbx_ec 
_entity.pdbx_mutation 
_entity.pdbx_fragment 
_entity.details 
1 polymer nat TRYPSIN            23324.287 1   3.4.21.4 ? ? ? 
2 polymer syn 'AERUGINOSIN 98-B' 654.774   1   ?        ? ? ? 
3 water   nat water              18.015    212 ?        ? ? ? 
# 
loop_
_entity_poly.entity_id 
_entity_poly.type 
_entity_poly.nstd_linkage 
_entity_poly.nstd_monomer 
_entity_poly.pdbx_seq_one_letter_code 
_entity_poly.pdbx_seq_one_letter_code_can 
_entity_poly.pdbx_strand_id 
_entity_poly.pdbx_target_identifier 
1 'polypeptide(L)' no no  
;IVGGYTCGANTVPYQVSLNSGYHFCGGSLINSQWVVSAAHCYKSGIQVRLGEDNINVVEGNEQFISASKSIVHPSYNSNT
LNNDIMLIKLKSAASLNSRVASISLPTSCASAGTQCLISGWGNTKSSGTSYPDVLKCLKAPILSDSSCKSAYPGQITSNM
FCAGYLEGGKDSCQGDSGGPVVCSGKLQGIVSWGSGCAQKNKPGVYTKVCNYVSWIKQTIASN
;
;IVGGYTCGANTVPYQVSLNSGYHFCGGSLINSQWVVSAAHCYKSGIQVRLGEDNINVVEGNEQFISASKSIVHPSYNSNT
LNNDIMLIKLKSAASLNSRVASISLPTSCASAGTQCLISGWGNTKSSGTSYPDVLKCLKAPILSDSSCKSAYPGQITSNM
FCAGYLEGGKDSCQGDSGGPVVCSGKLQGIVSWGSGCAQKNKPGVYTKVCNYVSWIKQTIASN
;
A ? 
2 'polypeptide(L)' no yes '(34H)(DIL)(XPR)(AG2)' XIPX B ? 
# 
loop_
_entity_poly_seq.entity_id 
_entity_poly_seq.num 
_entity_poly_seq.mon_id 
_entity_poly_seq.hetero 
1 1   ILE n 
1 2   VAL n 
1 3   GLY n 
1 4   GLY n 
1 5   TYR n 
1 6   THR n 
1 7   CYS n 
1 8   GLY n 
1 9   ALA n 
1 10  ASN n 
1 11  THR n 
1 12  VAL n 
1 13  PRO n 
1 14  TYR n 
1 15  GLN n 
1 16  VAL n 
1 17  SER n 
1 18  LEU n 
1 19  ASN n 
1 20  SER n 
1 21  GLY n 
1 22  TYR n 
1 23  HIS n 
1 24  PHE n 
1 25  CYS n 
1 26  GLY n 
1 27  GLY n 
1 28  SER n 
1 29  LEU n 
1 30  ILE n 
1 31  ASN n 
1 32  SER n 
1 33  GLN n 
1 34  TRP n 
1 35  VAL n 
1 36  VAL n 
1 37  SER n 
1 38  ALA n 
1 39  ALA n 
1 40  HIS n 
1 41  CYS n 
1 42  TYR n 
1 43  LYS n 
1 44  SER n 
1 45  GLY n 
1 46  ILE n 
1 47  GLN n 
1 48  VAL n 
1 49  ARG n 
1 50  LEU n 
1 51  GLY n 
1 52  GLU n 
1 53  ASP n 
1 54  ASN n 
1 55  ILE n 
1 56  ASN n 
1 57  VAL n 
1 58  VAL n 
1 59  GLU n 
1 60  GLY n 
1 61  ASN n 
1 62  GLU n 
1 63  GLN n 
1 64  PHE n 
1 65  ILE n 
1 66  SER n 
1 67  ALA n 
1 68  SER n 
1 69  LYS n 
1 70  SER n 
1 71  ILE n 
1 72  VAL n 
1 73  HIS n 
1 74  PRO n 
1 75  SER n 
1 76  TYR n 
1 77  ASN n 
1 78  SER n 
1 79  ASN n 
1 80  THR n 
1 81  LEU n 
1 82  ASN n 
1 83  ASN n 
1 84  ASP n 
1 85  ILE n 
1 86  MET n 
1 87  LEU n 
1 88  ILE n 
1 89  LYS n 
1 90  LEU n 
1 91  LYS n 
1 92  SER n 
1 93  ALA n 
1 94  ALA n 
1 95  SER n 
1 96  LEU n 
1 97  ASN n 
1 98  SER n 
1 99  ARG n 
1 100 VAL n 
1 101 ALA n 
1 102 SER n 
1 103 ILE n 
1 104 SER n 
1 105 LEU n 
1 106 PRO n 
1 107 THR n 
1 108 SER n 
1 109 CYS n 
1 110 ALA n 
1 111 SER n 
1 112 ALA n 
1 113 GLY n 
1 114 THR n 
1 115 GLN n 
1 116 CYS n 
1 117 LEU n 
1 118 ILE n 
1 119 SER n 
1 120 GLY n 
1 121 TRP n 
1 122 GLY n 
1 123 ASN n 
1 124 THR n 
1 125 LYS n 
1 126 SER n 
1 127 SER n 
1 128 GLY n 
1 129 THR n 
1 130 SER n 
1 131 TYR n 
1 132 PRO n 
1 133 ASP n 
1 134 VAL n 
1 135 LEU n 
1 136 LYS n 
1 137 CYS n 
1 138 LEU n 
1 139 LYS n 
1 140 ALA n 
1 141 PRO n 
1 142 ILE n 
1 143 LEU n 
1 144 SER n 
1 145 ASP n 
1 146 SER n 
1 147 SER n 
1 148 CYS n 
1 149 LYS n 
1 150 SER n 
1 151 ALA n 
1 152 TYR n 
1 153 PRO n 
1 154 GLY n 
1 155 GLN n 
1 156 ILE n 
1 157 THR n 
1 158 SER n 
1 159 ASN n 
1 160 MET n 
1 161 PHE n 
1 162 CYS n 
1 163 ALA n 
1 164 GLY n 
1 165 TYR n 
1 166 LEU n 
1 167 GLU n 
1 168 GLY n 
1 169 GLY n 
1 170 LYS n 
1 171 ASP n 
1 172 SER n 
1 173 CYS n 
1 174 GLN n 
1 175 GLY n 
1 176 ASP n 
1 177 SER n 
1 178 GLY n 
1 179 GLY n 
1 180 PRO n 
1 181 VAL n 
1 182 VAL n 
1 183 CYS n 
1 184 SER n 
1 185 GLY n 
1 186 LYS n 
1 187 LEU n 
1 188 GLN n 
1 189 GLY n 
1 190 ILE n 
1 191 VAL n 
1 192 SER n 
1 193 TRP n 
1 194 GLY n 
1 195 SER n 
1 196 GLY n 
1 197 CYS n 
1 198 ALA n 
1 199 GLN n 
1 200 LYS n 
1 201 ASN n 
1 202 LYS n 
1 203 PRO n 
1 204 GLY n 
1 205 VAL n 
1 206 TYR n 
1 207 THR n 
1 208 LYS n 
1 209 VAL n 
1 210 CYS n 
1 211 ASN n 
1 212 TYR n 
1 213 VAL n 
1 214 SER n 
1 215 TRP n 
1 216 ILE n 
1 217 LYS n 
1 218 GLN n 
1 219 THR n 
1 220 ILE n 
1 221 ALA n 
1 222 SER n 
1 223 ASN n 
2 1   34H n 
2 2   DIL n 
2 3   XPR n 
2 4   AG2 n 
# 
_entity_src_nat.entity_id                  1 
_entity_src_nat.pdbx_src_id                1 
_entity_src_nat.pdbx_alt_source_flag       sample 
_entity_src_nat.pdbx_beg_seq_num           ? 
_entity_src_nat.pdbx_end_seq_num           ? 
_entity_src_nat.common_name                cattle 
_entity_src_nat.pdbx_organism_scientific   'Bos taurus' 
_entity_src_nat.pdbx_ncbi_taxonomy_id      9913 
_entity_src_nat.genus                      Bos 
_entity_src_nat.species                    ? 
_entity_src_nat.strain                     ? 
_entity_src_nat.tissue                     ? 
_entity_src_nat.tissue_fraction            ? 
_entity_src_nat.pdbx_secretion             ? 
_entity_src_nat.pdbx_fragment              ? 
_entity_src_nat.pdbx_variant               ? 
_entity_src_nat.pdbx_cell_line             ? 
_entity_src_nat.pdbx_atcc                  ? 
_entity_src_nat.pdbx_cellular_location     ? 
_entity_src_nat.pdbx_organ                 PANCREAS 
_entity_src_nat.pdbx_organelle             ? 
_entity_src_nat.pdbx_cell                  ? 
_entity_src_nat.pdbx_plasmid_name          ? 
_entity_src_nat.pdbx_plasmid_details       ? 
_entity_src_nat.details                    ? 
# 
_pdbx_entity_src_syn.entity_id              2 
_pdbx_entity_src_syn.pdbx_src_id            1 
_pdbx_entity_src_syn.pdbx_alt_source_flag   sample 
_pdbx_entity_src_syn.pdbx_beg_seq_num       ? 
_pdbx_entity_src_syn.pdbx_end_seq_num       ? 
_pdbx_entity_src_syn.organism_scientific    'Microcystis aeruginosa (NIES-28)' 
_pdbx_entity_src_syn.organism_common_name   ? 
_pdbx_entity_src_syn.ncbi_taxonomy_id       267869 
_pdbx_entity_src_syn.details                ? 
# 
loop_
_struct_ref.entity_id 
_struct_ref.pdbx_db_accession 
_struct_ref.db_code 
_struct_ref.db_name 
_struct_ref.id 
_struct_ref.pdbx_seq_one_letter_code 
_struct_ref.pdbx_align_begin 
_struct_ref.pdbx_db_isoform 
1 P00760 TRY1_BOVIN UNP 1 
;FIFLALLGAAVAFPVDDDDKIVGGYTCGANTVPYQVSLNSGYHFCGGSLINSQWVVSAAHCYKSGIQVRLGEDNINVVEG
NEQFISASKSIVHPSYNSNTLNNDIMLIKLKSAASLNSRVASISLPTSCASAGTQCLISGWGNTKSSGTSYPDVLKCLKA
PILSDSSCKSAYPGQITSNMFCAGYLEGGKDSCQGDSGGPVVCSGKLQGIVSWGSGCAQKNKPGVYTKVCNYVSWIKQTI
ASN
;
1 ? 
2 1AQ7   1AQ7       PDB 2 XXPX 1 ? 
# 
loop_
_struct_ref_seq.align_id 
_struct_ref_seq.ref_id 
_struct_ref_seq.pdbx_PDB_id_code 
_struct_ref_seq.pdbx_strand_id 
_struct_ref_seq.seq_align_beg 
_struct_ref_seq.pdbx_seq_align_beg_ins_code 
_struct_ref_seq.seq_align_end 
_struct_ref_seq.pdbx_seq_align_end_ins_code 
_struct_ref_seq.pdbx_db_accession 
_struct_ref_seq.db_align_beg 
_struct_ref_seq.pdbx_db_align_beg_ins_code 
_struct_ref_seq.db_align_end 
_struct_ref_seq.pdbx_db_align_end_ins_code 
_struct_ref_seq.pdbx_auth_seq_align_beg 
_struct_ref_seq.pdbx_auth_seq_align_end 
1 1 1AQ7 A 1 ? 223 ? P00760 21 ? 243 ? 16 245 
2 2 1AQ7 B 1 ? 4   ? 1AQ7   1  ? 4   ? 1  4   
# 
loop_
_chem_comp.id 
_chem_comp.type 
_chem_comp.mon_nstd_flag 
_chem_comp.name 
_chem_comp.pdbx_synonyms 
_chem_comp.formula 
_chem_comp.formula_weight 
34H non-polymer         . '(2R)-2-HYDROXY-3-(4-HYDROXYPHENYL)PROPANOIC ACID'                  ?                         
'C9 H10 O4'      182.173 
AG2 non-polymer         . AGMATINE                                                            '(4-AMINOBUTYL)GUANIDINE' 
'C5 H14 N4'      130.191 
ALA 'L-peptide linking' y ALANINE                                                             ?                         
'C3 H7 N O2'     89.093  
ARG 'L-peptide linking' y ARGININE                                                            ?                         
'C6 H15 N4 O2 1' 175.209 
ASN 'L-peptide linking' y ASPARAGINE                                                          ?                         
'C4 H8 N2 O3'    132.118 
ASP 'L-peptide linking' y 'ASPARTIC ACID'                                                     ?                         
'C4 H7 N O4'     133.103 
CYS 'L-peptide linking' y CYSTEINE                                                            ?                         
'C3 H7 N O2 S'   121.158 
DIL 'D-peptide linking' . D-ISOLEUCINE                                                        ?                         
'C6 H13 N O2'    131.173 
GLN 'L-peptide linking' y GLUTAMINE                                                           ?                         
'C5 H10 N2 O3'   146.144 
GLU 'L-peptide linking' y 'GLUTAMIC ACID'                                                     ?                         
'C5 H9 N O4'     147.129 
GLY 'peptide linking'   y GLYCINE                                                             ?                         
'C2 H5 N O2'     75.067  
HIS 'L-peptide linking' y HISTIDINE                                                           ?                         
'C6 H10 N3 O2 1' 156.162 
HOH non-polymer         . WATER                                                               ?                         'H2 O' 
18.015  
ILE 'L-peptide linking' y ISOLEUCINE                                                          ?                         
'C6 H13 N O2'    131.173 
LEU 'L-peptide linking' y LEUCINE                                                             ?                         
'C6 H13 N O2'    131.173 
LYS 'L-peptide linking' y LYSINE                                                              ?                         
'C6 H15 N2 O2 1' 147.195 
MET 'L-peptide linking' y METHIONINE                                                          ?                         
'C5 H11 N O2 S'  149.211 
PHE 'L-peptide linking' y PHENYLALANINE                                                       ?                         
'C9 H11 N O2'    165.189 
PRO 'L-peptide linking' y PROLINE                                                             ?                         
'C5 H9 N O2'     115.130 
SER 'L-peptide linking' y SERINE                                                              ?                         
'C3 H7 N O3'     105.093 
THR 'L-peptide linking' y THREONINE                                                           ?                         
'C4 H9 N O3'     119.119 
TRP 'L-peptide linking' y TRYPTOPHAN                                                          ?                         
'C11 H12 N2 O2'  204.225 
TYR 'L-peptide linking' y TYROSINE                                                            ?                         
'C9 H11 N O3'    181.189 
VAL 'L-peptide linking' y VALINE                                                              ?                         
'C5 H11 N O2'    117.146 
XPR 'L-peptide linking' n '(2S,3aS,6R,7aS)-6-(sulfooxy)octahydro-1H-indole-2-carboxylic acid' ?                         
'C9 H15 N O6 S'  265.283 
# 
_exptl.entry_id          1AQ7 
_exptl.method            'X-RAY DIFFRACTION' 
_exptl.crystals_number   1 
# 
_exptl_crystal.id                    1 
_exptl_crystal.density_meas          ? 
_exptl_crystal.density_Matthews      2.10 
_exptl_crystal.density_percent_sol   41.30 
_exptl_crystal.description           ? 
# 
_exptl_crystal_grow.crystal_id      1 
_exptl_crystal_grow.method          ? 
_exptl_crystal_grow.temp            ? 
_exptl_crystal_grow.temp_details    ? 
_exptl_crystal_grow.pH              8.5 
_exptl_crystal_grow.pdbx_pH_range   ? 
_exptl_crystal_grow.pdbx_details    
'PROTEIN WAS CRYSTALLIZED FROM 10MG/ML TRYPSIN-LIGAND AGAINST 20% PEG-4000 AND 10% ISOPROPANOL IN 100MM PH 8.5 HEPES' 
# 
_diffrn.id                     1 
_diffrn.ambient_temp           93 
_diffrn.ambient_temp_details   ? 
_diffrn.crystal_id             1 
# 
_diffrn_detector.diffrn_id              1 
_diffrn_detector.detector               CCD 
_diffrn_detector.type                   'PRINCETON 2K' 
_diffrn_detector.pdbx_collection_date   1996-05 
_diffrn_detector.details                ? 
# 
_diffrn_radiation.diffrn_id                        1 
_diffrn_radiation.wavelength_id                    1 
_diffrn_radiation.pdbx_monochromatic_or_laue_m_l   M 
_diffrn_radiation.monochromator                    ? 
_diffrn_radiation.pdbx_diffrn_protocol             ? 
_diffrn_radiation.pdbx_scattering_type             x-ray 
# 
_diffrn_radiation_wavelength.id           1 
_diffrn_radiation_wavelength.wavelength   0.98 
_diffrn_radiation_wavelength.wt           1.0 
# 
_diffrn_source.diffrn_id                   1 
_diffrn_source.source                      SYNCHROTRON 
_diffrn_source.type                        'CHESS BEAMLINE F1' 
_diffrn_source.pdbx_synchrotron_site       CHESS 
_diffrn_source.pdbx_synchrotron_beamline   F1 
_diffrn_source.pdbx_wavelength             0.98 
_diffrn_source.pdbx_wavelength_list        ? 
# 
_reflns.entry_id                     1AQ7 
_reflns.observed_criterion_sigma_I   ? 
_reflns.observed_criterion_sigma_F   ? 
_reflns.d_resolution_low             99.0 
_reflns.d_resolution_high            2.2 
_reflns.number_obs                   8944 
_reflns.number_all                   ? 
_reflns.percent_possible_obs         92. 
_reflns.pdbx_Rmerge_I_obs            ? 
_reflns.pdbx_Rsym_value              0.063 
_reflns.pdbx_netI_over_sigmaI        17.7 
_reflns.B_iso_Wilson_estimate        ? 
_reflns.pdbx_redundancy              1.8 
_reflns.pdbx_ordinal                 1 
_reflns.pdbx_diffrn_id               1 
# 
_reflns_shell.d_res_high             2.20 
_reflns_shell.d_res_low              2.28 
_reflns_shell.percent_possible_all   85.5 
_reflns_shell.Rmerge_I_obs           ? 
_reflns_shell.pdbx_Rsym_value        0.073 
_reflns_shell.meanI_over_sigI_obs    12.1 
_reflns_shell.pdbx_redundancy        ? 
_reflns_shell.pdbx_ordinal           1 
_reflns_shell.pdbx_diffrn_id         1 
# 
_refine.entry_id                                 1AQ7 
_refine.ls_number_reflns_obs                     8944 
_refine.ls_number_reflns_all                     ? 
_refine.pdbx_ls_sigma_I                          ? 
_refine.pdbx_ls_sigma_F                          2.0 
_refine.pdbx_data_cutoff_high_absF               ? 
_refine.pdbx_data_cutoff_low_absF                0. 
_refine.pdbx_data_cutoff_high_rms_absF           ? 
_refine.ls_d_res_low                             8.0 
_refine.ls_d_res_high                            2.2 
_refine.ls_percent_reflns_obs                    92. 
_refine.ls_R_factor_obs                          0.164 
_refine.ls_R_factor_all                          ? 
_refine.ls_R_factor_R_work                       0.164 
_refine.ls_R_factor_R_free                       0.237 
_refine.ls_R_factor_R_free_error                 0.0078 
_refine.ls_R_factor_R_free_error_details         ? 
_refine.ls_percent_reflns_R_free                 10.3 
_refine.ls_number_reflns_R_free                  920 
_refine.ls_number_parameters                     ? 
_refine.ls_number_restraints                     ? 
_refine.occupancy_min                            ? 
_refine.occupancy_max                            ? 
_refine.B_iso_mean                               9.3 
_refine.aniso_B[1][1]                            ? 
_refine.aniso_B[2][2]                            ? 
_refine.aniso_B[3][3]                            ? 
_refine.aniso_B[1][2]                            ? 
_refine.aniso_B[1][3]                            ? 
_refine.aniso_B[2][3]                            ? 
_refine.solvent_model_details                    ? 
_refine.solvent_model_param_ksol                 ? 
_refine.solvent_model_param_bsol                 ? 
_refine.pdbx_ls_cross_valid_method               THROUGHOUT 
_refine.details                                  ? 
_refine.pdbx_starting_model                      'PDB ENTRY 1TPS' 
_refine.pdbx_method_to_determine_struct          'MOLECULAR REPLACEMENT' 
_refine.pdbx_isotropic_thermal_model             RESTRAINED 
_refine.pdbx_stereochemistry_target_values       ? 
_refine.pdbx_stereochem_target_val_spec_case     ? 
_refine.pdbx_R_Free_selection_details            RANDOM 
_refine.pdbx_overall_ESU_R                       ? 
_refine.pdbx_overall_ESU_R_Free                  ? 
_refine.overall_SU_ML                            ? 
_refine.overall_SU_B                             ? 
_refine.pdbx_refine_id                           'X-RAY DIFFRACTION' 
_refine.pdbx_diffrn_id                           1 
_refine.pdbx_TLS_residual_ADP_flag               ? 
_refine.correlation_coeff_Fo_to_Fc               ? 
_refine.correlation_coeff_Fo_to_Fc_free          ? 
_refine.pdbx_solvent_vdw_probe_radii             ? 
_refine.pdbx_solvent_ion_probe_radii             ? 
_refine.pdbx_solvent_shrinkage_radii             ? 
_refine.pdbx_overall_phase_error                 ? 
_refine.overall_SU_R_Cruickshank_DPI             ? 
_refine.pdbx_overall_SU_R_free_Cruickshank_DPI   ? 
_refine.pdbx_overall_SU_R_Blow_DPI               ? 
_refine.pdbx_overall_SU_R_free_Blow_DPI          ? 
# 
_refine_hist.pdbx_refine_id                   'X-RAY DIFFRACTION' 
_refine_hist.cycle_id                         LAST 
_refine_hist.pdbx_number_atoms_protein        1674 
_refine_hist.pdbx_number_atoms_nucleic_acid   0 
_refine_hist.pdbx_number_atoms_ligand         0 
_refine_hist.number_atoms_solvent             212 
_refine_hist.number_atoms_total               1886 
_refine_hist.d_res_high                       2.2 
_refine_hist.d_res_low                        8.0 
# 
loop_
_refine_ls_restr.type 
_refine_ls_restr.dev_ideal 
_refine_ls_restr.dev_ideal_target 
_refine_ls_restr.weight 
_refine_ls_restr.number 
_refine_ls_restr.pdbx_refine_id 
_refine_ls_restr.pdbx_restraint_function 
x_bond_d                0.011 ? ? ? 'X-RAY DIFFRACTION' ? 
x_bond_d_na             ?     ? ? ? 'X-RAY DIFFRACTION' ? 
x_bond_d_prot           ?     ? ? ? 'X-RAY DIFFRACTION' ? 
x_angle_d               ?     ? ? ? 'X-RAY DIFFRACTION' ? 
x_angle_d_na            ?     ? ? ? 'X-RAY DIFFRACTION' ? 
x_angle_d_prot          ?     ? ? ? 'X-RAY DIFFRACTION' ? 
x_angle_deg             1.70  ? ? ? 'X-RAY DIFFRACTION' ? 
x_angle_deg_na          ?     ? ? ? 'X-RAY DIFFRACTION' ? 
x_angle_deg_prot        ?     ? ? ? 'X-RAY DIFFRACTION' ? 
x_dihedral_angle_d      25.66 ? ? ? 'X-RAY DIFFRACTION' ? 
x_dihedral_angle_d_na   ?     ? ? ? 'X-RAY DIFFRACTION' ? 
x_dihedral_angle_d_prot ?     ? ? ? 'X-RAY DIFFRACTION' ? 
x_improper_angle_d      1.16  ? ? ? 'X-RAY DIFFRACTION' ? 
x_improper_angle_d_na   ?     ? ? ? 'X-RAY DIFFRACTION' ? 
x_improper_angle_d_prot ?     ? ? ? 'X-RAY DIFFRACTION' ? 
x_mcbond_it             ?     ? ? ? 'X-RAY DIFFRACTION' ? 
x_mcangle_it            ?     ? ? ? 'X-RAY DIFFRACTION' ? 
x_scbond_it             ?     ? ? ? 'X-RAY DIFFRACTION' ? 
x_scangle_it            ?     ? ? ? 'X-RAY DIFFRACTION' ? 
# 
_refine_ls_shell.pdbx_total_number_of_bins_used   8 
_refine_ls_shell.d_res_high                       2.2 
_refine_ls_shell.d_res_low                        2.3 
_refine_ls_shell.number_reflns_R_work             871 
_refine_ls_shell.R_factor_R_work                  0.185 
_refine_ls_shell.percent_reflns_obs               83.5 
_refine_ls_shell.R_factor_R_free                  0.254 
_refine_ls_shell.R_factor_R_free_error            0.024 
_refine_ls_shell.percent_reflns_R_free            12.2 
_refine_ls_shell.number_reflns_R_free             112 
_refine_ls_shell.pdbx_refine_id                   'X-RAY DIFFRACTION' 
_refine_ls_shell.number_reflns_all                ? 
_refine_ls_shell.R_factor_all                     ? 
# 
loop_
_pdbx_xplor_file.serial_no 
_pdbx_xplor_file.param_file 
_pdbx_xplor_file.topol_file 
_pdbx_xplor_file.pdbx_refine_id 
1 PARHCSDX.PRO TOPH11.WAT   'X-RAY DIFFRACTION' 
2 PARAM19.SOL  TOPHCSDX.PRO 'X-RAY DIFFRACTION' 
# 
_struct.entry_id                  1AQ7 
_struct.title                     'TRYPSIN WITH INHIBITOR AERUGINOSIN 98-B' 
_struct.pdbx_model_details        ? 
_struct.pdbx_CASP_flag            ? 
_struct.pdbx_model_type_details   ? 
# 
_struct_keywords.entry_id        1AQ7 
_struct_keywords.pdbx_keywords   'HYDROLASE/HYDROLASE INHIBITOR' 
_struct_keywords.text            'HYDROLASE, SERINE PROTEASE, INHIBITOR, HYDROLASE-HYDROLASE INHIBITOR COMPLEX' 
# 
loop_
_struct_asym.id 
_struct_asym.pdbx_blank_PDB_chainid_flag 
_struct_asym.pdbx_modified 
_struct_asym.entity_id 
_struct_asym.details 
A N N 1 ? 
B N N 2 ? 
C N N 3 ? 
D N N 3 ? 
# 
_struct_biol.id   1 
# 
loop_
_struct_conf.conf_type_id 
_struct_conf.id 
_struct_conf.pdbx_PDB_helix_id 
_struct_conf.beg_label_comp_id 
_struct_conf.beg_label_asym_id 
_struct_conf.beg_label_seq_id 
_struct_conf.pdbx_beg_PDB_ins_code 
_struct_conf.end_label_comp_id 
_struct_conf.end_label_asym_id 
_struct_conf.end_label_seq_id 
_struct_conf.pdbx_end_PDB_ins_code 
_struct_conf.beg_auth_comp_id 
_struct_conf.beg_auth_asym_id 
_struct_conf.beg_auth_seq_id 
_struct_conf.end_auth_comp_id 
_struct_conf.end_auth_asym_id 
_struct_conf.end_auth_seq_id 
_struct_conf.pdbx_PDB_helix_class 
_struct_conf.details 
_struct_conf.pdbx_PDB_helix_length 
HELX_P HELX_P1 1 ALA A 39  ? CYS A 41  ? ALA A 56  CYS A 58  5 ? 3  
HELX_P HELX_P2 2 ASP A 145 ? ALA A 151 ? ASP A 165 ALA A 171 1 ? 7  
HELX_P HELX_P3 3 VAL A 209 ? ALA A 221 ? VAL A 231 ALA A 243 5 ? 13 
# 
_struct_conf_type.id          HELX_P 
_struct_conf_type.criteria    ? 
_struct_conf_type.reference   ? 
# 
loop_
_struct_conn.id 
_struct_conn.conn_type_id 
_struct_conn.pdbx_leaving_atom_flag 
_struct_conn.pdbx_PDB_id 
_struct_conn.ptnr1_label_asym_id 
_struct_conn.ptnr1_label_comp_id 
_struct_conn.ptnr1_label_seq_id 
_struct_conn.ptnr1_label_atom_id 
_struct_conn.pdbx_ptnr1_label_alt_id 
_struct_conn.pdbx_ptnr1_PDB_ins_code 
_struct_conn.pdbx_ptnr1_standard_comp_id 
_struct_conn.ptnr1_symmetry 
_struct_conn.ptnr2_label_asym_id 
_struct_conn.ptnr2_label_comp_id 
_struct_conn.ptnr2_label_seq_id 
_struct_conn.ptnr2_label_atom_id 
_struct_conn.pdbx_ptnr2_label_alt_id 
_struct_conn.pdbx_ptnr2_PDB_ins_code 
_struct_conn.ptnr1_auth_asym_id 
_struct_conn.ptnr1_auth_comp_id 
_struct_conn.ptnr1_auth_seq_id 
_struct_conn.ptnr2_auth_asym_id 
_struct_conn.ptnr2_auth_comp_id 
_struct_conn.ptnr2_auth_seq_id 
_struct_conn.ptnr2_symmetry 
_struct_conn.pdbx_ptnr3_label_atom_id 
_struct_conn.pdbx_ptnr3_label_seq_id 
_struct_conn.pdbx_ptnr3_label_comp_id 
_struct_conn.pdbx_ptnr3_label_asym_id 
_struct_conn.pdbx_ptnr3_label_alt_id 
_struct_conn.pdbx_ptnr3_PDB_ins_code 
_struct_conn.details 
_struct_conn.pdbx_dist_value 
_struct_conn.pdbx_value_order 
_struct_conn.pdbx_role 
disulf1 disulf ?    ? A CYS 7   SG ? ? ? 1_555 A CYS 137 SG ? ? A CYS 22  A CYS 157 1_555 ? ? ? ? ? ? ? 2.130 ? ? 
disulf2 disulf ?    ? A CYS 25  SG ? ? ? 1_555 A CYS 41  SG ? ? A CYS 42  A CYS 58  1_555 ? ? ? ? ? ? ? 2.267 ? ? 
disulf3 disulf ?    ? A CYS 109 SG ? ? ? 1_555 A CYS 210 SG ? ? A CYS 128 A CYS 232 1_555 ? ? ? ? ? ? ? 2.139 ? ? 
disulf4 disulf ?    ? A CYS 116 SG ? ? ? 1_555 A CYS 183 SG ? ? A CYS 136 A CYS 201 1_555 ? ? ? ? ? ? ? 2.114 ? ? 
disulf5 disulf ?    ? A CYS 148 SG ? ? ? 1_555 A CYS 162 SG ? ? A CYS 168 A CYS 182 1_555 ? ? ? ? ? ? ? 2.222 ? ? 
disulf6 disulf ?    ? A CYS 173 SG ? ? ? 1_555 A CYS 197 SG ? ? A CYS 191 A CYS 220 1_555 ? ? ? ? ? ? ? 2.118 ? ? 
covale1 covale both ? B DIL 2   C  ? ? ? 1_555 B XPR 3   N  ? ? B DIL 2   B XPR 3   1_555 ? ? ? ? ? ? ? 1.348 ? ? 
# 
loop_
_struct_conn_type.id 
_struct_conn_type.criteria 
_struct_conn_type.reference 
disulf ? ? 
covale ? ? 
# 
loop_
_struct_sheet.id 
_struct_sheet.type 
_struct_sheet.number_strands 
_struct_sheet.details 
A ? 7 ? 
B ? 2 ? 
C ? 4 ? 
# 
loop_
_struct_sheet_order.sheet_id 
_struct_sheet_order.range_id_1 
_struct_sheet_order.range_id_2 
_struct_sheet_order.offset 
_struct_sheet_order.sense 
A 1 2 ? anti-parallel 
A 2 3 ? anti-parallel 
A 3 4 ? anti-parallel 
A 4 5 ? anti-parallel 
A 5 6 ? anti-parallel 
A 6 7 ? anti-parallel 
B 1 2 ? anti-parallel 
C 1 2 ? anti-parallel 
C 2 3 ? anti-parallel 
C 3 4 ? anti-parallel 
# 
loop_
_struct_sheet_range.sheet_id 
_struct_sheet_range.id 
_struct_sheet_range.beg_label_comp_id 
_struct_sheet_range.beg_label_asym_id 
_struct_sheet_range.beg_label_seq_id 
_struct_sheet_range.pdbx_beg_PDB_ins_code 
_struct_sheet_range.end_label_comp_id 
_struct_sheet_range.end_label_asym_id 
_struct_sheet_range.end_label_seq_id 
_struct_sheet_range.pdbx_end_PDB_ins_code 
_struct_sheet_range.beg_auth_comp_id 
_struct_sheet_range.beg_auth_asym_id 
_struct_sheet_range.beg_auth_seq_id 
_struct_sheet_range.end_auth_comp_id 
_struct_sheet_range.end_auth_asym_id 
_struct_sheet_range.end_auth_seq_id 
A 1 GLN A 63  ? SER A 66  ? GLN A 81  SER A 84  
A 2 GLN A 47  ? LEU A 50  ? GLN A 64  LEU A 67  
A 3 GLN A 15  ? ASN A 19  ? GLN A 30  ASN A 34  
A 4 HIS A 23  ? ASN A 31  ? HIS A 40  ASN A 48  
A 5 TRP A 34  ? SER A 37  ? TRP A 51  SER A 54  
A 6 MET A 86  ? LEU A 90  ? MET A 104 LEU A 108 
A 7 ALA A 67  ? VAL A 72  ? ALA A 85  VAL A 90  
B 1 GLN A 115 ? GLY A 120 ? GLN A 135 GLY A 140 
B 2 LYS A 136 ? PRO A 141 ? LYS A 156 PRO A 161 
C 1 MET A 160 ? ALA A 163 ? MET A 180 ALA A 183 
C 2 GLY A 204 ? LYS A 208 ? GLY A 226 LYS A 230 
C 3 LYS A 186 ? TRP A 193 ? LYS A 204 TRP A 215 
C 4 PRO A 180 ? CYS A 183 ? PRO A 198 CYS A 201 
# 
loop_
_pdbx_struct_sheet_hbond.sheet_id 
_pdbx_struct_sheet_hbond.range_id_1 
_pdbx_struct_sheet_hbond.range_id_2 
_pdbx_struct_sheet_hbond.range_1_label_atom_id 
_pdbx_struct_sheet_hbond.range_1_label_comp_id 
_pdbx_struct_sheet_hbond.range_1_label_asym_id 
_pdbx_struct_sheet_hbond.range_1_label_seq_id 
_pdbx_struct_sheet_hbond.range_1_PDB_ins_code 
_pdbx_struct_sheet_hbond.range_1_auth_atom_id 
_pdbx_struct_sheet_hbond.range_1_auth_comp_id 
_pdbx_struct_sheet_hbond.range_1_auth_asym_id 
_pdbx_struct_sheet_hbond.range_1_auth_seq_id 
_pdbx_struct_sheet_hbond.range_2_label_atom_id 
_pdbx_struct_sheet_hbond.range_2_label_comp_id 
_pdbx_struct_sheet_hbond.range_2_label_asym_id 
_pdbx_struct_sheet_hbond.range_2_label_seq_id 
_pdbx_struct_sheet_hbond.range_2_PDB_ins_code 
_pdbx_struct_sheet_hbond.range_2_auth_atom_id 
_pdbx_struct_sheet_hbond.range_2_auth_comp_id 
_pdbx_struct_sheet_hbond.range_2_auth_asym_id 
_pdbx_struct_sheet_hbond.range_2_auth_seq_id 
A 1 2 O GLN A 63  ? O GLN A 81  N LEU A 50  ? N LEU A 67  
A 2 3 O GLN A 47  ? O GLN A 64  N ASN A 19  ? N ASN A 34  
A 3 4 O VAL A 16  ? O VAL A 31  N GLY A 27  ? N GLY A 44  
A 4 5 O SER A 28  ? O SER A 45  N VAL A 36  ? N VAL A 53  
A 5 6 O VAL A 35  ? O VAL A 52  N ILE A 88  ? N ILE A 106 
A 6 7 O LEU A 87  ? O LEU A 105 N ILE A 71  ? N ILE A 89  
B 1 2 O CYS A 116 ? O CYS A 136 N ALA A 140 ? N ALA A 160 
C 1 2 O PHE A 161 ? O PHE A 181 N TYR A 206 ? N TYR A 228 
C 2 3 O VAL A 205 ? O VAL A 227 N TRP A 193 ? N TRP A 215 
C 3 4 O LYS A 186 ? O LYS A 204 N CYS A 183 ? N CYS A 201 
# 
_struct_site.id                   AC1 
_struct_site.pdbx_evidence_code   Software 
_struct_site.pdbx_auth_asym_id    ? 
_struct_site.pdbx_auth_comp_id    ? 
_struct_site.pdbx_auth_seq_id     ? 
_struct_site.pdbx_auth_ins_code   ? 
_struct_site.pdbx_num_residues    25 
_struct_site.details              'BINDING SITE FOR CHAIN B OF AERUGINOSIN 98-B' 
# 
loop_
_struct_site_gen.id 
_struct_site_gen.site_id 
_struct_site_gen.pdbx_num_res 
_struct_site_gen.label_comp_id 
_struct_site_gen.label_asym_id 
_struct_site_gen.label_seq_id 
_struct_site_gen.pdbx_auth_ins_code 
_struct_site_gen.auth_comp_id 
_struct_site_gen.auth_asym_id 
_struct_site_gen.auth_seq_id 
_struct_site_gen.label_atom_id 
_struct_site_gen.label_alt_id 
_struct_site_gen.symmetry 
_struct_site_gen.details 
1  AC1 25 THR A 11  ? THR A 26  . ? 6_555 ? 
2  AC1 25 HIS A 40  ? HIS A 57  . ? 1_555 ? 
3  AC1 25 ASN A 61  ? ASN A 79  . ? 6_555 ? 
4  AC1 25 LEU A 81  ? LEU A 99  . ? 1_555 ? 
5  AC1 25 ARG A 99  ? ARG A 117 . ? 6_555 ? 
6  AC1 25 SER A 126 ? SER A 146 . ? 1_555 ? 
7  AC1 25 SER A 146 ? SER A 166 . ? 6_655 ? 
8  AC1 25 ASP A 171 ? ASP A 189 . ? 1_555 ? 
9  AC1 25 SER A 172 ? SER A 190 . ? 1_555 ? 
10 AC1 25 CYS A 173 ? CYS A 191 . ? 1_555 ? 
11 AC1 25 GLN A 174 ? GLN A 192 . ? 1_555 ? 
12 AC1 25 SER A 177 ? SER A 195 . ? 1_555 ? 
13 AC1 25 SER A 192 ? SER A 214 . ? 1_555 ? 
14 AC1 25 TRP A 193 ? TRP A 215 . ? 1_555 ? 
15 AC1 25 GLY A 194 ? GLY A 216 . ? 1_555 ? 
16 AC1 25 GLY A 196 ? GLY A 219 . ? 1_555 ? 
17 AC1 25 CYS A 197 ? CYS A 220 . ? 1_555 ? 
18 AC1 25 GLY A 204 ? GLY A 226 . ? 1_555 ? 
19 AC1 25 HOH C .   ? HOH A 308 . ? 1_555 ? 
20 AC1 25 HOH C .   ? HOH A 317 . ? 1_555 ? 
21 AC1 25 HOH C .   ? HOH A 409 . ? 6_655 ? 
22 AC1 25 HOH D .   ? HOH B 259 . ? 1_555 ? 
23 AC1 25 HOH D .   ? HOH B 300 . ? 1_555 ? 
24 AC1 25 HOH D .   ? HOH B 322 . ? 1_555 ? 
25 AC1 25 HOH D .   ? HOH B 324 . ? 1_555 ? 
# 
_atom_sites.entry_id                    1AQ7 
_atom_sites.fract_transf_matrix[1][1]   0.00551816 
_atom_sites.fract_transf_matrix[1][2]   0.01581617 
_atom_sites.fract_transf_matrix[1][3]   -0.01705662 
_atom_sites.fract_transf_matrix[2][1]   -0.01729037 
_atom_sites.fract_transf_matrix[2][2]   0.00966334 
_atom_sites.fract_transf_matrix[2][3]   -0.01338684 
_atom_sites.fract_transf_matrix[3][1]   -0.00065263 
_atom_sites.fract_transf_matrix[3][2]   0.00513127 
_atom_sites.fract_transf_matrix[3][3]   0.00454696 
_atom_sites.fract_transf_vector[1]      0.690549 
_atom_sites.fract_transf_vector[2]      0.352875 
_atom_sites.fract_transf_vector[3]      -0.003978 
# 
loop_
_atom_type.symbol 
C 
N 
O 
S 
# 
loop_
_atom_site.group_PDB 
_atom_site.id 
_atom_site.type_symbol 
_atom_site.label_atom_id 
_atom_site.label_alt_id 
_atom_site.label_comp_id 
_atom_site.label_asym_id 
_atom_site.label_entity_id 
_atom_site.label_seq_id 
_atom_site.pdbx_PDB_ins_code 
_atom_site.Cartn_x 
_atom_site.Cartn_y 
_atom_site.Cartn_z 
_atom_site.occupancy 
_atom_site.B_iso_or_equiv 
_atom_site.pdbx_formal_charge 
_atom_site.auth_seq_id 
_atom_site.auth_comp_id 
_atom_site.auth_asym_id 
_atom_site.auth_atom_id 
_atom_site.pdbx_PDB_model_num 
ATOM   1    N N   . ILE A 1 1   ? -1.692  -4.227  9.950   1.00 5.30  ? 16  ILE A N   1 
ATOM   2    C CA  . ILE A 1 1   ? -2.500  -5.370  9.421   1.00 4.22  ? 16  ILE A CA  1 
ATOM   3    C C   . ILE A 1 1   ? -3.181  -6.130  10.559  1.00 4.56  ? 16  ILE A C   1 
ATOM   4    O O   . ILE A 1 1   ? -2.518  -6.692  11.431  1.00 2.00  ? 16  ILE A O   1 
ATOM   5    C CB  . ILE A 1 1   ? -1.625  -6.374  8.620   1.00 2.39  ? 16  ILE A CB  1 
ATOM   6    C CG1 . ILE A 1 1   ? -1.007  -5.695  7.370   1.00 2.00  ? 16  ILE A CG1 1 
ATOM   7    C CG2 . ILE A 1 1   ? -2.449  -7.602  8.199   1.00 4.28  ? 16  ILE A CG2 1 
ATOM   8    C CD1 . ILE A 1 1   ? -2.005  -5.216  6.293   1.00 2.00  ? 16  ILE A CD1 1 
ATOM   9    N N   . VAL A 1 2   ? -4.512  -6.109  10.567  1.00 5.78  ? 17  VAL A N   1 
ATOM   10   C CA  . VAL A 1 2   ? -5.261  -6.818  11.596  1.00 6.09  ? 17  VAL A CA  1 
ATOM   11   C C   . VAL A 1 2   ? -5.553  -8.261  11.185  1.00 6.22  ? 17  VAL A C   1 
ATOM   12   O O   . VAL A 1 2   ? -5.932  -8.531  10.042  1.00 7.48  ? 17  VAL A O   1 
ATOM   13   C CB  . VAL A 1 2   ? -6.588  -6.098  11.947  1.00 6.12  ? 17  VAL A CB  1 
ATOM   14   C CG1 . VAL A 1 2   ? -7.444  -6.983  12.887  1.00 6.00  ? 17  VAL A CG1 1 
ATOM   15   C CG2 . VAL A 1 2   ? -6.287  -4.738  12.616  1.00 6.99  ? 17  VAL A CG2 1 
ATOM   16   N N   . GLY A 1 3   ? -5.322  -9.186  12.111  1.00 6.85  ? 18  GLY A N   1 
ATOM   17   C CA  . GLY A 1 3   ? -5.589  -10.592 11.845  1.00 5.60  ? 18  GLY A CA  1 
ATOM   18   C C   . GLY A 1 3   ? -4.767  -11.231 10.740  1.00 5.59  ? 18  GLY A C   1 
ATOM   19   O O   . GLY A 1 3   ? -5.171  -12.250 10.177  1.00 6.38  ? 18  GLY A O   1 
ATOM   20   N N   . GLY A 1 4   ? -3.624  -10.632 10.418  1.00 5.05  ? 19  GLY A N   1 
ATOM   21   C CA  . GLY A 1 4   ? -2.761  -11.176 9.386   1.00 5.37  ? 19  GLY A CA  1 
ATOM   22   C C   . GLY A 1 4   ? -1.777  -12.184 9.951   1.00 6.67  ? 19  GLY A C   1 
ATOM   23   O O   . GLY A 1 4   ? -2.084  -12.897 10.909  1.00 6.85  ? 19  GLY A O   1 
ATOM   24   N N   . TYR A 1 5   ? -0.579  -12.225 9.381   1.00 5.70  ? 20  TYR A N   1 
ATOM   25   C CA  . TYR A 1 5   ? 0.450   -13.154 9.844   1.00 8.61  ? 20  TYR A CA  1 
ATOM   26   C C   . TYR A 1 5   ? 1.830   -12.690 9.385   1.00 8.41  ? 20  TYR A C   1 
ATOM   27   O O   . TYR A 1 5   ? 1.961   -11.971 8.394   1.00 7.58  ? 20  TYR A O   1 
ATOM   28   C CB  . TYR A 1 5   ? 0.179   -14.558 9.296   1.00 8.15  ? 20  TYR A CB  1 
ATOM   29   C CG  . TYR A 1 5   ? 0.251   -14.615 7.788   1.00 8.87  ? 20  TYR A CG  1 
ATOM   30   C CD1 . TYR A 1 5   ? -0.875  -14.353 7.012   1.00 7.97  ? 20  TYR A CD1 1 
ATOM   31   C CD2 . TYR A 1 5   ? 1.453   -14.895 7.138   1.00 8.56  ? 20  TYR A CD2 1 
ATOM   32   C CE1 . TYR A 1 5   ? -0.812  -14.363 5.630   1.00 8.19  ? 20  TYR A CE1 1 
ATOM   33   C CE2 . TYR A 1 5   ? 1.529   -14.907 5.754   1.00 9.08  ? 20  TYR A CE2 1 
ATOM   34   C CZ  . TYR A 1 5   ? 0.390   -14.639 5.006   1.00 9.90  ? 20  TYR A CZ  1 
ATOM   35   O OH  . TYR A 1 5   ? 0.449   -14.638 3.630   1.00 9.37  ? 20  TYR A OH  1 
ATOM   36   N N   . THR A 1 6   ? 2.865   -13.112 10.098  1.00 9.79  ? 21  THR A N   1 
ATOM   37   C CA  . THR A 1 6   ? 4.210   -12.713 9.722   1.00 10.98 ? 21  THR A CA  1 
ATOM   38   C C   . THR A 1 6   ? 4.519   -13.231 8.318   1.00 12.14 ? 21  THR A C   1 
ATOM   39   O O   . THR A 1 6   ? 4.413   -14.432 8.046   1.00 12.69 ? 21  THR A O   1 
ATOM   40   C CB  . THR A 1 6   ? 5.258   -13.229 10.721  1.00 11.35 ? 21  THR A CB  1 
ATOM   41   O OG1 . THR A 1 6   ? 4.894   -12.814 12.045  1.00 10.67 ? 21  THR A OG1 1 
ATOM   42   C CG2 . THR A 1 6   ? 6.644   -12.668 10.379  1.00 9.20  ? 21  THR A CG2 1 
ATOM   43   N N   . CYS A 1 7   ? 4.854   -12.306 7.422   1.00 10.77 ? 22  CYS A N   1 
ATOM   44   C CA  . CYS A 1 7   ? 5.173   -12.646 6.041   1.00 10.07 ? 22  CYS A CA  1 
ATOM   45   C C   . CYS A 1 7   ? 6.385   -13.549 5.946   1.00 10.95 ? 22  CYS A C   1 
ATOM   46   O O   . CYS A 1 7   ? 6.384   -14.533 5.204   1.00 11.13 ? 22  CYS A O   1 
ATOM   47   C CB  . CYS A 1 7   ? 5.478   -11.381 5.240   1.00 10.26 ? 22  CYS A CB  1 
ATOM   48   S SG  . CYS A 1 7   ? 4.152   -10.155 5.175   1.00 9.20  ? 22  CYS A SG  1 
ATOM   49   N N   . GLY A 1 8   ? 7.410   -13.218 6.725   1.00 11.92 ? 23  GLY A N   1 
ATOM   50   C CA  . GLY A 1 8   ? 8.660   -13.955 6.676   1.00 10.61 ? 23  GLY A CA  1 
ATOM   51   C C   . GLY A 1 8   ? 9.661   -13.021 6.011   1.00 9.57  ? 23  GLY A C   1 
ATOM   52   O O   . GLY A 1 8   ? 9.324   -12.358 5.031   1.00 9.98  ? 23  GLY A O   1 
ATOM   53   N N   . ALA A 1 9   ? 10.878  -12.963 6.543   1.00 8.85  ? 24  ALA A N   1 
ATOM   54   C CA  . ALA A 1 9   ? 11.922  -12.076 6.036   1.00 8.53  ? 24  ALA A CA  1 
ATOM   55   C C   . ALA A 1 9   ? 12.064  -11.932 4.524   1.00 9.40  ? 24  ALA A C   1 
ATOM   56   O O   . ALA A 1 9   ? 12.522  -12.849 3.841   1.00 10.59 ? 24  ALA A O   1 
ATOM   57   C CB  . ALA A 1 9   ? 13.276  -12.445 6.652   1.00 10.10 ? 24  ALA A CB  1 
ATOM   58   N N   . ASN A 1 10  ? 11.718  -10.739 4.038   1.00 8.52  ? 25  ASN A N   1 
ATOM   59   C CA  . ASN A 1 10  ? 11.807  -10.354 2.625   1.00 9.03  ? 25  ASN A CA  1 
ATOM   60   C C   . ASN A 1 10  ? 11.049  -11.212 1.615   1.00 7.83  ? 25  ASN A C   1 
ATOM   61   O O   . ASN A 1 10  ? 11.473  -11.343 0.468   1.00 5.33  ? 25  ASN A O   1 
ATOM   62   C CB  . ASN A 1 10  ? 13.295  -10.207 2.197   1.00 9.43  ? 25  ASN A CB  1 
ATOM   63   C CG  . ASN A 1 10  ? 14.073  -9.274  3.114   1.00 11.19 ? 25  ASN A CG  1 
ATOM   64   O OD1 . ASN A 1 10  ? 13.815  -8.067  3.167   1.00 11.82 ? 25  ASN A OD1 1 
ATOM   65   N ND2 . ASN A 1 10  ? 15.011  -9.836  3.863   1.00 9.00  ? 25  ASN A ND2 1 
ATOM   66   N N   . THR A 1 11  ? 9.915   -11.767 2.041   1.00 7.80  ? 26  THR A N   1 
ATOM   67   C CA  . THR A 1 11  ? 9.071   -12.588 1.174   1.00 6.51  ? 26  THR A CA  1 
ATOM   68   C C   . THR A 1 11  ? 8.164   -11.684 0.324   1.00 7.25  ? 26  THR A C   1 
ATOM   69   O O   . THR A 1 11  ? 7.302   -12.159 -0.422  1.00 8.33  ? 26  THR A O   1 
ATOM   70   C CB  . THR A 1 11  ? 8.188   -13.541 2.005   1.00 5.19  ? 26  THR A CB  1 
ATOM   71   O OG1 . THR A 1 11  ? 7.542   -12.805 3.053   1.00 3.11  ? 26  THR A OG1 1 
ATOM   72   C CG2 . THR A 1 11  ? 9.022   -14.686 2.606   1.00 3.59  ? 26  THR A CG2 1 
ATOM   73   N N   . VAL A 1 12  ? 8.335   -10.375 0.486   1.00 6.49  ? 27  VAL A N   1 
ATOM   74   C CA  . VAL A 1 12  ? 7.566   -9.372  -0.259  1.00 4.68  ? 27  VAL A CA  1 
ATOM   75   C C   . VAL A 1 12  ? 8.598   -8.305  -0.600  1.00 4.45  ? 27  VAL A C   1 
ATOM   76   O O   . VAL A 1 12  ? 8.542   -7.186  -0.093  1.00 7.59  ? 27  VAL A O   1 
ATOM   77   C CB  . VAL A 1 12  ? 6.463   -8.741  0.636   1.00 2.63  ? 27  VAL A CB  1 
ATOM   78   C CG1 . VAL A 1 12  ? 5.534   -7.860  -0.203  1.00 2.60  ? 27  VAL A CG1 1 
ATOM   79   C CG2 . VAL A 1 12  ? 5.677   -9.831  1.387   1.00 4.09  ? 27  VAL A CG2 1 
ATOM   80   N N   . PRO A 1 13  ? 9.552   -8.644  -1.481  1.00 3.88  ? 28  PRO A N   1 
ATOM   81   C CA  . PRO A 1 13  ? 10.654  -7.788  -1.939  1.00 3.91  ? 28  PRO A CA  1 
ATOM   82   C C   . PRO A 1 13  ? 10.309  -6.386  -2.457  1.00 3.96  ? 28  PRO A C   1 
ATOM   83   O O   . PRO A 1 13  ? 11.142  -5.479  -2.414  1.00 3.29  ? 28  PRO A O   1 
ATOM   84   C CB  . PRO A 1 13  ? 11.343  -8.648  -2.996  1.00 2.39  ? 28  PRO A CB  1 
ATOM   85   C CG  . PRO A 1 13  ? 10.210  -9.466  -3.550  1.00 5.22  ? 28  PRO A CG  1 
ATOM   86   C CD  . PRO A 1 13  ? 9.465   -9.865  -2.299  1.00 3.58  ? 28  PRO A CD  1 
ATOM   87   N N   . TYR A 1 14  ? 9.079   -6.209  -2.923  1.00 5.27  ? 29  TYR A N   1 
ATOM   88   C CA  . TYR A 1 14  ? 8.628   -4.924  -3.445  1.00 5.54  ? 29  TYR A CA  1 
ATOM   89   C C   . TYR A 1 14  ? 8.062   -4.013  -2.351  1.00 5.54  ? 29  TYR A C   1 
ATOM   90   O O   . TYR A 1 14  ? 7.789   -2.840  -2.592  1.00 8.40  ? 29  TYR A O   1 
ATOM   91   C CB  . TYR A 1 14  ? 7.577   -5.143  -4.536  1.00 3.44  ? 29  TYR A CB  1 
ATOM   92   C CG  . TYR A 1 14  ? 6.463   -6.059  -4.087  1.00 4.81  ? 29  TYR A CG  1 
ATOM   93   C CD1 . TYR A 1 14  ? 6.566   -7.436  -4.243  1.00 4.98  ? 29  TYR A CD1 1 
ATOM   94   C CD2 . TYR A 1 14  ? 5.322   -5.553  -3.472  1.00 4.53  ? 29  TYR A CD2 1 
ATOM   95   C CE1 . TYR A 1 14  ? 5.570   -8.279  -3.797  1.00 2.86  ? 29  TYR A CE1 1 
ATOM   96   C CE2 . TYR A 1 14  ? 4.319   -6.393  -3.024  1.00 3.86  ? 29  TYR A CE2 1 
ATOM   97   C CZ  . TYR A 1 14  ? 4.450   -7.752  -3.188  1.00 3.36  ? 29  TYR A CZ  1 
ATOM   98   O OH  . TYR A 1 14  ? 3.463   -8.588  -2.736  1.00 4.50  ? 29  TYR A OH  1 
ATOM   99   N N   . GLN A 1 15  ? 7.847   -4.569  -1.161  1.00 6.02  ? 30  GLN A N   1 
ATOM   100  C CA  . GLN A 1 15  ? 7.317   -3.787  -0.043  1.00 5.64  ? 30  GLN A CA  1 
ATOM   101  C C   . GLN A 1 15  ? 8.408   -2.869  0.508   1.00 5.49  ? 30  GLN A C   1 
ATOM   102  O O   . GLN A 1 15  ? 9.538   -3.306  0.739   1.00 4.57  ? 30  GLN A O   1 
ATOM   103  C CB  . GLN A 1 15  ? 6.802   -4.729  1.101   1.00 5.85  ? 30  GLN A CB  1 
ATOM   104  C CG  . GLN A 1 15  ? 6.454   -4.000  2.430   1.00 4.20  ? 30  GLN A CG  1 
ATOM   105  C CD  . GLN A 1 15  ? 5.073   -3.365  2.424   1.00 4.74  ? 30  GLN A CD  1 
ATOM   106  O OE1 . GLN A 1 15  ? 4.927   -2.155  2.617   1.00 4.41  ? 30  GLN A OE1 1 
ATOM   107  N NE2 . GLN A 1 15  ? 4.051   -4.186  2.237   1.00 5.77  ? 30  GLN A NE2 1 
ATOM   108  N N   . VAL A 1 16  ? 8.071   -1.593  0.692   1.00 4.93  ? 31  VAL A N   1 
ATOM   109  C CA  . VAL A 1 16  ? 9.008   -0.623  1.223   1.00 4.85  ? 31  VAL A CA  1 
ATOM   110  C C   . VAL A 1 16  ? 8.364   0.139   2.387   1.00 5.10  ? 31  VAL A C   1 
ATOM   111  O O   . VAL A 1 16  ? 7.141   0.125   2.529   1.00 4.56  ? 31  VAL A O   1 
ATOM   112  C CB  . VAL A 1 16  ? 9.485   0.394   0.160   1.00 4.11  ? 31  VAL A CB  1 
ATOM   113  C CG1 . VAL A 1 16  ? 10.039  -0.336  -1.051  1.00 5.82  ? 31  VAL A CG1 1 
ATOM   114  C CG2 . VAL A 1 16  ? 8.352   1.341   -0.247  1.00 7.07  ? 31  VAL A CG2 1 
ATOM   115  N N   . SER A 1 17  ? 9.196   0.754   3.227   1.00 7.70  ? 32  SER A N   1 
ATOM   116  C CA  . SER A 1 17  ? 8.759   1.547   4.347   1.00 7.46  ? 32  SER A CA  1 
ATOM   117  C C   . SER A 1 17  ? 9.183   3.005   4.175   1.00 7.40  ? 32  SER A C   1 
ATOM   118  O O   . SER A 1 17  ? 10.351  3.293   3.901   1.00 8.03  ? 32  SER A O   1 
ATOM   119  C CB  . SER A 1 17  ? 9.335   0.983   5.678   1.00 7.77  ? 32  SER A CB  1 
ATOM   120  O OG  . SER A 1 17  ? 9.158   1.891   6.747   1.00 6.26  ? 32  SER A OG  1 
ATOM   121  N N   . LEU A 1 18  ? 8.219   3.920   4.282   1.00 7.63  ? 33  LEU A N   1 
ATOM   122  C CA  . LEU A 1 18  ? 8.500   5.347   4.166   1.00 4.20  ? 33  LEU A CA  1 
ATOM   123  C C   . LEU A 1 18  ? 8.877   5.780   5.579   1.00 4.52  ? 33  LEU A C   1 
ATOM   124  O O   . LEU A 1 18  ? 8.163   5.497   6.543   1.00 3.49  ? 33  LEU A O   1 
ATOM   125  C CB  . LEU A 1 18  ? 7.270   6.099   3.640   1.00 4.36  ? 33  LEU A CB  1 
ATOM   126  C CG  . LEU A 1 18  ? 6.803   5.568   2.253   1.00 3.85  ? 33  LEU A CG  1 
ATOM   127  C CD1 . LEU A 1 18  ? 5.720   6.444   1.596   1.00 2.53  ? 33  LEU A CD1 1 
ATOM   128  C CD2 . LEU A 1 18  ? 8.042   5.469   1.351   1.00 2.27  ? 33  LEU A CD2 1 
ATOM   129  N N   . ASN A 1 19  ? 10.024  6.433   5.700   1.00 4.62  ? 34  ASN A N   1 
ATOM   130  C CA  . ASN A 1 19  ? 10.516  6.843   7.001   1.00 6.56  ? 34  ASN A CA  1 
ATOM   131  C C   . ASN A 1 19  ? 10.753  8.344   7.168   1.00 8.28  ? 34  ASN A C   1 
ATOM   132  O O   . ASN A 1 19  ? 11.262  9.021   6.279   1.00 8.40  ? 34  ASN A O   1 
ATOM   133  C CB  . ASN A 1 19  ? 11.825  6.066   7.318   1.00 5.67  ? 34  ASN A CB  1 
ATOM   134  C CG  . ASN A 1 19  ? 12.306  6.279   8.739   1.00 5.61  ? 34  ASN A CG  1 
ATOM   135  O OD1 . ASN A 1 19  ? 12.878  7.318   9.068   1.00 5.55  ? 34  ASN A OD1 1 
ATOM   136  N ND2 . ASN A 1 19  ? 12.066  5.286   9.596   1.00 5.94  ? 34  ASN A ND2 1 
ATOM   137  N N   . SER A 1 20  ? 10.387  8.838   8.344   1.00 9.76  ? 37  SER A N   1 
ATOM   138  C CA  . SER A 1 20  ? 10.555  10.236  8.717   1.00 10.86 ? 37  SER A CA  1 
ATOM   139  C C   . SER A 1 20  ? 11.093  10.238  10.154  1.00 11.03 ? 37  SER A C   1 
ATOM   140  O O   . SER A 1 20  ? 10.621  10.981  11.012  1.00 11.43 ? 37  SER A O   1 
ATOM   141  C CB  . SER A 1 20  ? 9.185   10.978  8.647   1.00 8.98  ? 37  SER A CB  1 
ATOM   142  O OG  . SER A 1 20  ? 8.154   10.192  9.227   1.00 15.00 ? 37  SER A OG  1 
ATOM   143  N N   . GLY A 1 21  ? 12.099  9.405   10.398  1.00 9.08  ? 38  GLY A N   1 
ATOM   144  C CA  . GLY A 1 21  ? 12.662  9.296   11.732  1.00 9.25  ? 38  GLY A CA  1 
ATOM   145  C C   . GLY A 1 21  ? 11.884  8.182   12.397  1.00 9.09  ? 38  GLY A C   1 
ATOM   146  O O   . GLY A 1 21  ? 12.100  7.832   13.565  1.00 8.04  ? 38  GLY A O   1 
ATOM   147  N N   . TYR A 1 22  ? 10.952  7.640   11.615  1.00 8.14  ? 39  TYR A N   1 
ATOM   148  C CA  . TYR A 1 22  ? 10.079  6.552   12.034  1.00 7.97  ? 39  TYR A CA  1 
ATOM   149  C C   . TYR A 1 22  ? 9.230   6.127   10.839  1.00 7.33  ? 39  TYR A C   1 
ATOM   150  O O   . TYR A 1 22  ? 9.005   6.909   9.909   1.00 8.00  ? 39  TYR A O   1 
ATOM   151  C CB  . TYR A 1 22  ? 9.153   7.013   13.183  1.00 8.62  ? 39  TYR A CB  1 
ATOM   152  C CG  . TYR A 1 22  ? 8.320   8.227   12.825  1.00 9.26  ? 39  TYR A CG  1 
ATOM   153  C CD1 . TYR A 1 22  ? 8.839   9.511   12.953  1.00 10.36 ? 39  TYR A CD1 1 
ATOM   154  C CD2 . TYR A 1 22  ? 7.033   8.086   12.317  1.00 10.06 ? 39  TYR A CD2 1 
ATOM   155  C CE1 . TYR A 1 22  ? 8.104   10.622  12.581  1.00 8.15  ? 39  TYR A CE1 1 
ATOM   156  C CE2 . TYR A 1 22  ? 6.290   9.192   11.938  1.00 10.54 ? 39  TYR A CE2 1 
ATOM   157  C CZ  . TYR A 1 22  ? 6.833   10.456  12.072  1.00 9.98  ? 39  TYR A CZ  1 
ATOM   158  O OH  . TYR A 1 22  ? 6.108   11.555  11.681  1.00 12.80 ? 39  TYR A OH  1 
ATOM   159  N N   . HIS A 1 23  ? 8.790   4.874   10.858  1.00 4.18  ? 40  HIS A N   1 
ATOM   160  C CA  . HIS A 1 23  ? 7.944   4.338   9.801   1.00 3.81  ? 40  HIS A CA  1 
ATOM   161  C C   . HIS A 1 23  ? 6.582   5.021   9.875   1.00 3.54  ? 40  HIS A C   1 
ATOM   162  O O   . HIS A 1 23  ? 5.991   5.114   10.946  1.00 3.62  ? 40  HIS A O   1 
ATOM   163  C CB  . HIS A 1 23  ? 7.771   2.817   9.980   1.00 4.04  ? 40  HIS A CB  1 
ATOM   164  C CG  . HIS A 1 23  ? 6.582   2.264   9.257   1.00 3.85  ? 40  HIS A CG  1 
ATOM   165  N ND1 . HIS A 1 23  ? 6.599   1.963   7.912   1.00 5.52  ? 40  HIS A ND1 1 
ATOM   166  C CD2 . HIS A 1 23  ? 5.327   2.003   9.684   1.00 5.84  ? 40  HIS A CD2 1 
ATOM   167  C CE1 . HIS A 1 23  ? 5.401   1.545   7.540   1.00 4.40  ? 40  HIS A CE1 1 
ATOM   168  N NE2 . HIS A 1 23  ? 4.608   1.563   8.597   1.00 5.53  ? 40  HIS A NE2 1 
ATOM   169  N N   . PHE A 1 24  ? 6.088   5.521   8.751   1.00 4.52  ? 41  PHE A N   1 
ATOM   170  C CA  . PHE A 1 24  ? 4.789   6.180   8.766   1.00 4.31  ? 41  PHE A CA  1 
ATOM   171  C C   . PHE A 1 24  ? 3.883   5.721   7.626   1.00 5.45  ? 41  PHE A C   1 
ATOM   172  O O   . PHE A 1 24  ? 2.696   6.045   7.606   1.00 5.14  ? 41  PHE A O   1 
ATOM   173  C CB  . PHE A 1 24  ? 4.964   7.713   8.729   1.00 4.26  ? 41  PHE A CB  1 
ATOM   174  C CG  . PHE A 1 24  ? 5.571   8.227   7.449   1.00 4.15  ? 41  PHE A CG  1 
ATOM   175  C CD1 . PHE A 1 24  ? 6.946   8.307   7.297   1.00 4.34  ? 41  PHE A CD1 1 
ATOM   176  C CD2 . PHE A 1 24  ? 4.764   8.628   6.399   1.00 2.00  ? 41  PHE A CD2 1 
ATOM   177  C CE1 . PHE A 1 24  ? 7.500   8.776   6.118   1.00 3.53  ? 41  PHE A CE1 1 
ATOM   178  C CE2 . PHE A 1 24  ? 5.316   9.098   5.224   1.00 2.86  ? 41  PHE A CE2 1 
ATOM   179  C CZ  . PHE A 1 24  ? 6.683   9.173   5.084   1.00 2.00  ? 41  PHE A CZ  1 
ATOM   180  N N   . CYS A 1 25  ? 4.444   4.959   6.692   1.00 3.57  ? 42  CYS A N   1 
ATOM   181  C CA  . CYS A 1 25  ? 3.681   4.463   5.547   1.00 4.30  ? 42  CYS A CA  1 
ATOM   182  C C   . CYS A 1 25  ? 4.399   3.344   4.814   1.00 4.42  ? 42  CYS A C   1 
ATOM   183  O O   . CYS A 1 25  ? 5.615   3.176   4.943   1.00 4.50  ? 42  CYS A O   1 
ATOM   184  C CB  . CYS A 1 25  ? 3.416   5.614   4.511   1.00 4.57  ? 42  CYS A CB  1 
ATOM   185  S SG  . CYS A 1 25  ? 1.954   6.643   4.803   1.00 6.16  ? 42  CYS A SG  1 
ATOM   186  N N   . GLY A 1 26  ? 3.627   2.614   4.012   1.00 3.21  ? 43  GLY A N   1 
ATOM   187  C CA  . GLY A 1 26  ? 4.159   1.533   3.208   1.00 2.00  ? 43  GLY A CA  1 
ATOM   188  C C   . GLY A 1 26  ? 4.280   2.002   1.765   1.00 3.48  ? 43  GLY A C   1 
ATOM   189  O O   . GLY A 1 26  ? 3.875   3.115   1.425   1.00 2.72  ? 43  GLY A O   1 
ATOM   190  N N   . GLY A 1 27  ? 4.841   1.156   0.913   1.00 2.85  ? 44  GLY A N   1 
ATOM   191  C CA  . GLY A 1 27  ? 5.007   1.518   -0.480  1.00 2.70  ? 44  GLY A CA  1 
ATOM   192  C C   . GLY A 1 27  ? 5.420   0.337   -1.333  1.00 3.61  ? 44  GLY A C   1 
ATOM   193  O O   . GLY A 1 27  ? 5.814   -0.707  -0.819  1.00 3.26  ? 44  GLY A O   1 
ATOM   194  N N   . SER A 1 28  ? 5.336   0.508   -2.645  1.00 4.80  ? 45  SER A N   1 
ATOM   195  C CA  . SER A 1 28  ? 5.696   -0.555  -3.572  1.00 6.15  ? 45  SER A CA  1 
ATOM   196  C C   . SER A 1 28  ? 6.744   -0.123  -4.593  1.00 5.56  ? 45  SER A C   1 
ATOM   197  O O   . SER A 1 28  ? 6.634   0.931   -5.214  1.00 6.01  ? 45  SER A O   1 
ATOM   198  C CB  . SER A 1 28  ? 4.435   -1.070  -4.296  1.00 6.03  ? 45  SER A CB  1 
ATOM   199  O OG  . SER A 1 28  ? 3.434   -1.434  -3.357  1.00 6.85  ? 45  SER A OG  1 
ATOM   200  N N   . LEU A 1 29  ? 7.776   -0.944  -4.744  1.00 7.79  ? 46  LEU A N   1 
ATOM   201  C CA  . LEU A 1 29  ? 8.834   -0.658  -5.707  1.00 6.70  ? 46  LEU A CA  1 
ATOM   202  C C   . LEU A 1 29  ? 8.338   -1.116  -7.083  1.00 6.79  ? 46  LEU A C   1 
ATOM   203  O O   . LEU A 1 29  ? 7.917   -2.265  -7.240  1.00 5.98  ? 46  LEU A O   1 
ATOM   204  C CB  . LEU A 1 29  ? 10.086  -1.412  -5.325  1.00 4.72  ? 46  LEU A CB  1 
ATOM   205  C CG  . LEU A 1 29  ? 11.349  -1.061  -6.084  1.00 5.75  ? 46  LEU A CG  1 
ATOM   206  C CD1 . LEU A 1 29  ? 11.776  0.378   -5.800  1.00 4.00  ? 46  LEU A CD1 1 
ATOM   207  C CD2 . LEU A 1 29  ? 12.452  -2.063  -5.651  1.00 4.96  ? 46  LEU A CD2 1 
ATOM   208  N N   . ILE A 1 30  ? 8.323   -0.206  -8.055  1.00 5.46  ? 47  ILE A N   1 
ATOM   209  C CA  . ILE A 1 30  ? 7.862   -0.554  -9.397  1.00 6.12  ? 47  ILE A CA  1 
ATOM   210  C C   . ILE A 1 30  ? 9.001   -0.648  -10.416 1.00 7.00  ? 47  ILE A C   1 
ATOM   211  O O   . ILE A 1 30  ? 8.835   -1.196  -11.507 1.00 6.29  ? 47  ILE A O   1 
ATOM   212  C CB  . ILE A 1 30  ? 6.732   0.384   -9.890  1.00 6.81  ? 47  ILE A CB  1 
ATOM   213  C CG1 . ILE A 1 30  ? 7.166   1.848   -9.801  1.00 6.63  ? 47  ILE A CG1 1 
ATOM   214  C CG2 . ILE A 1 30  ? 5.426   0.055   -9.136  1.00 4.86  ? 47  ILE A CG2 1 
ATOM   215  C CD1 . ILE A 1 30  ? 6.097   2.822   -10.284 1.00 6.58  ? 47  ILE A CD1 1 
ATOM   216  N N   . ASN A 1 31  ? 10.150  -0.091  -10.046 1.00 7.22  ? 48  ASN A N   1 
ATOM   217  C CA  . ASN A 1 31  ? 11.363  -0.143  -10.851 1.00 5.63  ? 48  ASN A CA  1 
ATOM   218  C C   . ASN A 1 31  ? 12.491  0.318   -9.943  1.00 6.47  ? 48  ASN A C   1 
ATOM   219  O O   . ASN A 1 31  ? 12.230  0.775   -8.831  1.00 7.82  ? 48  ASN A O   1 
ATOM   220  C CB  . ASN A 1 31  ? 11.254  0.676   -12.240 1.00 5.57  ? 48  ASN A CB  1 
ATOM   221  C CG  . ASN A 1 31  ? 11.272  2.194   -12.069 1.00 5.38  ? 48  ASN A CG  1 
ATOM   222  O OD1 . ASN A 1 31  ? 11.625  2.730   -11.019 1.00 7.31  ? 48  ASN A OD1 1 
ATOM   223  N ND2 . ASN A 1 31  ? 10.915  2.893   -13.134 1.00 5.52  ? 48  ASN A ND2 1 
ATOM   224  N N   . SER A 1 32  ? 13.734  0.139   -10.375 1.00 5.72  ? 49  SER A N   1 
ATOM   225  C CA  . SER A 1 32  ? 14.890  0.497   -9.559  1.00 6.59  ? 49  SER A CA  1 
ATOM   226  C C   . SER A 1 32  ? 14.929  1.915   -9.000  1.00 7.94  ? 49  SER A C   1 
ATOM   227  O O   . SER A 1 32  ? 15.726  2.200   -8.108  1.00 8.20  ? 49  SER A O   1 
ATOM   228  C CB  . SER A 1 32  ? 16.204  0.207   -10.314 1.00 6.66  ? 49  SER A CB  1 
ATOM   229  O OG  . SER A 1 32  ? 16.412  1.126   -11.371 1.00 9.24  ? 49  SER A OG  1 
ATOM   230  N N   . GLN A 1 33  ? 14.085  2.810   -9.502  1.00 8.97  ? 50  GLN A N   1 
ATOM   231  C CA  . GLN A 1 33  ? 14.118  4.173   -8.986  1.00 10.05 ? 50  GLN A CA  1 
ATOM   232  C C   . GLN A 1 33  ? 12.767  4.787   -8.624  1.00 8.64  ? 50  GLN A C   1 
ATOM   233  O O   . GLN A 1 33  ? 12.705  5.957   -8.243  1.00 7.23  ? 50  GLN A O   1 
ATOM   234  C CB  . GLN A 1 33  ? 14.903  5.098   -9.957  1.00 11.43 ? 50  GLN A CB  1 
ATOM   235  C CG  . GLN A 1 33  ? 15.539  6.300   -9.229  1.00 16.81 ? 50  GLN A CG  1 
ATOM   236  C CD  . GLN A 1 33  ? 16.673  6.951   -10.011 1.00 17.60 ? 50  GLN A CD  1 
ATOM   237  O OE1 . GLN A 1 33  ? 16.841  6.716   -11.214 1.00 17.18 ? 50  GLN A OE1 1 
ATOM   238  N NE2 . GLN A 1 33  ? 17.457  7.785   -9.325  1.00 16.62 ? 50  GLN A NE2 1 
ATOM   239  N N   . TRP A 1 34  ? 11.699  3.991   -8.673  1.00 7.42  ? 51  TRP A N   1 
ATOM   240  C CA  . TRP A 1 34  ? 10.370  4.516   -8.351  1.00 7.18  ? 51  TRP A CA  1 
ATOM   241  C C   . TRP A 1 34  ? 9.516   3.663   -7.417  1.00 4.99  ? 51  TRP A C   1 
ATOM   242  O O   . TRP A 1 34  ? 9.493   2.434   -7.501  1.00 6.87  ? 51  TRP A O   1 
ATOM   243  C CB  . TRP A 1 34  ? 9.566   4.845   -9.651  1.00 8.25  ? 51  TRP A CB  1 
ATOM   244  C CG  . TRP A 1 34  ? 10.133  5.999   -10.443 1.00 8.70  ? 51  TRP A CG  1 
ATOM   245  C CD1 . TRP A 1 34  ? 11.146  5.947   -11.358 1.00 9.30  ? 51  TRP A CD1 1 
ATOM   246  C CD2 . TRP A 1 34  ? 9.693   7.368   -10.408 1.00 8.70  ? 51  TRP A CD2 1 
ATOM   247  N NE1 . TRP A 1 34  ? 11.361  7.194   -11.898 1.00 9.13  ? 51  TRP A NE1 1 
ATOM   248  C CE2 . TRP A 1 34  ? 10.483  8.083   -11.337 1.00 9.17  ? 51  TRP A CE2 1 
ATOM   249  C CE3 . TRP A 1 34  ? 8.708   8.056   -9.690  1.00 8.32  ? 51  TRP A CE3 1 
ATOM   250  C CZ2 . TRP A 1 34  ? 10.316  9.454   -11.566 1.00 8.29  ? 51  TRP A CZ2 1 
ATOM   251  C CZ3 . TRP A 1 34  ? 8.543   9.415   -9.919  1.00 8.97  ? 51  TRP A CZ3 1 
ATOM   252  C CH2 . TRP A 1 34  ? 9.344   10.099  -10.850 1.00 8.83  ? 51  TRP A CH2 1 
ATOM   253  N N   . VAL A 1 35  ? 8.782   4.354   -6.556  1.00 4.56  ? 52  VAL A N   1 
ATOM   254  C CA  . VAL A 1 35  ? 7.907   3.734   -5.579  1.00 2.59  ? 52  VAL A CA  1 
ATOM   255  C C   . VAL A 1 35  ? 6.502   4.312   -5.679  1.00 3.57  ? 52  VAL A C   1 
ATOM   256  O O   . VAL A 1 35  ? 6.313   5.524   -5.822  1.00 2.76  ? 52  VAL A O   1 
ATOM   257  C CB  . VAL A 1 35  ? 8.428   3.983   -4.140  1.00 3.31  ? 52  VAL A CB  1 
ATOM   258  C CG1 . VAL A 1 35  ? 7.392   3.527   -3.103  1.00 2.00  ? 52  VAL A CG1 1 
ATOM   259  C CG2 . VAL A 1 35  ? 9.758   3.268   -3.931  1.00 2.00  ? 52  VAL A CG2 1 
ATOM   260  N N   . VAL A 1 36  ? 5.519   3.427   -5.631  1.00 3.31  ? 53  VAL A N   1 
ATOM   261  C CA  . VAL A 1 36  ? 4.128   3.827   -5.675  1.00 4.56  ? 53  VAL A CA  1 
ATOM   262  C C   . VAL A 1 36  ? 3.597   3.768   -4.245  1.00 3.93  ? 53  VAL A C   1 
ATOM   263  O O   . VAL A 1 36  ? 3.811   2.789   -3.528  1.00 4.52  ? 53  VAL A O   1 
ATOM   264  C CB  . VAL A 1 36  ? 3.295   2.870   -6.554  1.00 5.79  ? 53  VAL A CB  1 
ATOM   265  C CG1 . VAL A 1 36  ? 1.811   3.257   -6.498  1.00 4.27  ? 53  VAL A CG1 1 
ATOM   266  C CG2 . VAL A 1 36  ? 3.826   2.891   -8.011  1.00 4.95  ? 53  VAL A CG2 1 
ATOM   267  N N   . SER A 1 37  ? 2.897   4.813   -3.837  1.00 4.22  ? 54  SER A N   1 
ATOM   268  C CA  . SER A 1 37  ? 2.337   4.860   -2.497  1.00 5.39  ? 54  SER A CA  1 
ATOM   269  C C   . SER A 1 37  ? 1.026   5.654   -2.532  1.00 4.57  ? 54  SER A C   1 
ATOM   270  O O   . SER A 1 37  ? 0.487   5.930   -3.607  1.00 3.54  ? 54  SER A O   1 
ATOM   271  C CB  . SER A 1 37  ? 3.364   5.512   -1.525  1.00 6.88  ? 54  SER A CB  1 
ATOM   272  O OG  . SER A 1 37  ? 2.996   5.327   -0.172  1.00 9.44  ? 54  SER A OG  1 
ATOM   273  N N   . ALA A 1 38  ? 0.504   5.994   -1.358  1.00 2.32  ? 55  ALA A N   1 
ATOM   274  C CA  . ALA A 1 38  ? -0.734  6.754   -1.271  1.00 3.32  ? 55  ALA A CA  1 
ATOM   275  C C   . ALA A 1 38  ? -0.399  8.240   -1.221  1.00 4.00  ? 55  ALA A C   1 
ATOM   276  O O   . ALA A 1 38  ? 0.630   8.628   -0.662  1.00 4.19  ? 55  ALA A O   1 
ATOM   277  C CB  . ALA A 1 38  ? -1.523  6.342   -0.016  1.00 2.98  ? 55  ALA A CB  1 
ATOM   278  N N   . ALA A 1 39  ? -1.254  9.063   -1.815  1.00 3.64  ? 56  ALA A N   1 
ATOM   279  C CA  . ALA A 1 39  ? -1.028  10.504  -1.807  1.00 3.38  ? 56  ALA A CA  1 
ATOM   280  C C   . ALA A 1 39  ? -1.129  11.033  -0.374  1.00 3.94  ? 56  ALA A C   1 
ATOM   281  O O   . ALA A 1 39  ? -0.569  12.085  -0.047  1.00 3.61  ? 56  ALA A O   1 
ATOM   282  C CB  . ALA A 1 39  ? -2.030  11.208  -2.708  1.00 2.54  ? 56  ALA A CB  1 
ATOM   283  N N   . HIS A 1 40  ? -1.846  10.311  0.485   1.00 2.91  ? 57  HIS A N   1 
ATOM   284  C CA  . HIS A 1 40  ? -1.976  10.749  1.870   1.00 4.42  ? 57  HIS A CA  1 
ATOM   285  C C   . HIS A 1 40  ? -0.707  10.449  2.680   1.00 4.67  ? 57  HIS A C   1 
ATOM   286  O O   . HIS A 1 40  ? -0.586  10.863  3.837   1.00 7.32  ? 57  HIS A O   1 
ATOM   287  C CB  . HIS A 1 40  ? -3.284  10.169  2.561   1.00 5.25  ? 57  HIS A CB  1 
ATOM   288  C CG  . HIS A 1 40  ? -3.180  8.741   3.006   1.00 6.37  ? 57  HIS A CG  1 
ATOM   289  N ND1 . HIS A 1 40  ? -3.843  7.713   2.374   1.00 6.37  ? 57  HIS A ND1 1 
ATOM   290  C CD2 . HIS A 1 40  ? -2.536  8.177   4.060   1.00 6.23  ? 57  HIS A CD2 1 
ATOM   291  C CE1 . HIS A 1 40  ? -3.614  6.579   3.010   1.00 7.57  ? 57  HIS A CE1 1 
ATOM   292  N NE2 . HIS A 1 40  ? -2.825  6.836   4.038   1.00 6.57  ? 57  HIS A NE2 1 
ATOM   293  N N   . CYS A 1 41  ? 0.246   9.768   2.045   1.00 3.40  ? 58  CYS A N   1 
ATOM   294  C CA  . CYS A 1 41  ? 1.521   9.442   2.676   1.00 3.43  ? 58  CYS A CA  1 
ATOM   295  C C   . CYS A 1 41  ? 2.561   10.480  2.276   1.00 3.94  ? 58  CYS A C   1 
ATOM   296  O O   . CYS A 1 41  ? 3.763   10.224  2.355   1.00 3.75  ? 58  CYS A O   1 
ATOM   297  C CB  . CYS A 1 41  ? 2.031   8.067   2.227   1.00 2.43  ? 58  CYS A CB  1 
ATOM   298  S SG  . CYS A 1 41  ? 1.035   6.673   2.730   1.00 4.54  ? 58  CYS A SG  1 
ATOM   299  N N   . TYR A 1 42  ? 2.111   11.633  1.793   1.00 5.26  ? 59  TYR A N   1 
ATOM   300  C CA  . TYR A 1 42  ? 3.065   12.652  1.398   1.00 7.93  ? 59  TYR A CA  1 
ATOM   301  C C   . TYR A 1 42  ? 3.619   13.426  2.588   1.00 9.83  ? 59  TYR A C   1 
ATOM   302  O O   . TYR A 1 42  ? 2.988   13.530  3.643   1.00 11.39 ? 59  TYR A O   1 
ATOM   303  C CB  . TYR A 1 42  ? 2.477   13.654  0.361   1.00 6.66  ? 59  TYR A CB  1 
ATOM   304  C CG  . TYR A 1 42  ? 3.441   14.795  0.079   1.00 7.53  ? 59  TYR A CG  1 
ATOM   305  C CD1 . TYR A 1 42  ? 3.623   15.825  1.006   1.00 6.31  ? 59  TYR A CD1 1 
ATOM   306  C CD2 . TYR A 1 42  ? 4.235   14.799  -1.063  1.00 8.70  ? 59  TYR A CD2 1 
ATOM   307  C CE1 . TYR A 1 42  ? 4.574   16.819  0.806   1.00 7.21  ? 59  TYR A CE1 1 
ATOM   308  C CE2 . TYR A 1 42  ? 5.195   15.793  -1.271  1.00 6.95  ? 59  TYR A CE2 1 
ATOM   309  C CZ  . TYR A 1 42  ? 5.361   16.796  -0.332  1.00 7.55  ? 59  TYR A CZ  1 
ATOM   310  O OH  . TYR A 1 42  ? 6.333   17.757  -0.513  1.00 6.60  ? 59  TYR A OH  1 
ATOM   311  N N   . LYS A 1 43  ? 4.833   13.926  2.394   1.00 10.97 ? 60  LYS A N   1 
ATOM   312  C CA  . LYS A 1 43  ? 5.555   14.745  3.356   1.00 9.51  ? 60  LYS A CA  1 
ATOM   313  C C   . LYS A 1 43  ? 6.950   14.943  2.780   1.00 8.27  ? 60  LYS A C   1 
ATOM   314  O O   . LYS A 1 43  ? 7.434   14.112  2.021   1.00 6.01  ? 60  LYS A O   1 
ATOM   315  C CB  . LYS A 1 43  ? 5.605   14.090  4.760   1.00 9.31  ? 60  LYS A CB  1 
ATOM   316  C CG  . LYS A 1 43  ? 6.353   12.801  4.852   1.00 9.69  ? 60  LYS A CG  1 
ATOM   317  C CD  . LYS A 1 43  ? 6.544   12.470  6.330   1.00 9.22  ? 60  LYS A CD  1 
ATOM   318  C CE  . LYS A 1 43  ? 5.226   12.341  7.039   1.00 8.51  ? 60  LYS A CE  1 
ATOM   319  N NZ  . LYS A 1 43  ? 5.408   12.064  8.484   1.00 5.37  ? 60  LYS A NZ  1 
ATOM   320  N N   . SER A 1 44  ? 7.560   16.085  3.069   1.00 9.01  ? 61  SER A N   1 
ATOM   321  C CA  . SER A 1 44  ? 8.896   16.362  2.560   1.00 10.12 ? 61  SER A CA  1 
ATOM   322  C C   . SER A 1 44  ? 9.951   15.498  3.250   1.00 10.23 ? 61  SER A C   1 
ATOM   323  O O   . SER A 1 44  ? 9.719   14.938  4.326   1.00 10.70 ? 61  SER A O   1 
ATOM   324  C CB  . SER A 1 44  ? 9.246   17.854  2.749   1.00 10.95 ? 61  SER A CB  1 
ATOM   325  O OG  . SER A 1 44  ? 8.332   18.691  2.050   1.00 16.39 ? 61  SER A OG  1 
ATOM   326  N N   . GLY A 1 45  ? 11.098  15.365  2.595   1.00 10.13 ? 62  GLY A N   1 
ATOM   327  C CA  . GLY A 1 45  ? 12.202  14.605  3.154   1.00 10.68 ? 62  GLY A CA  1 
ATOM   328  C C   . GLY A 1 45  ? 11.998  13.146  3.535   1.00 9.80  ? 62  GLY A C   1 
ATOM   329  O O   . GLY A 1 45  ? 12.619  12.668  4.484   1.00 12.66 ? 62  GLY A O   1 
ATOM   330  N N   . ILE A 1 46  ? 11.169  12.418  2.797   1.00 6.76  ? 63  ILE A N   1 
ATOM   331  C CA  . ILE A 1 46  ? 10.950  11.008  3.101   1.00 4.98  ? 63  ILE A CA  1 
ATOM   332  C C   . ILE A 1 46  ? 12.195  10.167  2.796   1.00 4.67  ? 63  ILE A C   1 
ATOM   333  O O   . ILE A 1 46  ? 12.935  10.450  1.849   1.00 4.67  ? 63  ILE A O   1 
ATOM   334  C CB  . ILE A 1 46  ? 9.760   10.435  2.285   1.00 4.91  ? 63  ILE A CB  1 
ATOM   335  C CG1 . ILE A 1 46  ? 8.440   11.118  2.727   1.00 5.86  ? 63  ILE A CG1 1 
ATOM   336  C CG2 . ILE A 1 46  ? 9.703   8.901   2.428   1.00 4.29  ? 63  ILE A CG2 1 
ATOM   337  C CD1 . ILE A 1 46  ? 7.226   10.827  1.813   1.00 4.30  ? 63  ILE A CD1 1 
ATOM   338  N N   . GLN A 1 47  ? 12.458  9.176   3.640   1.00 4.30  ? 64  GLN A N   1 
ATOM   339  C CA  . GLN A 1 47  ? 13.579  8.269   3.422   1.00 3.31  ? 64  GLN A CA  1 
ATOM   340  C C   . GLN A 1 47  ? 13.018  6.874   3.171   1.00 3.23  ? 64  GLN A C   1 
ATOM   341  O O   . GLN A 1 47  ? 12.458  6.255   4.073   1.00 3.06  ? 64  GLN A O   1 
ATOM   342  C CB  . GLN A 1 47  ? 14.520  8.212   4.622   1.00 2.46  ? 64  GLN A CB  1 
ATOM   343  C CG  . GLN A 1 47  ? 15.532  7.063   4.474   1.00 2.56  ? 64  GLN A CG  1 
ATOM   344  C CD  . GLN A 1 47  ? 16.438  6.899   5.668   1.00 4.43  ? 64  GLN A CD  1 
ATOM   345  O OE1 . GLN A 1 47  ? 17.614  7.265   5.620   1.00 6.13  ? 64  GLN A OE1 1 
ATOM   346  N NE2 . GLN A 1 47  ? 15.908  6.329   6.740   1.00 2.00  ? 64  GLN A NE2 1 
ATOM   347  N N   . VAL A 1 48  ? 13.152  6.396   1.938   1.00 3.99  ? 65  VAL A N   1 
ATOM   348  C CA  . VAL A 1 48  ? 12.665  5.071   1.579   1.00 3.87  ? 65  VAL A CA  1 
ATOM   349  C C   . VAL A 1 48  ? 13.609  3.973   2.096   1.00 3.70  ? 65  VAL A C   1 
ATOM   350  O O   . VAL A 1 48  ? 14.832  4.055   1.949   1.00 2.00  ? 65  VAL A O   1 
ATOM   351  C CB  . VAL A 1 48  ? 12.484  4.923   0.039   1.00 3.29  ? 65  VAL A CB  1 
ATOM   352  C CG1 . VAL A 1 48  ? 11.848  3.575   -0.294  1.00 2.00  ? 65  VAL A CG1 1 
ATOM   353  C CG2 . VAL A 1 48  ? 11.634  6.062   -0.516  1.00 2.00  ? 65  VAL A CG2 1 
ATOM   354  N N   . ARG A 1 49  ? 13.021  2.956   2.718   1.00 5.59  ? 66  ARG A N   1 
ATOM   355  C CA  . ARG A 1 49  ? 13.782  1.837   3.256   1.00 4.46  ? 66  ARG A CA  1 
ATOM   356  C C   . ARG A 1 49  ? 13.371  0.536   2.578   1.00 5.87  ? 66  ARG A C   1 
ATOM   357  O O   . ARG A 1 49  ? 12.252  0.044   2.778   1.00 5.70  ? 66  ARG A O   1 
ATOM   358  C CB  . ARG A 1 49  ? 13.577  1.739   4.752   1.00 3.12  ? 66  ARG A CB  1 
ATOM   359  C CG  . ARG A 1 49  ? 14.040  2.973   5.483   1.00 4.11  ? 66  ARG A CG  1 
ATOM   360  C CD  . ARG A 1 49  ? 14.090  2.842   6.991   1.00 2.52  ? 66  ARG A CD  1 
ATOM   361  N NE  . ARG A 1 49  ? 14.915  3.896   7.572   1.00 2.80  ? 66  ARG A NE  1 
ATOM   362  C CZ  . ARG A 1 49  ? 15.185  4.020   8.870   1.00 4.73  ? 66  ARG A CZ  1 
ATOM   363  N NH1 . ARG A 1 49  ? 14.683  3.155   9.746   1.00 2.00  ? 66  ARG A NH1 1 
ATOM   364  N NH2 . ARG A 1 49  ? 15.989  4.995   9.289   1.00 4.26  ? 66  ARG A NH2 1 
ATOM   365  N N   . LEU A 1 50  ? 14.279  -0.008  1.766   1.00 7.40  ? 67  LEU A N   1 
ATOM   366  C CA  . LEU A 1 50  ? 14.031  -1.251  1.034   1.00 6.94  ? 67  LEU A CA  1 
ATOM   367  C C   . LEU A 1 50  ? 14.737  -2.463  1.645   1.00 7.65  ? 67  LEU A C   1 
ATOM   368  O O   . LEU A 1 50  ? 15.794  -2.337  2.262   1.00 7.56  ? 67  LEU A O   1 
ATOM   369  C CB  . LEU A 1 50  ? 14.456  -1.100  -0.457  1.00 6.67  ? 67  LEU A CB  1 
ATOM   370  C CG  . LEU A 1 50  ? 13.904  0.134   -1.244  1.00 5.34  ? 67  LEU A CG  1 
ATOM   371  C CD1 . LEU A 1 50  ? 14.740  1.391   -0.952  1.00 2.44  ? 67  LEU A CD1 1 
ATOM   372  C CD2 . LEU A 1 50  ? 13.924  -0.164  -2.738  1.00 5.97  ? 67  LEU A CD2 1 
ATOM   373  N N   . GLY A 1 51  ? 14.137  -3.637  1.470   1.00 8.46  ? 69  GLY A N   1 
ATOM   374  C CA  . GLY A 1 51  ? 14.716  -4.862  1.996   1.00 7.32  ? 69  GLY A CA  1 
ATOM   375  C C   . GLY A 1 51  ? 14.520  -4.993  3.491   1.00 5.87  ? 69  GLY A C   1 
ATOM   376  O O   . GLY A 1 51  ? 15.301  -5.651  4.172   1.00 5.88  ? 69  GLY A O   1 
ATOM   377  N N   . GLU A 1 52  ? 13.463  -4.366  3.991   1.00 6.31  ? 70  GLU A N   1 
ATOM   378  C CA  . GLU A 1 52  ? 13.129  -4.382  5.414   1.00 5.85  ? 70  GLU A CA  1 
ATOM   379  C C   . GLU A 1 52  ? 12.198  -5.525  5.804   1.00 7.03  ? 70  GLU A C   1 
ATOM   380  O O   . GLU A 1 52  ? 11.381  -5.982  5.005   1.00 7.76  ? 70  GLU A O   1 
ATOM   381  C CB  . GLU A 1 52  ? 12.426  -3.054  5.817   1.00 5.86  ? 70  GLU A CB  1 
ATOM   382  C CG  . GLU A 1 52  ? 13.331  -1.827  5.962   1.00 5.41  ? 70  GLU A CG  1 
ATOM   383  C CD  . GLU A 1 52  ? 14.017  -1.768  7.312   1.00 3.39  ? 70  GLU A CD  1 
ATOM   384  O OE1 . GLU A 1 52  ? 14.008  -2.785  8.038   1.00 4.42  ? 70  GLU A OE1 1 
ATOM   385  O OE2 . GLU A 1 52  ? 14.556  -0.697  7.651   1.00 3.95  ? 70  GLU A OE2 1 
ATOM   386  N N   . ASP A 1 53  ? 12.307  -5.955  7.055   1.00 7.28  ? 71  ASP A N   1 
ATOM   387  C CA  . ASP A 1 53  ? 11.432  -6.993  7.590   1.00 8.48  ? 71  ASP A CA  1 
ATOM   388  C C   . ASP A 1 53  ? 11.110  -6.524  8.999   1.00 7.13  ? 71  ASP A C   1 
ATOM   389  O O   . ASP A 1 53  ? 9.958   -6.257  9.324   1.00 9.09  ? 71  ASP A O   1 
ATOM   390  C CB  . ASP A 1 53  ? 12.092  -8.348  7.612   1.00 8.64  ? 71  ASP A CB  1 
ATOM   391  C CG  . ASP A 1 53  ? 11.152  -9.433  8.113   1.00 8.91  ? 71  ASP A CG  1 
ATOM   392  O OD1 . ASP A 1 53  ? 9.959   -9.407  7.729   1.00 10.29 ? 71  ASP A OD1 1 
ATOM   393  O OD2 . ASP A 1 53  ? 11.600  -10.295 8.900   1.00 8.69  ? 71  ASP A OD2 1 
ATOM   394  N N   . ASN A 1 54  ? 12.139  -6.425  9.831   1.00 7.12  ? 72  ASN A N   1 
ATOM   395  C CA  . ASN A 1 54  ? 11.964  -5.915  11.179  1.00 6.12  ? 72  ASN A CA  1 
ATOM   396  C C   . ASN A 1 54  ? 12.380  -4.456  11.067  1.00 6.93  ? 72  ASN A C   1 
ATOM   397  O O   . ASN A 1 54  ? 13.566  -4.145  11.078  1.00 8.05  ? 72  ASN A O   1 
ATOM   398  C CB  . ASN A 1 54  ? 12.874  -6.629  12.153  1.00 5.12  ? 72  ASN A CB  1 
ATOM   399  C CG  . ASN A 1 54  ? 12.670  -6.164  13.587  1.00 4.72  ? 72  ASN A CG  1 
ATOM   400  O OD1 . ASN A 1 54  ? 12.173  -5.064  13.835  1.00 2.93  ? 72  ASN A OD1 1 
ATOM   401  N ND2 . ASN A 1 54  ? 13.045  -7.012  14.541  1.00 2.31  ? 72  ASN A ND2 1 
ATOM   402  N N   . ILE A 1 55  ? 11.413  -3.561  10.911  1.00 7.27  ? 73  ILE A N   1 
ATOM   403  C CA  . ILE A 1 55  ? 11.735  -2.144  10.779  1.00 8.93  ? 73  ILE A CA  1 
ATOM   404  C C   . ILE A 1 55  ? 12.403  -1.534  12.010  1.00 9.13  ? 73  ILE A C   1 
ATOM   405  O O   . ILE A 1 55  ? 12.978  -0.451  11.938  1.00 10.08 ? 73  ILE A O   1 
ATOM   406  C CB  . ILE A 1 55  ? 10.493  -1.296  10.377  1.00 10.06 ? 73  ILE A CB  1 
ATOM   407  C CG1 . ILE A 1 55  ? 9.207   -1.866  11.002  1.00 8.91  ? 73  ILE A CG1 1 
ATOM   408  C CG2 . ILE A 1 55  ? 10.424  -1.159  8.868   1.00 8.27  ? 73  ILE A CG2 1 
ATOM   409  C CD1 . ILE A 1 55  ? 9.100   -1.656  12.495  1.00 12.80 ? 73  ILE A CD1 1 
ATOM   410  N N   . ASN A 1 56  ? 12.338  -2.225  13.138  1.00 9.50  ? 74  ASN A N   1 
ATOM   411  C CA  . ASN A 1 56  ? 12.949  -1.708  14.352  1.00 9.72  ? 74  ASN A CA  1 
ATOM   412  C C   . ASN A 1 56  ? 14.399  -2.143  14.510  1.00 10.16 ? 74  ASN A C   1 
ATOM   413  O O   . ASN A 1 56  ? 15.114  -1.647  15.383  1.00 10.66 ? 74  ASN A O   1 
ATOM   414  C CB  . ASN A 1 56  ? 12.143  -2.146  15.574  1.00 11.35 ? 74  ASN A CB  1 
ATOM   415  C CG  . ASN A 1 56  ? 10.806  -1.459  15.658  1.00 11.13 ? 74  ASN A CG  1 
ATOM   416  O OD1 . ASN A 1 56  ? 10.737  -0.231  15.695  1.00 16.43 ? 74  ASN A OD1 1 
ATOM   417  N ND2 . ASN A 1 56  ? 9.731   -2.241  15.648  1.00 10.69 ? 74  ASN A ND2 1 
ATOM   418  N N   . VAL A 1 57  ? 14.850  -3.031  13.630  1.00 11.38 ? 75  VAL A N   1 
ATOM   419  C CA  . VAL A 1 57  ? 16.208  -3.548  13.708  1.00 9.69  ? 75  VAL A CA  1 
ATOM   420  C C   . VAL A 1 57  ? 16.905  -3.579  12.352  1.00 9.11  ? 75  VAL A C   1 
ATOM   421  O O   . VAL A 1 57  ? 16.314  -4.001  11.353  1.00 8.52  ? 75  VAL A O   1 
ATOM   422  C CB  . VAL A 1 57  ? 16.186  -4.992  14.260  1.00 9.53  ? 75  VAL A CB  1 
ATOM   423  C CG1 . VAL A 1 57  ? 17.584  -5.543  14.381  1.00 10.15 ? 75  VAL A CG1 1 
ATOM   424  C CG2 . VAL A 1 57  ? 15.449  -5.035  15.586  1.00 10.48 ? 75  VAL A CG2 1 
ATOM   425  N N   . VAL A 1 58  ? 18.141  -3.082  12.307  1.00 8.54  ? 76  VAL A N   1 
ATOM   426  C CA  . VAL A 1 58  ? 18.917  -3.121  11.071  1.00 6.70  ? 76  VAL A CA  1 
ATOM   427  C C   . VAL A 1 58  ? 19.388  -4.565  10.959  1.00 7.47  ? 76  VAL A C   1 
ATOM   428  O O   . VAL A 1 58  ? 20.151  -5.047  11.802  1.00 6.90  ? 76  VAL A O   1 
ATOM   429  C CB  . VAL A 1 58  ? 20.146  -2.187  11.108  1.00 6.72  ? 76  VAL A CB  1 
ATOM   430  C CG1 . VAL A 1 58  ? 21.063  -2.467  9.884   1.00 2.89  ? 76  VAL A CG1 1 
ATOM   431  C CG2 . VAL A 1 58  ? 19.697  -0.727  11.101  1.00 6.24  ? 76  VAL A CG2 1 
ATOM   432  N N   . GLU A 1 59  ? 18.887  -5.266  9.949   1.00 7.31  ? 77  GLU A N   1 
ATOM   433  C CA  . GLU A 1 59  ? 19.249  -6.655  9.764   1.00 7.42  ? 77  GLU A CA  1 
ATOM   434  C C   . GLU A 1 59  ? 20.394  -6.882  8.771   1.00 6.92  ? 77  GLU A C   1 
ATOM   435  O O   . GLU A 1 59  ? 20.932  -7.987  8.676   1.00 6.83  ? 77  GLU A O   1 
ATOM   436  C CB  . GLU A 1 59  ? 18.002  -7.467  9.423   1.00 8.37  ? 77  GLU A CB  1 
ATOM   437  C CG  . GLU A 1 59  ? 16.885  -7.304  10.501  1.00 10.38 ? 77  GLU A CG  1 
ATOM   438  C CD  . GLU A 1 59  ? 15.804  -8.355  10.391  1.00 12.16 ? 77  GLU A CD  1 
ATOM   439  O OE1 . GLU A 1 59  ? 14.967  -8.259  9.468   1.00 13.91 ? 77  GLU A OE1 1 
ATOM   440  O OE2 . GLU A 1 59  ? 15.790  -9.277  11.232  1.00 13.59 ? 77  GLU A OE2 1 
ATOM   441  N N   . GLY A 1 60  ? 20.771  -5.837  8.040   1.00 5.77  ? 78  GLY A N   1 
ATOM   442  C CA  . GLY A 1 60  ? 21.883  -5.956  7.112   1.00 5.37  ? 78  GLY A CA  1 
ATOM   443  C C   . GLY A 1 60  ? 21.566  -6.079  5.636   1.00 6.18  ? 78  GLY A C   1 
ATOM   444  O O   . GLY A 1 60  ? 22.478  -5.991  4.802   1.00 6.09  ? 78  GLY A O   1 
ATOM   445  N N   . ASN A 1 61  ? 20.293  -6.291  5.306   1.00 4.79  ? 79  ASN A N   1 
ATOM   446  C CA  . ASN A 1 61  ? 19.875  -6.423  3.915   1.00 3.76  ? 79  ASN A CA  1 
ATOM   447  C C   . ASN A 1 61  ? 19.097  -5.194  3.399   1.00 3.40  ? 79  ASN A C   1 
ATOM   448  O O   . ASN A 1 61  ? 18.660  -5.165  2.246   1.00 2.00  ? 79  ASN A O   1 
ATOM   449  C CB  . ASN A 1 61  ? 19.043  -7.687  3.735   1.00 3.39  ? 79  ASN A CB  1 
ATOM   450  C CG  . ASN A 1 61  ? 19.808  -8.952  4.102   1.00 2.06  ? 79  ASN A CG  1 
ATOM   451  O OD1 . ASN A 1 61  ? 19.322  -9.784  4.869   1.00 5.03  ? 79  ASN A OD1 1 
ATOM   452  N ND2 . ASN A 1 61  ? 20.995  -9.108  3.542   1.00 2.00  ? 79  ASN A ND2 1 
ATOM   453  N N   . GLU A 1 62  ? 18.945  -4.183  4.255   1.00 4.63  ? 80  GLU A N   1 
ATOM   454  C CA  . GLU A 1 62  ? 18.228  -2.953  3.902   1.00 5.39  ? 80  GLU A CA  1 
ATOM   455  C C   . GLU A 1 62  ? 19.041  -1.981  3.058   1.00 5.35  ? 80  GLU A C   1 
ATOM   456  O O   . GLU A 1 62  ? 20.273  -1.983  3.073   1.00 4.58  ? 80  GLU A O   1 
ATOM   457  C CB  . GLU A 1 62  ? 17.773  -2.181  5.153   1.00 4.94  ? 80  GLU A CB  1 
ATOM   458  C CG  . GLU A 1 62  ? 16.975  -2.952  6.165   1.00 7.10  ? 80  GLU A CG  1 
ATOM   459  C CD  . GLU A 1 62  ? 17.815  -3.430  7.341   1.00 10.25 ? 80  GLU A CD  1 
ATOM   460  O OE1 . GLU A 1 62  ? 19.023  -3.706  7.155   1.00 9.92  ? 80  GLU A OE1 1 
ATOM   461  O OE2 . GLU A 1 62  ? 17.259  -3.528  8.459   1.00 12.36 ? 80  GLU A OE2 1 
ATOM   462  N N   . GLN A 1 63  ? 18.311  -1.108  2.371   1.00 7.05  ? 81  GLN A N   1 
ATOM   463  C CA  . GLN A 1 63  ? 18.885  -0.060  1.548   1.00 7.04  ? 81  GLN A CA  1 
ATOM   464  C C   . GLN A 1 63  ? 18.044  1.170   1.838   1.00 7.87  ? 81  GLN A C   1 
ATOM   465  O O   . GLN A 1 63  ? 16.851  1.199   1.531   1.00 10.20 ? 81  GLN A O   1 
ATOM   466  C CB  . GLN A 1 63  ? 18.786  -0.398  0.075   1.00 6.91  ? 81  GLN A CB  1 
ATOM   467  C CG  . GLN A 1 63  ? 19.607  -1.592  -0.364  1.00 8.53  ? 81  GLN A CG  1 
ATOM   468  C CD  . GLN A 1 63  ? 19.440  -1.888  -1.849  1.00 10.25 ? 81  GLN A CD  1 
ATOM   469  O OE1 . GLN A 1 63  ? 19.584  -0.996  -2.690  1.00 7.77  ? 81  GLN A OE1 1 
ATOM   470  N NE2 . GLN A 1 63  ? 19.123  -3.141  -2.175  1.00 7.00  ? 81  GLN A NE2 1 
ATOM   471  N N   . PHE A 1 64  ? 18.638  2.151   2.504   1.00 8.52  ? 82  PHE A N   1 
ATOM   472  C CA  . PHE A 1 64  ? 17.928  3.384   2.817   1.00 7.52  ? 82  PHE A CA  1 
ATOM   473  C C   . PHE A 1 64  ? 18.253  4.409   1.743   1.00 7.42  ? 82  PHE A C   1 
ATOM   474  O O   . PHE A 1 64  ? 19.406  4.806   1.582   1.00 7.51  ? 82  PHE A O   1 
ATOM   475  C CB  . PHE A 1 64  ? 18.341  3.918   4.174   1.00 7.32  ? 82  PHE A CB  1 
ATOM   476  C CG  . PHE A 1 64  ? 18.022  2.997   5.303   1.00 7.95  ? 82  PHE A CG  1 
ATOM   477  C CD1 . PHE A 1 64  ? 17.287  1.842   5.079   1.00 8.53  ? 82  PHE A CD1 1 
ATOM   478  C CD2 . PHE A 1 64  ? 18.457  3.275   6.587   1.00 7.81  ? 82  PHE A CD2 1 
ATOM   479  C CE1 . PHE A 1 64  ? 16.994  0.979   6.114   1.00 6.52  ? 82  PHE A CE1 1 
ATOM   480  C CE2 . PHE A 1 64  ? 18.165  2.411   7.633   1.00 8.23  ? 82  PHE A CE2 1 
ATOM   481  C CZ  . PHE A 1 64  ? 17.432  1.263   7.392   1.00 7.88  ? 82  PHE A CZ  1 
ATOM   482  N N   . ILE A 1 65  ? 17.236  4.815   0.998   1.00 6.76  ? 83  ILE A N   1 
ATOM   483  C CA  . ILE A 1 65  ? 17.428  5.790   -0.057  1.00 7.45  ? 83  ILE A CA  1 
ATOM   484  C C   . ILE A 1 65  ? 16.433  6.934   0.078   1.00 8.00  ? 83  ILE A C   1 
ATOM   485  O O   . ILE A 1 65  ? 15.222  6.720   0.128   1.00 8.46  ? 83  ILE A O   1 
ATOM   486  C CB  . ILE A 1 65  ? 17.290  5.134   -1.447  1.00 6.58  ? 83  ILE A CB  1 
ATOM   487  C CG1 . ILE A 1 65  ? 18.245  3.929   -1.547  1.00 6.94  ? 83  ILE A CG1 1 
ATOM   488  C CG2 . ILE A 1 65  ? 17.546  6.176   -2.545  1.00 6.45  ? 83  ILE A CG2 1 
ATOM   489  C CD1 . ILE A 1 65  ? 18.128  3.152   -2.851  1.00 9.17  ? 83  ILE A CD1 1 
ATOM   490  N N   . SER A 1 66  ? 16.961  8.150   0.180   1.00 8.02  ? 84  SER A N   1 
ATOM   491  C CA  . SER A 1 66  ? 16.124  9.328   0.299   1.00 8.83  ? 84  SER A CA  1 
ATOM   492  C C   . SER A 1 66  ? 15.303  9.521   -0.972  1.00 10.51 ? 84  SER A C   1 
ATOM   493  O O   . SER A 1 66  ? 15.773  9.253   -2.090  1.00 11.22 ? 84  SER A O   1 
ATOM   494  C CB  . SER A 1 66  ? 17.001  10.602  0.528   1.00 8.83  ? 84  SER A CB  1 
ATOM   495  O OG  . SER A 1 66  ? 17.649  10.576  1.789   1.00 10.14 ? 84  SER A OG  1 
ATOM   496  N N   . ALA A 1 67  ? 14.066  9.957   -0.800  1.00 9.68  ? 85  ALA A N   1 
ATOM   497  C CA  . ALA A 1 67  ? 13.209  10.232  -1.938  1.00 9.58  ? 85  ALA A CA  1 
ATOM   498  C C   . ALA A 1 67  ? 13.685  11.584  -2.473  1.00 12.16 ? 85  ALA A C   1 
ATOM   499  O O   . ALA A 1 67  ? 13.974  12.501  -1.691  1.00 12.31 ? 85  ALA A O   1 
ATOM   500  C CB  . ALA A 1 67  ? 11.755  10.323  -1.485  1.00 8.36  ? 85  ALA A CB  1 
ATOM   501  N N   . SER A 1 68  ? 13.866  11.677  -3.789  1.00 12.45 ? 86  SER A N   1 
ATOM   502  C CA  . SER A 1 68  ? 14.294  12.933  -4.397  1.00 10.96 ? 86  SER A CA  1 
ATOM   503  C C   . SER A 1 68  ? 13.068  13.785  -4.721  1.00 11.08 ? 86  SER A C   1 
ATOM   504  O O   . SER A 1 68  ? 13.166  14.993  -4.931  1.00 12.18 ? 86  SER A O   1 
ATOM   505  C CB  . SER A 1 68  ? 15.131  12.689  -5.664  1.00 9.83  ? 86  SER A CB  1 
ATOM   506  O OG  . SER A 1 68  ? 14.434  11.902  -6.609  1.00 9.79  ? 86  SER A OG  1 
ATOM   507  N N   . LYS A 1 69  ? 11.905  13.150  -4.751  1.00 10.81 ? 87  LYS A N   1 
ATOM   508  C CA  . LYS A 1 69  ? 10.672  13.860  -5.036  1.00 10.66 ? 87  LYS A CA  1 
ATOM   509  C C   . LYS A 1 69  ? 9.496   12.929  -4.799  1.00 9.13  ? 87  LYS A C   1 
ATOM   510  O O   . LYS A 1 69  ? 9.577   11.735  -5.081  1.00 10.61 ? 87  LYS A O   1 
ATOM   511  C CB  . LYS A 1 69  ? 10.661  14.397  -6.486  1.00 15.12 ? 87  LYS A CB  1 
ATOM   512  C CG  . LYS A 1 69  ? 10.587  13.311  -7.581  1.00 17.03 ? 87  LYS A CG  1 
ATOM   513  C CD  . LYS A 1 69  ? 11.492  13.670  -8.766  1.00 19.90 ? 87  LYS A CD  1 
ATOM   514  C CE  . LYS A 1 69  ? 11.184  15.028  -9.384  1.00 21.74 ? 87  LYS A CE  1 
ATOM   515  N NZ  . LYS A 1 69  ? 12.189  15.381  -10.435 1.00 24.75 ? 87  LYS A NZ  1 
ATOM   516  N N   . SER A 1 70  ? 8.446   13.466  -4.187  1.00 8.49  ? 88  SER A N   1 
ATOM   517  C CA  . SER A 1 70  ? 7.234   12.711  -3.895  1.00 7.68  ? 88  SER A CA  1 
ATOM   518  C C   . SER A 1 70  ? 6.091   13.426  -4.623  1.00 6.99  ? 88  SER A C   1 
ATOM   519  O O   . SER A 1 70  ? 5.696   14.530  -4.252  1.00 6.17  ? 88  SER A O   1 
ATOM   520  C CB  . SER A 1 70  ? 7.009   12.668  -2.385  1.00 9.19  ? 88  SER A CB  1 
ATOM   521  O OG  . SER A 1 70  ? 8.124   12.070  -1.740  1.00 9.62  ? 88  SER A OG  1 
ATOM   522  N N   . ILE A 1 71  ? 5.625   12.815  -5.708  1.00 6.28  ? 89  ILE A N   1 
ATOM   523  C CA  . ILE A 1 71  ? 4.575   13.388  -6.540  1.00 5.79  ? 89  ILE A CA  1 
ATOM   524  C C   . ILE A 1 71  ? 3.197   12.784  -6.288  1.00 6.27  ? 89  ILE A C   1 
ATOM   525  O O   . ILE A 1 71  ? 2.950   11.639  -6.649  1.00 6.56  ? 89  ILE A O   1 
ATOM   526  C CB  . ILE A 1 71  ? 4.929   13.208  -8.042  1.00 6.15  ? 89  ILE A CB  1 
ATOM   527  C CG1 . ILE A 1 71  ? 6.396   13.707  -8.283  1.00 6.66  ? 89  ILE A CG1 1 
ATOM   528  C CG2 . ILE A 1 71  ? 3.881   13.905  -8.933  1.00 5.38  ? 89  ILE A CG2 1 
ATOM   529  C CD1 . ILE A 1 71  ? 7.029   13.299  -9.635  1.00 5.51  ? 89  ILE A CD1 1 
ATOM   530  N N   . VAL A 1 72  ? 2.318   13.545  -5.637  1.00 6.13  ? 90  VAL A N   1 
ATOM   531  C CA  . VAL A 1 72  ? 0.962   13.080  -5.378  1.00 5.77  ? 90  VAL A CA  1 
ATOM   532  C C   . VAL A 1 72  ? 0.157   13.277  -6.666  1.00 6.52  ? 90  VAL A C   1 
ATOM   533  O O   . VAL A 1 72  ? 0.490   14.138  -7.488  1.00 7.29  ? 90  VAL A O   1 
ATOM   534  C CB  . VAL A 1 72  ? 0.286   13.858  -4.207  1.00 5.18  ? 90  VAL A CB  1 
ATOM   535  C CG1 . VAL A 1 72  ? 1.098   13.670  -2.905  1.00 2.00  ? 90  VAL A CG1 1 
ATOM   536  C CG2 . VAL A 1 72  ? 0.132   15.369  -4.556  1.00 3.45  ? 90  VAL A CG2 1 
ATOM   537  N N   . HIS A 1 73  ? -0.863  12.450  -6.871  1.00 7.25  ? 91  HIS A N   1 
ATOM   538  C CA  . HIS A 1 73  ? -1.694  12.579  -8.065  1.00 6.95  ? 91  HIS A CA  1 
ATOM   539  C C   . HIS A 1 73  ? -2.286  13.993  -8.081  1.00 7.27  ? 91  HIS A C   1 
ATOM   540  O O   . HIS A 1 73  ? -2.747  14.487  -7.051  1.00 8.30  ? 91  HIS A O   1 
ATOM   541  C CB  . HIS A 1 73  ? -2.820  11.536  -8.052  1.00 5.46  ? 91  HIS A CB  1 
ATOM   542  C CG  . HIS A 1 73  ? -3.619  11.508  -9.318  1.00 6.99  ? 91  HIS A CG  1 
ATOM   543  N ND1 . HIS A 1 73  ? -4.722  12.306  -9.516  1.00 7.31  ? 91  HIS A ND1 1 
ATOM   544  C CD2 . HIS A 1 73  ? -3.436  10.821  -10.466 1.00 6.32  ? 91  HIS A CD2 1 
ATOM   545  C CE1 . HIS A 1 73  ? -5.185  12.119  -10.739 1.00 5.61  ? 91  HIS A CE1 1 
ATOM   546  N NE2 . HIS A 1 73  ? -4.418  11.219  -11.337 1.00 6.43  ? 91  HIS A NE2 1 
ATOM   547  N N   . PRO A 1 74  ? -2.269  14.668  -9.247  1.00 5.40  ? 92  PRO A N   1 
ATOM   548  C CA  . PRO A 1 74  ? -2.803  16.031  -9.384  1.00 5.76  ? 92  PRO A CA  1 
ATOM   549  C C   . PRO A 1 74  ? -4.260  16.199  -8.947  1.00 6.71  ? 92  PRO A C   1 
ATOM   550  O O   . PRO A 1 74  ? -4.659  17.278  -8.503  1.00 5.95  ? 92  PRO A O   1 
ATOM   551  C CB  . PRO A 1 74  ? -2.632  16.316  -10.883 1.00 6.66  ? 92  PRO A CB  1 
ATOM   552  C CG  . PRO A 1 74  ? -2.633  14.952  -11.506 1.00 5.75  ? 92  PRO A CG  1 
ATOM   553  C CD  . PRO A 1 74  ? -1.779  14.174  -10.542 1.00 5.69  ? 92  PRO A CD  1 
ATOM   554  N N   . SER A 1 75  ? -5.041  15.127  -9.059  1.00 6.66  ? 93  SER A N   1 
ATOM   555  C CA  . SER A 1 75  ? -6.452  15.162  -8.685  1.00 7.85  ? 93  SER A CA  1 
ATOM   556  C C   . SER A 1 75  ? -6.761  14.559  -7.312  1.00 7.48  ? 93  SER A C   1 
ATOM   557  O O   . SER A 1 75  ? -7.905  14.208  -7.030  1.00 10.36 ? 93  SER A O   1 
ATOM   558  C CB  . SER A 1 75  ? -7.314  14.454  -9.768  1.00 7.21  ? 93  SER A CB  1 
ATOM   559  O OG  . SER A 1 75  ? -7.208  15.110  -11.017 1.00 9.62  ? 93  SER A OG  1 
ATOM   560  N N   . TYR A 1 76  ? -5.754  14.443  -6.454  1.00 7.52  ? 94  TYR A N   1 
ATOM   561  C CA  . TYR A 1 76  ? -5.969  13.877  -5.123  1.00 6.05  ? 94  TYR A CA  1 
ATOM   562  C C   . TYR A 1 76  ? -6.928  14.698  -4.252  1.00 6.83  ? 94  TYR A C   1 
ATOM   563  O O   . TYR A 1 76  ? -6.750  15.905  -4.088  1.00 6.98  ? 94  TYR A O   1 
ATOM   564  C CB  . TYR A 1 76  ? -4.628  13.713  -4.387  1.00 4.93  ? 94  TYR A CB  1 
ATOM   565  C CG  . TYR A 1 76  ? -4.782  13.318  -2.931  1.00 2.00  ? 94  TYR A CG  1 
ATOM   566  C CD1 . TYR A 1 76  ? -5.572  12.236  -2.564  1.00 2.00  ? 94  TYR A CD1 1 
ATOM   567  C CD2 . TYR A 1 76  ? -4.129  14.022  -1.926  1.00 3.53  ? 94  TYR A CD2 1 
ATOM   568  C CE1 . TYR A 1 76  ? -5.707  11.861  -1.232  1.00 2.58  ? 94  TYR A CE1 1 
ATOM   569  C CE2 . TYR A 1 76  ? -4.256  13.658  -0.590  1.00 3.41  ? 94  TYR A CE2 1 
ATOM   570  C CZ  . TYR A 1 76  ? -5.045  12.572  -0.247  1.00 2.00  ? 94  TYR A CZ  1 
ATOM   571  O OH  . TYR A 1 76  ? -5.146  12.183  1.071   1.00 2.00  ? 94  TYR A OH  1 
ATOM   572  N N   . ASN A 1 77  ? -7.949  14.040  -3.703  1.00 6.49  ? 95  ASN A N   1 
ATOM   573  C CA  . ASN A 1 77  ? -8.912  14.707  -2.824  1.00 5.30  ? 95  ASN A CA  1 
ATOM   574  C C   . ASN A 1 77  ? -8.610  14.299  -1.386  1.00 6.41  ? 95  ASN A C   1 
ATOM   575  O O   . ASN A 1 77  ? -8.862  13.161  -0.998  1.00 5.89  ? 95  ASN A O   1 
ATOM   576  C CB  . ASN A 1 77  ? -10.327 14.305  -3.187  1.00 6.56  ? 95  ASN A CB  1 
ATOM   577  C CG  . ASN A 1 77  ? -11.375 15.055  -2.379  1.00 8.85  ? 95  ASN A CG  1 
ATOM   578  O OD1 . ASN A 1 77  ? -11.139 15.458  -1.237  1.00 9.21  ? 95  ASN A OD1 1 
ATOM   579  N ND2 . ASN A 1 77  ? -12.553 15.235  -2.970  1.00 10.94 ? 95  ASN A ND2 1 
ATOM   580  N N   . SER A 1 78  ? -8.076  15.235  -0.602  1.00 7.07  ? 96  SER A N   1 
ATOM   581  C CA  . SER A 1 78  ? -7.696  14.978  0.793   1.00 8.54  ? 96  SER A CA  1 
ATOM   582  C C   . SER A 1 78  ? -8.842  14.580  1.724   1.00 8.55  ? 96  SER A C   1 
ATOM   583  O O   . SER A 1 78  ? -8.623  13.902  2.735   1.00 8.10  ? 96  SER A O   1 
ATOM   584  C CB  . SER A 1 78  ? -6.935  16.215  1.402   1.00 7.78  ? 96  SER A CB  1 
ATOM   585  O OG  . SER A 1 78  ? -7.820  17.291  1.677   1.00 6.77  ? 96  SER A OG  1 
ATOM   586  N N   . ASN A 1 79  ? -10.055 15.010  1.391   1.00 9.21  ? 97  ASN A N   1 
ATOM   587  C CA  . ASN A 1 79  ? -11.227 14.694  2.208   1.00 8.49  ? 97  ASN A CA  1 
ATOM   588  C C   . ASN A 1 79  ? -11.732 13.269  1.983   1.00 7.67  ? 97  ASN A C   1 
ATOM   589  O O   . ASN A 1 79  ? -11.859 12.500  2.927   1.00 9.67  ? 97  ASN A O   1 
ATOM   590  C CB  . ASN A 1 79  ? -12.363 15.699  1.926   1.00 8.06  ? 97  ASN A CB  1 
ATOM   591  C CG  . ASN A 1 79  ? -11.930 17.133  2.132   1.00 9.43  ? 97  ASN A CG  1 
ATOM   592  O OD1 . ASN A 1 79  ? -11.668 17.560  3.260   1.00 7.39  ? 97  ASN A OD1 1 
ATOM   593  N ND2 . ASN A 1 79  ? -11.825 17.884  1.036   1.00 10.60 ? 97  ASN A ND2 1 
ATOM   594  N N   . THR A 1 80  ? -12.023 12.926  0.731   1.00 7.19  ? 98  THR A N   1 
ATOM   595  C CA  . THR A 1 80  ? -12.529 11.602  0.373   1.00 7.19  ? 98  THR A CA  1 
ATOM   596  C C   . THR A 1 80  ? -11.419 10.574  0.114   1.00 6.95  ? 98  THR A C   1 
ATOM   597  O O   . THR A 1 80  ? -11.637 9.363   0.221   1.00 7.11  ? 98  THR A O   1 
ATOM   598  C CB  . THR A 1 80  ? -13.377 11.682  -0.916  1.00 6.40  ? 98  THR A CB  1 
ATOM   599  O OG1 . THR A 1 80  ? -12.541 12.096  -2.006  1.00 5.78  ? 98  THR A OG1 1 
ATOM   600  C CG2 . THR A 1 80  ? -14.521 12.683  -0.746  1.00 6.40  ? 98  THR A CG2 1 
ATOM   601  N N   . LEU A 1 81  ? -10.246 11.074  -0.258  1.00 7.34  ? 99  LEU A N   1 
ATOM   602  C CA  . LEU A 1 81  ? -9.093  10.243  -0.586  1.00 6.61  ? 99  LEU A CA  1 
ATOM   603  C C   . LEU A 1 81  ? -9.234  9.663   -1.990  1.00 6.35  ? 99  LEU A C   1 
ATOM   604  O O   . LEU A 1 81  ? -8.670  8.614   -2.305  1.00 6.91  ? 99  LEU A O   1 
ATOM   605  C CB  . LEU A 1 81  ? -8.864  9.148   0.453   1.00 5.33  ? 99  LEU A CB  1 
ATOM   606  C CG  . LEU A 1 81  ? -7.789  9.517   1.494   1.00 3.47  ? 99  LEU A CG  1 
ATOM   607  C CD1 . LEU A 1 81  ? -8.078  10.862  2.174   1.00 3.38  ? 99  LEU A CD1 1 
ATOM   608  C CD2 . LEU A 1 81  ? -7.705  8.399   2.526   1.00 4.44  ? 99  LEU A CD2 1 
ATOM   609  N N   . ASN A 1 82  ? -10.016 10.356  -2.816  1.00 5.72  ? 100 ASN A N   1 
ATOM   610  C CA  . ASN A 1 82  ? -10.228 9.979   -4.209  1.00 7.04  ? 100 ASN A CA  1 
ATOM   611  C C   . ASN A 1 82  ? -8.889  10.316  -4.883  1.00 6.22  ? 100 ASN A C   1 
ATOM   612  O O   . ASN A 1 82  ? -8.339  11.392  -4.648  1.00 7.12  ? 100 ASN A O   1 
ATOM   613  C CB  . ASN A 1 82  ? -11.392 10.855  -4.813  1.00 6.56  ? 100 ASN A CB  1 
ATOM   614  C CG  . ASN A 1 82  ? -11.817 10.413  -6.212  1.00 8.58  ? 100 ASN A CG  1 
ATOM   615  O OD1 . ASN A 1 82  ? -12.259 11.233  -7.022  1.00 7.33  ? 100 ASN A OD1 1 
ATOM   616  N ND2 . ASN A 1 82  ? -11.708 9.118   -6.493  1.00 6.50  ? 100 ASN A ND2 1 
ATOM   617  N N   . ASN A 1 83  ? -8.355  9.393   -5.682  1.00 7.22  ? 101 ASN A N   1 
ATOM   618  C CA  . ASN A 1 83  ? -7.060  9.589   -6.351  1.00 5.76  ? 101 ASN A CA  1 
ATOM   619  C C   . ASN A 1 83  ? -5.932  9.538   -5.324  1.00 4.23  ? 101 ASN A C   1 
ATOM   620  O O   . ASN A 1 83  ? -4.989  10.337  -5.374  1.00 5.08  ? 101 ASN A O   1 
ATOM   621  C CB  . ASN A 1 83  ? -7.024  10.914  -7.073  1.00 6.49  ? 101 ASN A CB  1 
ATOM   622  C CG  . ASN A 1 83  ? -8.046  10.993  -8.172  1.00 8.09  ? 101 ASN A CG  1 
ATOM   623  O OD1 . ASN A 1 83  ? -8.091  10.126  -9.045  1.00 7.46  ? 101 ASN A OD1 1 
ATOM   624  N ND2 . ASN A 1 83  ? -8.906  12.009  -8.119  1.00 5.74  ? 101 ASN A ND2 1 
ATOM   625  N N   . ASP A 1 84  ? -6.036  8.579   -4.408  1.00 3.65  ? 102 ASP A N   1 
ATOM   626  C CA  . ASP A 1 84  ? -5.063  8.412   -3.346  1.00 2.67  ? 102 ASP A CA  1 
ATOM   627  C C   . ASP A 1 84  ? -3.854  7.598   -3.792  1.00 4.65  ? 102 ASP A C   1 
ATOM   628  O O   . ASP A 1 84  ? -3.676  6.450   -3.383  1.00 4.36  ? 102 ASP A O   1 
ATOM   629  C CB  . ASP A 1 84  ? -5.723  7.762   -2.134  1.00 2.00  ? 102 ASP A CB  1 
ATOM   630  C CG  . ASP A 1 84  ? -4.861  7.839   -0.890  1.00 4.22  ? 102 ASP A CG  1 
ATOM   631  O OD1 . ASP A 1 84  ? -3.888  8.632   -0.876  1.00 3.02  ? 102 ASP A OD1 1 
ATOM   632  O OD2 . ASP A 1 84  ? -5.164  7.106   0.077   1.00 2.32  ? 102 ASP A OD2 1 
ATOM   633  N N   . ILE A 1 85  ? -3.023  8.212   -4.631  1.00 5.12  ? 103 ILE A N   1 
ATOM   634  C CA  . ILE A 1 85  ? -1.819  7.578   -5.143  1.00 4.52  ? 103 ILE A CA  1 
ATOM   635  C C   . ILE A 1 85  ? -0.691  8.609   -5.223  1.00 4.76  ? 103 ILE A C   1 
ATOM   636  O O   . ILE A 1 85  ? -0.939  9.804   -5.402  1.00 7.51  ? 103 ILE A O   1 
ATOM   637  C CB  . ILE A 1 85  ? -2.063  6.915   -6.525  1.00 4.15  ? 103 ILE A CB  1 
ATOM   638  C CG1 . ILE A 1 85  ? -0.766  6.236   -7.001  1.00 2.98  ? 103 ILE A CG1 1 
ATOM   639  C CG2 . ILE A 1 85  ? -2.683  7.925   -7.529  1.00 3.81  ? 103 ILE A CG2 1 
ATOM   640  C CD1 . ILE A 1 85  ? -0.922  5.395   -8.276  1.00 3.47  ? 103 ILE A CD1 1 
ATOM   641  N N   . MET A 1 86  ? 0.542   8.140   -5.069  1.00 3.58  ? 104 MET A N   1 
ATOM   642  C CA  . MET A 1 86  ? 1.716   9.006   -5.101  1.00 3.92  ? 104 MET A CA  1 
ATOM   643  C C   . MET A 1 86  ? 2.959   8.266   -5.611  1.00 3.95  ? 104 MET A C   1 
ATOM   644  O O   . MET A 1 86  ? 3.180   7.098   -5.302  1.00 2.00  ? 104 MET A O   1 
ATOM   645  C CB  . MET A 1 86  ? 1.974   9.591   -3.673  1.00 3.51  ? 104 MET A CB  1 
ATOM   646  C CG  . MET A 1 86  ? 3.287   10.364  -3.503  1.00 2.66  ? 104 MET A CG  1 
ATOM   647  S SD  . MET A 1 86  ? 3.466   11.042  -1.836  1.00 2.00  ? 104 MET A SD  1 
ATOM   648  C CE  . MET A 1 86  ? 3.980   9.560   -0.902  1.00 2.00  ? 104 MET A CE  1 
ATOM   649  N N   . LEU A 1 87  ? 3.744   8.951   -6.432  1.00 4.81  ? 105 LEU A N   1 
ATOM   650  C CA  . LEU A 1 87  ? 4.966   8.380   -6.978  1.00 6.90  ? 105 LEU A CA  1 
ATOM   651  C C   . LEU A 1 87  ? 6.168   9.003   -6.287  1.00 5.14  ? 105 LEU A C   1 
ATOM   652  O O   . LEU A 1 87  ? 6.257   10.223  -6.150  1.00 5.66  ? 105 LEU A O   1 
ATOM   653  C CB  . LEU A 1 87  ? 5.043   8.619   -8.514  1.00 7.82  ? 105 LEU A CB  1 
ATOM   654  C CG  . LEU A 1 87  ? 4.161   7.674   -9.371  1.00 8.32  ? 105 LEU A CG  1 
ATOM   655  C CD1 . LEU A 1 87  ? 4.061   8.174   -10.815 1.00 5.74  ? 105 LEU A CD1 1 
ATOM   656  C CD2 . LEU A 1 87  ? 4.764   6.233   -9.309  1.00 8.58  ? 105 LEU A CD2 1 
ATOM   657  N N   . ILE A 1 88  ? 7.080   8.163   -5.821  1.00 5.25  ? 106 ILE A N   1 
ATOM   658  C CA  . ILE A 1 88  ? 8.269   8.659   -5.144  1.00 5.69  ? 106 ILE A CA  1 
ATOM   659  C C   . ILE A 1 88  ? 9.523   8.241   -5.902  1.00 6.36  ? 106 ILE A C   1 
ATOM   660  O O   . ILE A 1 88  ? 9.803   7.049   -6.046  1.00 6.87  ? 106 ILE A O   1 
ATOM   661  C CB  . ILE A 1 88  ? 8.364   8.121   -3.696  1.00 4.22  ? 106 ILE A CB  1 
ATOM   662  C CG1 . ILE A 1 88  ? 7.050   8.339   -2.935  1.00 4.33  ? 106 ILE A CG1 1 
ATOM   663  C CG2 . ILE A 1 88  ? 9.518   8.817   -2.968  1.00 6.14  ? 106 ILE A CG2 1 
ATOM   664  C CD1 . ILE A 1 88  ? 7.045   7.731   -1.534  1.00 4.89  ? 106 ILE A CD1 1 
ATOM   665  N N   . LYS A 1 89  ? 10.263  9.224   -6.409  1.00 4.91  ? 107 LYS A N   1 
ATOM   666  C CA  . LYS A 1 89  ? 11.492  8.932   -7.132  1.00 5.83  ? 107 LYS A CA  1 
ATOM   667  C C   . LYS A 1 89  ? 12.656  8.864   -6.149  1.00 8.51  ? 107 LYS A C   1 
ATOM   668  O O   . LYS A 1 89  ? 12.778  9.713   -5.259  1.00 8.78  ? 107 LYS A O   1 
ATOM   669  C CB  . LYS A 1 89  ? 11.767  9.974   -8.175  1.00 4.10  ? 107 LYS A CB  1 
ATOM   670  C CG  . LYS A 1 89  ? 12.922  9.606   -9.075  1.00 4.53  ? 107 LYS A CG  1 
ATOM   671  C CD  . LYS A 1 89  ? 13.230  10.592  -10.155 1.00 7.36  ? 107 LYS A CD  1 
ATOM   672  C CE  . LYS A 1 89  ? 14.452  10.075  -10.950 1.00 11.26 ? 107 LYS A CE  1 
ATOM   673  N NZ  . LYS A 1 89  ? 14.971  11.086  -11.927 1.00 13.24 ? 107 LYS A NZ  1 
ATOM   674  N N   . LEU A 1 90  ? 13.497  7.843   -6.302  1.00 8.90  ? 108 LEU A N   1 
ATOM   675  C CA  . LEU A 1 90  ? 14.651  7.653   -5.424  1.00 9.26  ? 108 LEU A CA  1 
ATOM   676  C C   . LEU A 1 90  ? 15.851  8.507   -5.837  1.00 9.32  ? 108 LEU A C   1 
ATOM   677  O O   . LEU A 1 90  ? 16.185  8.598   -7.017  1.00 10.89 ? 108 LEU A O   1 
ATOM   678  C CB  . LEU A 1 90  ? 15.053  6.168   -5.391  1.00 9.97  ? 108 LEU A CB  1 
ATOM   679  C CG  . LEU A 1 90  ? 13.958  5.150   -4.980  1.00 8.60  ? 108 LEU A CG  1 
ATOM   680  C CD1 . LEU A 1 90  ? 14.623  3.767   -4.982  1.00 7.19  ? 108 LEU A CD1 1 
ATOM   681  C CD2 . LEU A 1 90  ? 13.333  5.455   -3.594  1.00 7.12  ? 108 LEU A CD2 1 
ATOM   682  N N   . LYS A 1 91  ? 16.495  9.121   -4.847  1.00 10.15 ? 109 LYS A N   1 
ATOM   683  C CA  . LYS A 1 91  ? 17.654  9.974   -5.069  1.00 9.43  ? 109 LYS A CA  1 
ATOM   684  C C   . LYS A 1 91  ? 18.678  9.199   -5.904  1.00 10.14 ? 109 LYS A C   1 
ATOM   685  O O   . LYS A 1 91  ? 19.466  9.787   -6.644  1.00 7.79  ? 109 LYS A O   1 
ATOM   686  C CB  . LYS A 1 91  ? 18.267  10.378  -3.711  1.00 10.68 ? 109 LYS A CB  1 
ATOM   687  C CG  . LYS A 1 91  ? 18.899  11.781  -3.677  1.00 14.26 ? 109 LYS A CG  1 
ATOM   688  C CD  . LYS A 1 91  ? 17.814  12.863  -3.915  1.00 18.52 ? 109 LYS A CD  1 
ATOM   689  C CE  . LYS A 1 91  ? 18.335  14.323  -4.080  1.00 19.22 ? 109 LYS A CE  1 
ATOM   690  N NZ  . LYS A 1 91  ? 17.237  15.333  -4.247  1.00 20.16 ? 109 LYS A NZ  1 
ATOM   691  N N   . SER A 1 92  ? 18.646  7.872   -5.764  1.00 10.47 ? 110 SER A N   1 
ATOM   692  C CA  . SER A 1 92  ? 19.531  6.969   -6.501  1.00 10.23 ? 110 SER A CA  1 
ATOM   693  C C   . SER A 1 92  ? 18.846  5.609   -6.705  1.00 9.89  ? 110 SER A C   1 
ATOM   694  O O   . SER A 1 92  ? 17.987  5.212   -5.920  1.00 9.88  ? 110 SER A O   1 
ATOM   695  C CB  . SER A 1 92  ? 20.853  6.775   -5.759  1.00 9.86  ? 110 SER A CB  1 
ATOM   696  O OG  . SER A 1 92  ? 20.689  5.978   -4.598  1.00 9.57  ? 110 SER A OG  1 
ATOM   697  N N   . ALA A 1 93  ? 19.235  4.905   -7.763  1.00 10.54 ? 111 ALA A N   1 
ATOM   698  C CA  . ALA A 1 93  ? 18.663  3.602   -8.073  1.00 8.66  ? 111 ALA A CA  1 
ATOM   699  C C   . ALA A 1 93  ? 19.003  2.584   -6.996  1.00 8.88  ? 111 ALA A C   1 
ATOM   700  O O   . ALA A 1 93  ? 20.130  2.539   -6.497  1.00 10.63 ? 111 ALA A O   1 
ATOM   701  C CB  . ALA A 1 93  ? 19.168  3.112   -9.425  1.00 7.52  ? 111 ALA A CB  1 
ATOM   702  N N   . ALA A 1 94  ? 18.009  1.787   -6.620  1.00 7.97  ? 112 ALA A N   1 
ATOM   703  C CA  . ALA A 1 94  ? 18.207  0.757   -5.617  1.00 8.84  ? 112 ALA A CA  1 
ATOM   704  C C   . ALA A 1 94  ? 18.879  -0.422  -6.298  1.00 9.77  ? 112 ALA A C   1 
ATOM   705  O O   . ALA A 1 94  ? 18.757  -0.607  -7.511  1.00 9.65  ? 112 ALA A O   1 
ATOM   706  C CB  . ALA A 1 94  ? 16.859  0.319   -5.021  1.00 8.26  ? 112 ALA A CB  1 
ATOM   707  N N   . SER A 1 95  ? 19.643  -1.182  -5.526  1.00 10.07 ? 113 SER A N   1 
ATOM   708  C CA  . SER A 1 95  ? 20.303  -2.362  -6.061  1.00 10.28 ? 113 SER A CA  1 
ATOM   709  C C   . SER A 1 95  ? 19.257  -3.470  -5.924  1.00 9.37  ? 113 SER A C   1 
ATOM   710  O O   . SER A 1 95  ? 18.911  -3.875  -4.818  1.00 10.52 ? 113 SER A O   1 
ATOM   711  C CB  . SER A 1 95  ? 21.563  -2.685  -5.245  1.00 10.57 ? 113 SER A CB  1 
ATOM   712  O OG  . SER A 1 95  ? 22.302  -3.738  -5.838  1.00 14.24 ? 113 SER A OG  1 
ATOM   713  N N   . LEU A 1 96  ? 18.690  -3.893  -7.046  1.00 9.16  ? 114 LEU A N   1 
ATOM   714  C CA  . LEU A 1 96  ? 17.670  -4.929  -7.026  1.00 9.08  ? 114 LEU A CA  1 
ATOM   715  C C   . LEU A 1 96  ? 18.263  -6.326  -6.797  1.00 9.94  ? 114 LEU A C   1 
ATOM   716  O O   . LEU A 1 96  ? 19.314  -6.666  -7.347  1.00 11.48 ? 114 LEU A O   1 
ATOM   717  C CB  . LEU A 1 96  ? 16.854  -4.880  -8.327  1.00 7.28  ? 114 LEU A CB  1 
ATOM   718  C CG  . LEU A 1 96  ? 16.218  -3.514  -8.646  1.00 5.27  ? 114 LEU A CG  1 
ATOM   719  C CD1 . LEU A 1 96  ? 15.469  -3.659  -9.966  1.00 7.06  ? 114 LEU A CD1 1 
ATOM   720  C CD2 . LEU A 1 96  ? 15.282  -3.035  -7.545  1.00 4.37  ? 114 LEU A CD2 1 
ATOM   721  N N   . ASN A 1 97  ? 17.593  -7.120  -5.964  1.00 9.44  ? 115 ASN A N   1 
ATOM   722  C CA  . ASN A 1 97  ? 18.039  -8.477  -5.650  1.00 7.58  ? 115 ASN A CA  1 
ATOM   723  C C   . ASN A 1 97  ? 16.851  -9.320  -5.182  1.00 7.23  ? 115 ASN A C   1 
ATOM   724  O O   . ASN A 1 97  ? 15.699  -8.968  -5.434  1.00 6.49  ? 115 ASN A O   1 
ATOM   725  C CB  . ASN A 1 97  ? 19.159  -8.440  -4.552  1.00 7.43  ? 115 ASN A CB  1 
ATOM   726  C CG  . ASN A 1 97  ? 18.723  -7.707  -3.283  1.00 9.97  ? 115 ASN A CG  1 
ATOM   727  O OD1 . ASN A 1 97  ? 17.650  -7.974  -2.743  1.00 8.47  ? 115 ASN A OD1 1 
ATOM   728  N ND2 . ASN A 1 97  ? 19.560  -6.776  -2.806  1.00 9.63  ? 115 ASN A ND2 1 
ATOM   729  N N   . SER A 1 98  ? 17.132  -10.422 -4.492  1.00 7.16  ? 116 SER A N   1 
ATOM   730  C CA  . SER A 1 98  ? 16.079  -11.309 -3.991  1.00 9.00  ? 116 SER A CA  1 
ATOM   731  C C   . SER A 1 98  ? 15.271  -10.691 -2.845  1.00 7.68  ? 116 SER A C   1 
ATOM   732  O O   . SER A 1 98  ? 14.136  -11.089 -2.591  1.00 9.52  ? 116 SER A O   1 
ATOM   733  C CB  . SER A 1 98  ? 16.686  -12.648 -3.521  1.00 7.44  ? 116 SER A CB  1 
ATOM   734  O OG  . SER A 1 98  ? 17.281  -13.334 -4.605  1.00 11.96 ? 116 SER A OG  1 
ATOM   735  N N   . ARG A 1 99  ? 15.864  -9.722  -2.159  1.00 6.22  ? 117 ARG A N   1 
ATOM   736  C CA  . ARG A 1 99  ? 15.206  -9.055  -1.042  1.00 6.28  ? 117 ARG A CA  1 
ATOM   737  C C   . ARG A 1 99  ? 14.691  -7.668  -1.420  1.00 4.44  ? 117 ARG A C   1 
ATOM   738  O O   . ARG A 1 99  ? 13.914  -7.061  -0.682  1.00 6.28  ? 117 ARG A O   1 
ATOM   739  C CB  . ARG A 1 99  ? 16.175  -8.962  0.163   1.00 5.12  ? 117 ARG A CB  1 
ATOM   740  C CG  . ARG A 1 99  ? 16.754  -10.338 0.604   1.00 8.15  ? 117 ARG A CG  1 
ATOM   741  C CD  . ARG A 1 99  ? 17.506  -10.337 1.917   1.00 6.76  ? 117 ARG A CD  1 
ATOM   742  N NE  . ARG A 1 99  ? 18.467  -11.430 2.006   1.00 11.12 ? 117 ARG A NE  1 
ATOM   743  C CZ  . ARG A 1 99  ? 18.443  -12.375 2.939   1.00 11.96 ? 117 ARG A CZ  1 
ATOM   744  N NH1 . ARG A 1 99  ? 17.492  -12.376 3.871   1.00 14.10 ? 117 ARG A NH1 1 
ATOM   745  N NH2 . ARG A 1 99  ? 19.389  -13.303 2.954   1.00 12.56 ? 117 ARG A NH2 1 
ATOM   746  N N   . VAL A 1 100 ? 15.130  -7.179  -2.573  1.00 3.16  ? 118 VAL A N   1 
ATOM   747  C CA  . VAL A 1 100 ? 14.715  -5.879  -3.076  1.00 2.74  ? 118 VAL A CA  1 
ATOM   748  C C   . VAL A 1 100 ? 14.375  -6.005  -4.556  1.00 4.14  ? 118 VAL A C   1 
ATOM   749  O O   . VAL A 1 100 ? 15.261  -6.021  -5.416  1.00 3.86  ? 118 VAL A O   1 
ATOM   750  C CB  . VAL A 1 100 ? 15.825  -4.834  -2.895  1.00 2.77  ? 118 VAL A CB  1 
ATOM   751  C CG1 . VAL A 1 100 ? 15.363  -3.475  -3.453  1.00 2.00  ? 118 VAL A CG1 1 
ATOM   752  C CG2 . VAL A 1 100 ? 16.209  -4.726  -1.411  1.00 2.00  ? 118 VAL A CG2 1 
ATOM   753  N N   . ALA A 1 101 ? 13.080  -6.115  -4.840  1.00 5.35  ? 119 ALA A N   1 
ATOM   754  C CA  . ALA A 1 101 ? 12.596  -6.265  -6.210  1.00 6.85  ? 119 ALA A CA  1 
ATOM   755  C C   . ALA A 1 101 ? 11.281  -5.528  -6.453  1.00 5.75  ? 119 ALA A C   1 
ATOM   756  O O   . ALA A 1 101 ? 10.453  -5.392  -5.561  1.00 7.41  ? 119 ALA A O   1 
ATOM   757  C CB  . ALA A 1 101 ? 12.441  -7.769  -6.554  1.00 9.20  ? 119 ALA A CB  1 
ATOM   758  N N   . SER A 1 102 ? 11.088  -5.067  -7.678  1.00 6.74  ? 120 SER A N   1 
ATOM   759  C CA  . SER A 1 102 ? 9.879   -4.340  -8.030  1.00 7.59  ? 120 SER A CA  1 
ATOM   760  C C   . SER A 1 102 ? 8.680   -5.244  -8.344  1.00 7.06  ? 120 SER A C   1 
ATOM   761  O O   . SER A 1 102 ? 8.821   -6.450  -8.565  1.00 5.55  ? 120 SER A O   1 
ATOM   762  C CB  . SER A 1 102 ? 10.164  -3.400  -9.233  1.00 8.94  ? 120 SER A CB  1 
ATOM   763  O OG  . SER A 1 102 ? 10.581  -4.144  -10.373 1.00 10.48 ? 120 SER A OG  1 
ATOM   764  N N   . ILE A 1 103 ? 7.492   -4.653  -8.311  1.00 5.18  ? 121 ILE A N   1 
ATOM   765  C CA  . ILE A 1 103 ? 6.271   -5.377  -8.630  1.00 5.55  ? 121 ILE A CA  1 
ATOM   766  C C   . ILE A 1 103 ? 5.687   -4.784  -9.913  1.00 6.39  ? 121 ILE A C   1 
ATOM   767  O O   . ILE A 1 103 ? 5.760   -3.575  -10.143 1.00 7.99  ? 121 ILE A O   1 
ATOM   768  C CB  . ILE A 1 103 ? 5.223   -5.286  -7.487  1.00 4.61  ? 121 ILE A CB  1 
ATOM   769  C CG1 . ILE A 1 103 ? 4.042   -6.190  -7.799  1.00 2.89  ? 121 ILE A CG1 1 
ATOM   770  C CG2 . ILE A 1 103 ? 4.734   -3.848  -7.303  1.00 4.53  ? 121 ILE A CG2 1 
ATOM   771  C CD1 . ILE A 1 103 ? 4.394   -7.696  -7.822  1.00 2.00  ? 121 ILE A CD1 1 
ATOM   772  N N   . SER A 1 104 ? 5.130   -5.638  -10.760 1.00 6.33  ? 122 SER A N   1 
ATOM   773  C CA  . SER A 1 104 ? 4.549   -5.179  -12.009 1.00 6.48  ? 122 SER A CA  1 
ATOM   774  C C   . SER A 1 104 ? 3.228   -4.438  -11.819 1.00 7.26  ? 122 SER A C   1 
ATOM   775  O O   . SER A 1 104 ? 2.427   -4.768  -10.943 1.00 5.07  ? 122 SER A O   1 
ATOM   776  C CB  . SER A 1 104 ? 4.314   -6.378  -12.971 1.00 8.54  ? 122 SER A CB  1 
ATOM   777  O OG  . SER A 1 104 ? 3.529   -5.993  -14.093 1.00 7.39  ? 122 SER A OG  1 
ATOM   778  N N   . LEU A 1 105 ? 3.027   -3.405  -12.628 1.00 7.47  ? 123 LEU A N   1 
ATOM   779  C CA  . LEU A 1 105 ? 1.778   -2.655  -12.603 1.00 8.21  ? 123 LEU A CA  1 
ATOM   780  C C   . LEU A 1 105 ? 0.813   -3.492  -13.439 1.00 9.08  ? 123 LEU A C   1 
ATOM   781  O O   . LEU A 1 105 ? 1.243   -4.306  -14.261 1.00 8.67  ? 123 LEU A O   1 
ATOM   782  C CB  . LEU A 1 105 ? 1.961   -1.277  -13.240 1.00 7.06  ? 123 LEU A CB  1 
ATOM   783  C CG  . LEU A 1 105 ? 2.947   -0.339  -12.558 1.00 5.92  ? 123 LEU A CG  1 
ATOM   784  C CD1 . LEU A 1 105 ? 2.974   0.993   -13.302 1.00 2.78  ? 123 LEU A CD1 1 
ATOM   785  C CD2 . LEU A 1 105 ? 2.534   -0.138  -11.071 1.00 5.77  ? 123 LEU A CD2 1 
ATOM   786  N N   . PRO A 1 106 ? -0.506  -3.318  -13.233 1.00 11.04 ? 124 PRO A N   1 
ATOM   787  C CA  . PRO A 1 106 ? -1.512  -4.074  -13.984 1.00 11.61 ? 124 PRO A CA  1 
ATOM   788  C C   . PRO A 1 106 ? -1.767  -3.450  -15.363 1.00 13.37 ? 124 PRO A C   1 
ATOM   789  O O   . PRO A 1 106 ? -1.415  -2.291  -15.596 1.00 15.56 ? 124 PRO A O   1 
ATOM   790  C CB  . PRO A 1 106 ? -2.715  -3.939  -13.114 1.00 11.07 ? 124 PRO A CB  1 
ATOM   791  C CG  . PRO A 1 106 ? -2.615  -2.521  -12.647 1.00 9.74  ? 124 PRO A CG  1 
ATOM   792  C CD  . PRO A 1 106 ? -1.145  -2.400  -12.270 1.00 10.48 ? 124 PRO A CD  1 
ATOM   793  N N   . THR A 1 107 ? -2.295  -4.256  -16.278 1.00 13.83 ? 125 THR A N   1 
ATOM   794  C CA  . THR A 1 107 ? -2.623  -3.806  -17.628 1.00 15.19 ? 125 THR A CA  1 
ATOM   795  C C   . THR A 1 107 ? -4.127  -3.964  -17.789 1.00 14.09 ? 125 THR A C   1 
ATOM   796  O O   . THR A 1 107 ? -4.679  -3.797  -18.870 1.00 15.73 ? 125 THR A O   1 
ATOM   797  C CB  . THR A 1 107 ? -1.858  -4.542  -18.787 1.00 15.38 ? 125 THR A CB  1 
ATOM   798  O OG1 . THR A 1 107 ? -2.056  -5.960  -18.696 1.00 19.20 ? 125 THR A OG1 1 
ATOM   799  C CG2 . THR A 1 107 ? -0.342  -4.221  -18.737 1.00 18.14 ? 125 THR A CG2 1 
ATOM   800  N N   . SER A 1 108 ? -4.773  -4.269  -16.670 1.00 12.41 ? 127 SER A N   1 
ATOM   801  C CA  . SER A 1 108 ? -6.212  -4.469  -16.601 1.00 10.47 ? 127 SER A CA  1 
ATOM   802  C C   . SER A 1 108 ? -6.576  -4.667  -15.132 1.00 9.16  ? 127 SER A C   1 
ATOM   803  O O   . SER A 1 108 ? -5.798  -5.241  -14.363 1.00 7.84  ? 127 SER A O   1 
ATOM   804  C CB  . SER A 1 108 ? -6.660  -5.677  -17.458 1.00 10.62 ? 127 SER A CB  1 
ATOM   805  O OG  . SER A 1 108 ? -6.134  -6.897  -16.961 1.00 13.03 ? 127 SER A OG  1 
ATOM   806  N N   . CYS A 1 109 ? -7.747  -4.161  -14.752 1.00 8.72  ? 128 CYS A N   1 
ATOM   807  C CA  . CYS A 1 109 ? -8.240  -4.243  -13.380 1.00 8.96  ? 128 CYS A CA  1 
ATOM   808  C C   . CYS A 1 109 ? -8.597  -5.672  -12.964 1.00 9.03  ? 128 CYS A C   1 
ATOM   809  O O   . CYS A 1 109 ? -8.934  -6.516  -13.808 1.00 8.91  ? 128 CYS A O   1 
ATOM   810  C CB  . CYS A 1 109 ? -9.450  -3.326  -13.236 1.00 7.15  ? 128 CYS A CB  1 
ATOM   811  S SG  . CYS A 1 109 ? -9.212  -1.698  -14.020 1.00 7.81  ? 128 CYS A SG  1 
ATOM   812  N N   . ALA A 1 110 ? -8.541  -5.919  -11.657 1.00 8.27  ? 129 ALA A N   1 
ATOM   813  C CA  . ALA A 1 110 ? -8.834  -7.232  -11.099 1.00 7.21  ? 129 ALA A CA  1 
ATOM   814  C C   . ALA A 1 110 ? -10.324 -7.471  -10.854 1.00 10.15 ? 129 ALA A C   1 
ATOM   815  O O   . ALA A 1 110 ? -11.065 -6.559  -10.467 1.00 10.02 ? 129 ALA A O   1 
ATOM   816  C CB  . ALA A 1 110 ? -8.047  -7.441  -9.805  1.00 7.66  ? 129 ALA A CB  1 
ATOM   817  N N   . SER A 1 111 ? -10.753 -8.710  -11.080 1.00 9.36  ? 130 SER A N   1 
ATOM   818  C CA  . SER A 1 111 ? -12.146 -9.097  -10.903 1.00 7.87  ? 130 SER A CA  1 
ATOM   819  C C   . SER A 1 111 ? -12.490 -9.402  -9.447  1.00 8.21  ? 130 SER A C   1 
ATOM   820  O O   . SER A 1 111 ? -11.620 -9.780  -8.656  1.00 7.79  ? 130 SER A O   1 
ATOM   821  C CB  . SER A 1 111 ? -12.443 -10.309 -11.770 1.00 7.80  ? 130 SER A CB  1 
ATOM   822  O OG  . SER A 1 111 ? -11.410 -11.272 -11.657 1.00 8.78  ? 130 SER A OG  1 
ATOM   823  N N   . ALA A 1 112 ? -13.760 -9.218  -9.091  1.00 7.43  ? 132 ALA A N   1 
ATOM   824  C CA  . ALA A 1 112 ? -14.218 -9.502  -7.733  1.00 6.54  ? 132 ALA A CA  1 
ATOM   825  C C   . ALA A 1 112 ? -13.921 -10.975 -7.445  1.00 6.19  ? 132 ALA A C   1 
ATOM   826  O O   . ALA A 1 112 ? -14.157 -11.846 -8.285  1.00 5.64  ? 132 ALA A O   1 
ATOM   827  C CB  . ALA A 1 112 ? -15.729 -9.220  -7.605  1.00 5.78  ? 132 ALA A CB  1 
ATOM   828  N N   . GLY A 1 113 ? -13.389 -11.247 -6.264  1.00 5.10  ? 133 GLY A N   1 
ATOM   829  C CA  . GLY A 1 113 ? -13.062 -12.615 -5.908  1.00 6.51  ? 133 GLY A CA  1 
ATOM   830  C C   . GLY A 1 113 ? -11.568 -12.872 -6.012  1.00 8.07  ? 133 GLY A C   1 
ATOM   831  O O   . GLY A 1 113 ? -11.044 -13.808 -5.406  1.00 7.24  ? 133 GLY A O   1 
ATOM   832  N N   . THR A 1 114 ? -10.887 -12.056 -6.808  1.00 7.62  ? 134 THR A N   1 
ATOM   833  C CA  . THR A 1 114 ? -9.449  -12.186 -6.974  1.00 7.51  ? 134 THR A CA  1 
ATOM   834  C C   . THR A 1 114 ? -8.827  -12.047 -5.592  1.00 7.97  ? 134 THR A C   1 
ATOM   835  O O   . THR A 1 114 ? -9.053  -11.048 -4.913  1.00 7.53  ? 134 THR A O   1 
ATOM   836  C CB  . THR A 1 114 ? -8.899  -11.065 -7.895  1.00 8.41  ? 134 THR A CB  1 
ATOM   837  O OG1 . THR A 1 114 ? -9.406  -11.250 -9.224  1.00 8.04  ? 134 THR A OG1 1 
ATOM   838  C CG2 . THR A 1 114 ? -7.337  -11.064 -7.924  1.00 8.56  ? 134 THR A CG2 1 
ATOM   839  N N   . GLN A 1 115 ? -8.136  -13.087 -5.128  1.00 9.43  ? 135 GLN A N   1 
ATOM   840  C CA  . GLN A 1 115 ? -7.490  -13.002 -3.818  1.00 10.01 ? 135 GLN A CA  1 
ATOM   841  C C   . GLN A 1 115 ? -6.202  -12.208 -3.969  1.00 9.06  ? 135 GLN A C   1 
ATOM   842  O O   . GLN A 1 115 ? -5.509  -12.317 -4.981  1.00 9.12  ? 135 GLN A O   1 
ATOM   843  C CB  . GLN A 1 115 ? -7.191  -14.362 -3.211  1.00 10.68 ? 135 GLN A CB  1 
ATOM   844  C CG  . GLN A 1 115 ? -6.545  -14.199 -1.811  1.00 13.86 ? 135 GLN A CG  1 
ATOM   845  C CD  . GLN A 1 115 ? -7.239  -14.997 -0.720  1.00 16.63 ? 135 GLN A CD  1 
ATOM   846  O OE1 . GLN A 1 115 ? -6.684  -15.976 -0.215  1.00 18.11 ? 135 GLN A OE1 1 
ATOM   847  N NE2 . GLN A 1 115 ? -8.452  -14.576 -0.335  1.00 15.65 ? 135 GLN A NE2 1 
ATOM   848  N N   . CYS A 1 116 ? -5.885  -11.403 -2.967  1.00 8.26  ? 136 CYS A N   1 
ATOM   849  C CA  . CYS A 1 116 ? -4.700  -10.573 -3.046  1.00 9.31  ? 136 CYS A CA  1 
ATOM   850  C C   . CYS A 1 116 ? -3.857  -10.651 -1.792  1.00 9.08  ? 136 CYS A C   1 
ATOM   851  O O   . CYS A 1 116 ? -4.275  -11.210 -0.766  1.00 8.94  ? 136 CYS A O   1 
ATOM   852  C CB  . CYS A 1 116 ? -5.098  -9.098  -3.281  1.00 7.98  ? 136 CYS A CB  1 
ATOM   853  S SG  . CYS A 1 116 ? -6.240  -8.825  -4.654  1.00 7.27  ? 136 CYS A SG  1 
ATOM   854  N N   . LEU A 1 117 ? -2.654  -10.098 -1.901  1.00 8.52  ? 137 LEU A N   1 
ATOM   855  C CA  . LEU A 1 117 ? -1.733  -10.046 -0.786  1.00 9.38  ? 137 LEU A CA  1 
ATOM   856  C C   . LEU A 1 117 ? -1.581  -8.591  -0.363  1.00 8.78  ? 137 LEU A C   1 
ATOM   857  O O   . LEU A 1 117 ? -1.166  -7.742  -1.158  1.00 8.58  ? 137 LEU A O   1 
ATOM   858  C CB  . LEU A 1 117 ? -0.353  -10.621 -1.176  1.00 9.43  ? 137 LEU A CB  1 
ATOM   859  C CG  . LEU A 1 117 ? 0.718   -10.566 -0.066  1.00 6.45  ? 137 LEU A CG  1 
ATOM   860  C CD1 . LEU A 1 117 ? 0.245   -11.357 1.166   1.00 7.35  ? 137 LEU A CD1 1 
ATOM   861  C CD2 . LEU A 1 117 ? 2.040   -11.127 -0.602  1.00 7.21  ? 137 LEU A CD2 1 
ATOM   862  N N   . ILE A 1 118 ? -1.975  -8.308  0.876   1.00 9.00  ? 138 ILE A N   1 
ATOM   863  C CA  . ILE A 1 118 ? -1.870  -6.973  1.448   1.00 6.60  ? 138 ILE A CA  1 
ATOM   864  C C   . ILE A 1 118 ? -0.849  -7.097  2.571   1.00 5.82  ? 138 ILE A C   1 
ATOM   865  O O   . ILE A 1 118 ? -0.869  -8.063  3.333   1.00 5.44  ? 138 ILE A O   1 
ATOM   866  C CB  . ILE A 1 118 ? -3.212  -6.511  2.024   1.00 6.42  ? 138 ILE A CB  1 
ATOM   867  C CG1 . ILE A 1 118 ? -4.318  -6.784  0.981   1.00 2.85  ? 138 ILE A CG1 1 
ATOM   868  C CG2 . ILE A 1 118 ? -3.150  -4.999  2.370   1.00 6.07  ? 138 ILE A CG2 1 
ATOM   869  C CD1 . ILE A 1 118 ? -5.717  -6.333  1.385   1.00 5.25  ? 138 ILE A CD1 1 
ATOM   870  N N   . SER A 1 119 ? 0.077   -6.151  2.643   1.00 6.43  ? 139 SER A N   1 
ATOM   871  C CA  . SER A 1 119 ? 1.099   -6.203  3.675   1.00 6.32  ? 139 SER A CA  1 
ATOM   872  C C   . SER A 1 119 ? 1.463   -4.838  4.248   1.00 6.09  ? 139 SER A C   1 
ATOM   873  O O   . SER A 1 119 ? 1.173   -3.796  3.649   1.00 4.89  ? 139 SER A O   1 
ATOM   874  C CB  . SER A 1 119 ? 2.364   -6.924  3.141   1.00 6.89  ? 139 SER A CB  1 
ATOM   875  O OG  . SER A 1 119 ? 2.681   -6.504  1.823   1.00 7.22  ? 139 SER A OG  1 
ATOM   876  N N   . GLY A 1 120 ? 2.097   -4.859  5.416   1.00 5.43  ? 140 GLY A N   1 
ATOM   877  C CA  . GLY A 1 120 ? 2.490   -3.624  6.066   1.00 5.26  ? 140 GLY A CA  1 
ATOM   878  C C   . GLY A 1 120 ? 2.861   -3.777  7.535   1.00 4.65  ? 140 GLY A C   1 
ATOM   879  O O   . GLY A 1 120 ? 2.714   -4.849  8.132   1.00 2.55  ? 140 GLY A O   1 
ATOM   880  N N   . TRP A 1 121 ? 3.339   -2.679  8.116   1.00 3.24  ? 141 TRP A N   1 
ATOM   881  C CA  . TRP A 1 121 ? 3.746   -2.648  9.514   1.00 3.89  ? 141 TRP A CA  1 
ATOM   882  C C   . TRP A 1 121 ? 2.759   -1.807  10.310  1.00 5.13  ? 141 TRP A C   1 
ATOM   883  O O   . TRP A 1 121 ? 3.118   -1.217  11.327  1.00 6.58  ? 141 TRP A O   1 
ATOM   884  C CB  . TRP A 1 121 ? 5.149   -2.041  9.643   1.00 2.00  ? 141 TRP A CB  1 
ATOM   885  C CG  . TRP A 1 121 ? 6.235   -2.911  9.125   1.00 2.00  ? 141 TRP A CG  1 
ATOM   886  C CD1 . TRP A 1 121 ? 6.841   -3.932  9.785   1.00 2.26  ? 141 TRP A CD1 1 
ATOM   887  C CD2 . TRP A 1 121 ? 6.876   -2.822  7.844   1.00 3.00  ? 141 TRP A CD2 1 
ATOM   888  N NE1 . TRP A 1 121 ? 7.825   -4.483  9.006   1.00 3.26  ? 141 TRP A NE1 1 
ATOM   889  C CE2 . TRP A 1 121 ? 7.868   -3.823  7.805   1.00 2.00  ? 141 TRP A CE2 1 
ATOM   890  C CE3 . TRP A 1 121 ? 6.710   -1.992  6.726   1.00 2.00  ? 141 TRP A CE3 1 
ATOM   891  C CZ2 . TRP A 1 121 ? 8.692   -4.025  6.692   1.00 2.00  ? 141 TRP A CZ2 1 
ATOM   892  C CZ3 . TRP A 1 121 ? 7.529   -2.191  5.619   1.00 3.96  ? 141 TRP A CZ3 1 
ATOM   893  C CH2 . TRP A 1 121 ? 8.507   -3.201  5.612   1.00 2.00  ? 141 TRP A CH2 1 
ATOM   894  N N   . GLY A 1 122 ? 1.520   -1.749  9.831   1.00 4.26  ? 142 GLY A N   1 
ATOM   895  C CA  . GLY A 1 122 ? 0.507   -0.962  10.505  1.00 5.39  ? 142 GLY A CA  1 
ATOM   896  C C   . GLY A 1 122 ? 0.041   -1.531  11.833  1.00 6.56  ? 142 GLY A C   1 
ATOM   897  O O   . GLY A 1 122 ? 0.648   -2.458  12.381  1.00 9.37  ? 142 GLY A O   1 
ATOM   898  N N   . ASN A 1 123 ? -1.033  -0.940  12.350  1.00 7.91  ? 143 ASN A N   1 
ATOM   899  C CA  . ASN A 1 123 ? -1.652  -1.334  13.611  1.00 8.12  ? 143 ASN A CA  1 
ATOM   900  C C   . ASN A 1 123 ? -2.251  -2.742  13.473  1.00 9.16  ? 143 ASN A C   1 
ATOM   901  O O   . ASN A 1 123 ? -3.022  -3.012  12.541  1.00 9.76  ? 143 ASN A O   1 
ATOM   902  C CB  . ASN A 1 123 ? -2.755  -0.301  13.983  1.00 6.89  ? 143 ASN A CB  1 
ATOM   903  C CG  . ASN A 1 123 ? -3.431  -0.617  15.300  1.00 9.61  ? 143 ASN A CG  1 
ATOM   904  O OD1 . ASN A 1 123 ? -3.002  -1.513  16.029  1.00 10.13 ? 143 ASN A OD1 1 
ATOM   905  N ND2 . ASN A 1 123 ? -4.497  0.119   15.614  1.00 8.09  ? 143 ASN A ND2 1 
ATOM   906  N N   . THR A 1 124 ? -1.891  -3.636  14.394  1.00 9.71  ? 144 THR A N   1 
ATOM   907  C CA  . THR A 1 124 ? -2.378  -5.015  14.354  1.00 10.66 ? 144 THR A CA  1 
ATOM   908  C C   . THR A 1 124 ? -3.660  -5.286  15.140  1.00 11.48 ? 144 THR A C   1 
ATOM   909  O O   . THR A 1 124 ? -4.140  -6.426  15.187  1.00 11.00 ? 144 THR A O   1 
ATOM   910  C CB  . THR A 1 124 ? -1.292  -6.019  14.790  1.00 10.58 ? 144 THR A CB  1 
ATOM   911  O OG1 . THR A 1 124 ? -0.969  -5.810  16.169  1.00 13.81 ? 144 THR A OG1 1 
ATOM   912  C CG2 . THR A 1 124 ? -0.007  -5.831  13.931  1.00 9.97  ? 144 THR A CG2 1 
ATOM   913  N N   . LYS A 1 125 ? -4.201  -4.254  15.778  1.00 11.52 ? 145 LYS A N   1 
ATOM   914  C CA  . LYS A 1 125 ? -5.444  -4.418  16.517  1.00 14.68 ? 145 LYS A CA  1 
ATOM   915  C C   . LYS A 1 125 ? -6.588  -3.491  16.096  1.00 15.43 ? 145 LYS A C   1 
ATOM   916  O O   . LYS A 1 125 ? -6.398  -2.290  15.856  1.00 16.82 ? 145 LYS A O   1 
ATOM   917  C CB  . LYS A 1 125 ? -5.223  -4.382  18.036  1.00 16.68 ? 145 LYS A CB  1 
ATOM   918  C CG  . LYS A 1 125 ? -4.384  -3.272  18.599  1.00 20.67 ? 145 LYS A CG  1 
ATOM   919  C CD  . LYS A 1 125 ? -4.479  -3.813  20.054  1.00 24.46 ? 145 LYS A CD  1 
ATOM   920  C CE  . LYS A 1 125 ? -3.661  -3.117  21.134  1.00 27.09 ? 145 LYS A CE  1 
ATOM   921  N NZ  . LYS A 1 125 ? -3.980  -1.664  21.225  1.00 29.61 ? 145 LYS A NZ  1 
ATOM   922  N N   . SER A 1 126 ? -7.773  -4.090  15.988  1.00 15.37 ? 146 SER A N   1 
ATOM   923  C CA  . SER A 1 126 ? -9.001  -3.419  15.580  1.00 16.31 ? 146 SER A CA  1 
ATOM   924  C C   . SER A 1 126 ? -9.520  -2.433  16.616  1.00 17.22 ? 146 SER A C   1 
ATOM   925  O O   . SER A 1 126 ? -10.452 -1.669  16.357  1.00 18.45 ? 146 SER A O   1 
ATOM   926  C CB  . SER A 1 126 ? -10.047 -4.461  15.299  1.00 16.45 ? 146 SER A CB  1 
ATOM   927  O OG  . SER A 1 126 ? -10.015 -5.463  16.305  1.00 15.50 ? 146 SER A OG  1 
ATOM   928  N N   . SER A 1 127 ? -8.973  -2.518  17.819  1.00 17.20 ? 147 SER A N   1 
ATOM   929  C CA  . SER A 1 127 ? -9.350  -1.610  18.886  1.00 17.56 ? 147 SER A CA  1 
ATOM   930  C C   . SER A 1 127 ? -8.059  -1.266  19.604  1.00 18.46 ? 147 SER A C   1 
ATOM   931  O O   . SER A 1 127 ? -7.370  -2.149  20.132  1.00 17.87 ? 147 SER A O   1 
ATOM   932  C CB  . SER A 1 127 ? -10.336 -2.257  19.847  1.00 19.05 ? 147 SER A CB  1 
ATOM   933  O OG  . SER A 1 127 ? -10.842 -1.291  20.764  1.00 20.31 ? 147 SER A OG  1 
ATOM   934  N N   . GLY A 1 128 ? -7.725  0.019   19.612  1.00 17.88 ? 148 GLY A N   1 
ATOM   935  C CA  . GLY A 1 128 ? -6.484  0.433   20.236  1.00 18.83 ? 148 GLY A CA  1 
ATOM   936  C C   . GLY A 1 128 ? -5.394  0.328   19.180  1.00 18.75 ? 148 GLY A C   1 
ATOM   937  O O   . GLY A 1 128 ? -5.692  0.344   17.979  1.00 17.85 ? 148 GLY A O   1 
ATOM   938  N N   . THR A 1 129 ? -4.146  0.165   19.604  1.00 19.31 ? 149 THR A N   1 
ATOM   939  C CA  . THR A 1 129 ? -3.051  0.076   18.648  1.00 20.92 ? 149 THR A CA  1 
ATOM   940  C C   . THR A 1 129 ? -1.805  -0.645  19.165  1.00 21.16 ? 149 THR A C   1 
ATOM   941  O O   . THR A 1 129 ? -1.384  -0.453  20.304  1.00 21.20 ? 149 THR A O   1 
ATOM   942  C CB  . THR A 1 129 ? -2.644  1.484   18.145  1.00 21.85 ? 149 THR A CB  1 
ATOM   943  O OG1 . THR A 1 129 ? -1.347  1.424   17.530  1.00 24.12 ? 149 THR A OG1 1 
ATOM   944  C CG2 . THR A 1 129 ? -2.606  2.480   19.311  1.00 23.83 ? 149 THR A CG2 1 
ATOM   945  N N   . SER A 1 130 ? -1.255  -1.504  18.312  1.00 21.00 ? 150 SER A N   1 
ATOM   946  C CA  . SER A 1 130 ? -0.045  -2.262  18.603  1.00 20.73 ? 150 SER A CA  1 
ATOM   947  C C   . SER A 1 130 ? 0.666   -2.480  17.270  1.00 20.15 ? 150 SER A C   1 
ATOM   948  O O   . SER A 1 130 ? 0.096   -3.039  16.325  1.00 18.82 ? 150 SER A O   1 
ATOM   949  C CB  . SER A 1 130 ? -0.367  -3.628  19.288  1.00 23.41 ? 150 SER A CB  1 
ATOM   950  O OG  . SER A 1 130 ? -1.302  -4.385  18.535  1.00 26.65 ? 150 SER A OG  1 
ATOM   951  N N   . TYR A 1 131 ? 1.893   -1.982  17.180  1.00 18.89 ? 151 TYR A N   1 
ATOM   952  C CA  . TYR A 1 131 ? 2.666   -2.109  15.953  1.00 17.95 ? 151 TYR A CA  1 
ATOM   953  C C   . TYR A 1 131 ? 3.690   -3.234  15.991  1.00 16.00 ? 151 TYR A C   1 
ATOM   954  O O   . TYR A 1 131 ? 4.372   -3.448  17.000  1.00 17.48 ? 151 TYR A O   1 
ATOM   955  C CB  . TYR A 1 131 ? 3.311   -0.786  15.618  1.00 20.44 ? 151 TYR A CB  1 
ATOM   956  C CG  . TYR A 1 131 ? 2.286   0.294   15.346  1.00 23.46 ? 151 TYR A CG  1 
ATOM   957  C CD1 . TYR A 1 131 ? 1.523   0.275   14.179  1.00 23.86 ? 151 TYR A CD1 1 
ATOM   958  C CD2 . TYR A 1 131 ? 2.052   1.311   16.270  1.00 24.64 ? 151 TYR A CD2 1 
ATOM   959  C CE1 . TYR A 1 131 ? 0.550   1.237   13.935  1.00 26.04 ? 151 TYR A CE1 1 
ATOM   960  C CE2 . TYR A 1 131 ? 1.075   2.283   16.038  1.00 27.10 ? 151 TYR A CE2 1 
ATOM   961  C CZ  . TYR A 1 131 ? 0.327   2.239   14.867  1.00 27.32 ? 151 TYR A CZ  1 
ATOM   962  O OH  . TYR A 1 131 ? -0.663  3.182   14.637  1.00 28.03 ? 151 TYR A OH  1 
ATOM   963  N N   . PRO A 1 132 ? 3.796   -3.987  14.892  1.00 13.77 ? 152 PRO A N   1 
ATOM   964  C CA  . PRO A 1 132 ? 4.749   -5.097  14.824  1.00 12.47 ? 152 PRO A CA  1 
ATOM   965  C C   . PRO A 1 132 ? 6.160   -4.637  14.462  1.00 10.58 ? 152 PRO A C   1 
ATOM   966  O O   . PRO A 1 132 ? 6.390   -3.466  14.162  1.00 9.72  ? 152 PRO A O   1 
ATOM   967  C CB  . PRO A 1 132 ? 4.160   -5.949  13.725  1.00 11.78 ? 152 PRO A CB  1 
ATOM   968  C CG  . PRO A 1 132 ? 3.670   -4.909  12.750  1.00 9.99  ? 152 PRO A CG  1 
ATOM   969  C CD  . PRO A 1 132 ? 3.004   -3.888  13.651  1.00 11.84 ? 152 PRO A CD  1 
ATOM   970  N N   . ASP A 1 133 ? 7.113   -5.560  14.550  1.00 12.23 ? 153 ASP A N   1 
ATOM   971  C CA  . ASP A 1 133 ? 8.495   -5.287  14.174  1.00 10.24 ? 153 ASP A CA  1 
ATOM   972  C C   . ASP A 1 133 ? 8.622   -5.721  12.721  1.00 9.34  ? 153 ASP A C   1 
ATOM   973  O O   . ASP A 1 133 ? 9.068   -4.963  11.861  1.00 8.81  ? 153 ASP A O   1 
ATOM   974  C CB  . ASP A 1 133 ? 9.474   -6.140  15.007  1.00 14.58 ? 153 ASP A CB  1 
ATOM   975  C CG  . ASP A 1 133 ? 9.629   -5.648  16.422  1.00 16.16 ? 153 ASP A CG  1 
ATOM   976  O OD1 . ASP A 1 133 ? 9.414   -4.441  16.664  1.00 19.98 ? 153 ASP A OD1 1 
ATOM   977  O OD2 . ASP A 1 133 ? 9.976   -6.470  17.293  1.00 17.66 ? 153 ASP A OD2 1 
ATOM   978  N N   . VAL A 1 134 ? 8.228   -6.967  12.474  1.00 8.81  ? 154 VAL A N   1 
ATOM   979  C CA  . VAL A 1 134 ? 8.304   -7.565  11.152  1.00 7.89  ? 154 VAL A CA  1 
ATOM   980  C C   . VAL A 1 134 ? 7.066   -7.317  10.311  1.00 7.25  ? 154 VAL A C   1 
ATOM   981  O O   . VAL A 1 134 ? 5.978   -7.060  10.825  1.00 5.40  ? 154 VAL A O   1 
ATOM   982  C CB  . VAL A 1 134 ? 8.546   -9.088  11.240  1.00 10.22 ? 154 VAL A CB  1 
ATOM   983  C CG1 . VAL A 1 134 ? 9.813   -9.374  12.112  1.00 9.47  ? 154 VAL A CG1 1 
ATOM   984  C CG2 . VAL A 1 134 ? 7.294   -9.804  11.813  1.00 8.55  ? 154 VAL A CG2 1 
ATOM   985  N N   . LEU A 1 135 ? 7.251   -7.417  9.002   1.00 7.74  ? 155 LEU A N   1 
ATOM   986  C CA  . LEU A 1 135 ? 6.179   -7.202  8.048   1.00 5.24  ? 155 LEU A CA  1 
ATOM   987  C C   . LEU A 1 135 ? 5.076   -8.248  8.196   1.00 5.31  ? 155 LEU A C   1 
ATOM   988  O O   . LEU A 1 135 ? 5.344   -9.448  8.304   1.00 3.88  ? 155 LEU A O   1 
ATOM   989  C CB  . LEU A 1 135 ? 6.737   -7.228  6.639   1.00 4.01  ? 155 LEU A CB  1 
ATOM   990  C CG  . LEU A 1 135 ? 5.794   -6.861  5.508   1.00 2.74  ? 155 LEU A CG  1 
ATOM   991  C CD1 . LEU A 1 135 ? 5.330   -5.406  5.611   1.00 2.95  ? 155 LEU A CD1 1 
ATOM   992  C CD2 . LEU A 1 135 ? 6.578   -7.087  4.215   1.00 2.39  ? 155 LEU A CD2 1 
ATOM   993  N N   . LYS A 1 136 ? 3.835   -7.771  8.214   1.00 5.02  ? 156 LYS A N   1 
ATOM   994  C CA  . LYS A 1 136 ? 2.668   -8.633  8.333   1.00 5.01  ? 156 LYS A CA  1 
ATOM   995  C C   . LYS A 1 136 ? 1.978   -8.757  6.980   1.00 5.81  ? 156 LYS A C   1 
ATOM   996  O O   . LYS A 1 136 ? 1.966   -7.812  6.183   1.00 2.93  ? 156 LYS A O   1 
ATOM   997  C CB  . LYS A 1 136 ? 1.699   -8.071  9.371   1.00 5.61  ? 156 LYS A CB  1 
ATOM   998  C CG  . LYS A 1 136 ? 2.305   -7.988  10.761  1.00 6.40  ? 156 LYS A CG  1 
ATOM   999  C CD  . LYS A 1 136 ? 2.637   -9.400  11.252  1.00 5.79  ? 156 LYS A CD  1 
ATOM   1000 C CE  . LYS A 1 136 ? 3.444   -9.368  12.542  1.00 8.78  ? 156 LYS A CE  1 
ATOM   1001 N NZ  . LYS A 1 136 ? 3.460   -10.702 13.221  1.00 9.70  ? 156 LYS A NZ  1 
ATOM   1002 N N   . CYS A 1 137 ? 1.412   -9.936  6.736   1.00 6.78  ? 157 CYS A N   1 
ATOM   1003 C CA  . CYS A 1 137 ? 0.711   -10.241 5.494   1.00 8.07  ? 157 CYS A CA  1 
ATOM   1004 C C   . CYS A 1 137 ? -0.771  -10.527 5.716   1.00 8.67  ? 157 CYS A C   1 
ATOM   1005 O O   . CYS A 1 137 ? -1.226  -10.711 6.845   1.00 10.01 ? 157 CYS A O   1 
ATOM   1006 C CB  . CYS A 1 137 ? 1.352   -11.471 4.794   1.00 8.66  ? 157 CYS A CB  1 
ATOM   1007 S SG  . CYS A 1 137 ? 2.838   -11.131 3.814   1.00 8.04  ? 157 CYS A SG  1 
ATOM   1008 N N   . LEU A 1 138 ? -1.508  -10.590 4.615   1.00 8.63  ? 158 LEU A N   1 
ATOM   1009 C CA  . LEU A 1 138 ? -2.929  -10.885 4.645   1.00 7.23  ? 158 LEU A CA  1 
ATOM   1010 C C   . LEU A 1 138 ? -3.418  -11.203 3.238   1.00 5.99  ? 158 LEU A C   1 
ATOM   1011 O O   . LEU A 1 138 ? -3.189  -10.437 2.302   1.00 5.92  ? 158 LEU A O   1 
ATOM   1012 C CB  . LEU A 1 138 ? -3.736  -9.696  5.216   1.00 6.27  ? 158 LEU A CB  1 
ATOM   1013 C CG  . LEU A 1 138 ? -5.279  -9.958  5.308   1.00 5.25  ? 158 LEU A CG  1 
ATOM   1014 C CD1 . LEU A 1 138 ? -5.552  -11.024 6.373   1.00 5.23  ? 158 LEU A CD1 1 
ATOM   1015 C CD2 . LEU A 1 138 ? -6.057  -8.674  5.632   1.00 5.14  ? 158 LEU A CD2 1 
ATOM   1016 N N   . LYS A 1 139 ? -4.042  -12.365 3.086   1.00 6.91  ? 159 LYS A N   1 
ATOM   1017 C CA  . LYS A 1 139 ? -4.585  -12.772 1.798   1.00 6.77  ? 159 LYS A CA  1 
ATOM   1018 C C   . LYS A 1 139 ? -6.048  -12.386 1.886   1.00 5.98  ? 159 LYS A C   1 
ATOM   1019 O O   . LYS A 1 139 ? -6.794  -12.926 2.699   1.00 5.96  ? 159 LYS A O   1 
ATOM   1020 C CB  . LYS A 1 139 ? -4.443  -14.280 1.589   1.00 7.04  ? 159 LYS A CB  1 
ATOM   1021 C CG  . LYS A 1 139 ? -3.062  -14.824 1.920   1.00 8.12  ? 159 LYS A CG  1 
ATOM   1022 C CD  . LYS A 1 139 ? -2.987  -14.325 3.374   1.00 12.95 ? 159 LYS A CD  1 
ATOM   1023 C CE  . LYS A 1 139 ? -4.228  -14.800 4.236   1.00 11.73 ? 159 LYS A CE  1 
ATOM   1024 N NZ  . LYS A 1 139 ? -4.345  -14.127 5.570   1.00 4.81  ? 159 LYS A NZ  1 
ATOM   1025 N N   . ALA A 1 140 ? -6.421  -11.375 1.115   1.00 5.66  ? 160 ALA A N   1 
ATOM   1026 C CA  . ALA A 1 140 ? -7.783  -10.884 1.100   1.00 4.69  ? 160 ALA A CA  1 
ATOM   1027 C C   . ALA A 1 140 ? -8.270  -10.824 -0.334  1.00 4.04  ? 160 ALA A C   1 
ATOM   1028 O O   . ALA A 1 140 ? -7.507  -10.528 -1.249  1.00 4.66  ? 160 ALA A O   1 
ATOM   1029 C CB  . ALA A 1 140 ? -7.855  -9.485  1.758   1.00 4.15  ? 160 ALA A CB  1 
ATOM   1030 N N   . PRO A 1 141 ? -9.542  -11.173 -0.552  1.00 4.83  ? 161 PRO A N   1 
ATOM   1031 C CA  . PRO A 1 141 ? -10.133 -11.155 -1.890  1.00 4.38  ? 161 PRO A CA  1 
ATOM   1032 C C   . PRO A 1 141 ? -10.770 -9.801  -2.186  1.00 5.91  ? 161 PRO A C   1 
ATOM   1033 O O   . PRO A 1 141 ? -11.172 -9.080  -1.268  1.00 6.17  ? 161 PRO A O   1 
ATOM   1034 C CB  . PRO A 1 141 ? -11.188 -12.243 -1.789  1.00 2.68  ? 161 PRO A CB  1 
ATOM   1035 C CG  . PRO A 1 141 ? -11.710 -12.050 -0.394  1.00 2.04  ? 161 PRO A CG  1 
ATOM   1036 C CD  . PRO A 1 141 ? -10.449 -11.809 0.424   1.00 2.66  ? 161 PRO A CD  1 
ATOM   1037 N N   . ILE A 1 142 ? -10.807 -9.433  -3.464  1.00 5.51  ? 162 ILE A N   1 
ATOM   1038 C CA  . ILE A 1 142 ? -11.436 -8.186  -3.870  1.00 6.91  ? 162 ILE A CA  1 
ATOM   1039 C C   . ILE A 1 142 ? -12.951 -8.373  -3.712  1.00 7.33  ? 162 ILE A C   1 
ATOM   1040 O O   . ILE A 1 142 ? -13.502 -9.428  -4.058  1.00 8.15  ? 162 ILE A O   1 
ATOM   1041 C CB  . ILE A 1 142 ? -11.119 -7.850  -5.344  1.00 7.87  ? 162 ILE A CB  1 
ATOM   1042 C CG1 . ILE A 1 142 ? -9.647  -7.506  -5.491  1.00 7.38  ? 162 ILE A CG1 1 
ATOM   1043 C CG2 . ILE A 1 142 ? -12.040 -6.739  -5.859  1.00 8.83  ? 162 ILE A CG2 1 
ATOM   1044 C CD1 . ILE A 1 142 ? -9.254  -7.207  -6.917  1.00 8.49  ? 162 ILE A CD1 1 
ATOM   1045 N N   . LEU A 1 143 ? -13.619 -7.373  -3.152  1.00 6.05  ? 163 LEU A N   1 
ATOM   1046 C CA  . LEU A 1 143 ? -15.059 -7.464  -2.951  1.00 5.45  ? 163 LEU A CA  1 
ATOM   1047 C C   . LEU A 1 143 ? -15.839 -7.038  -4.192  1.00 5.53  ? 163 LEU A C   1 
ATOM   1048 O O   . LEU A 1 143 ? -15.393 -6.176  -4.952  1.00 6.23  ? 163 LEU A O   1 
ATOM   1049 C CB  . LEU A 1 143 ? -15.475 -6.637  -1.731  1.00 5.12  ? 163 LEU A CB  1 
ATOM   1050 C CG  . LEU A 1 143 ? -14.806 -7.067  -0.380  1.00 4.32  ? 163 LEU A CG  1 
ATOM   1051 C CD1 . LEU A 1 143 ? -15.288 -6.166  0.739   1.00 3.69  ? 163 LEU A CD1 1 
ATOM   1052 C CD2 . LEU A 1 143 ? -15.121 -8.527  -0.060  1.00 3.37  ? 163 LEU A CD2 1 
ATOM   1053 N N   . SER A 1 144 ? -16.993 -7.670  -4.406  1.00 5.78  ? 164 SER A N   1 
ATOM   1054 C CA  . SER A 1 144 ? -17.838 -7.344  -5.550  1.00 5.47  ? 164 SER A CA  1 
ATOM   1055 C C   . SER A 1 144 ? -18.192 -5.859  -5.492  1.00 6.73  ? 164 SER A C   1 
ATOM   1056 O O   . SER A 1 144 ? -18.123 -5.231  -4.429  1.00 6.49  ? 164 SER A O   1 
ATOM   1057 C CB  . SER A 1 144 ? -19.130 -8.191  -5.540  1.00 4.46  ? 164 SER A CB  1 
ATOM   1058 O OG  . SER A 1 144 ? -19.919 -7.907  -4.398  1.00 5.43  ? 164 SER A OG  1 
ATOM   1059 N N   . ASP A 1 145 ? -18.573 -5.298  -6.635  1.00 7.47  ? 165 ASP A N   1 
ATOM   1060 C CA  . ASP A 1 145 ? -18.924 -3.885  -6.690  1.00 8.72  ? 165 ASP A CA  1 
ATOM   1061 C C   . ASP A 1 145 ? -20.050 -3.555  -5.717  1.00 8.43  ? 165 ASP A C   1 
ATOM   1062 O O   . ASP A 1 145 ? -19.923 -2.634  -4.916  1.00 8.30  ? 165 ASP A O   1 
ATOM   1063 C CB  . ASP A 1 145 ? -19.339 -3.460  -8.131  1.00 11.32 ? 165 ASP A CB  1 
ATOM   1064 C CG  . ASP A 1 145 ? -18.169 -3.440  -9.104  1.00 10.43 ? 165 ASP A CG  1 
ATOM   1065 O OD1 . ASP A 1 145 ? -17.076 -3.936  -8.754  1.00 13.12 ? 165 ASP A OD1 1 
ATOM   1066 O OD2 . ASP A 1 145 ? -18.348 -2.927  -10.231 1.00 14.18 ? 165 ASP A OD2 1 
ATOM   1067 N N   . SER A 1 146 ? -21.139 -4.320  -5.775  1.00 7.55  ? 166 SER A N   1 
ATOM   1068 C CA  . SER A 1 146 ? -22.280 -4.072  -4.896  1.00 7.37  ? 166 SER A CA  1 
ATOM   1069 C C   . SER A 1 146 ? -21.973 -4.150  -3.395  1.00 8.26  ? 166 SER A C   1 
ATOM   1070 O O   . SER A 1 146 ? -22.391 -3.283  -2.633  1.00 7.40  ? 166 SER A O   1 
ATOM   1071 C CB  . SER A 1 146 ? -23.486 -4.977  -5.275  1.00 5.32  ? 166 SER A CB  1 
ATOM   1072 O OG  . SER A 1 146 ? -23.144 -6.351  -5.260  1.00 5.61  ? 166 SER A OG  1 
ATOM   1073 N N   . SER A 1 147 ? -21.235 -5.169  -2.963  1.00 8.76  ? 167 SER A N   1 
ATOM   1074 C CA  . SER A 1 147 ? -20.912 -5.285  -1.541  1.00 7.83  ? 167 SER A CA  1 
ATOM   1075 C C   . SER A 1 147 ? -20.011 -4.128  -1.109  1.00 7.13  ? 167 SER A C   1 
ATOM   1076 O O   . SER A 1 147 ? -20.063 -3.681  0.037   1.00 7.87  ? 167 SER A O   1 
ATOM   1077 C CB  . SER A 1 147 ? -20.234 -6.641  -1.216  1.00 7.58  ? 167 SER A CB  1 
ATOM   1078 O OG  . SER A 1 147 ? -18.903 -6.680  -1.697  1.00 8.79  ? 167 SER A OG  1 
ATOM   1079 N N   . CYS A 1 148 ? -19.167 -3.658  -2.021  1.00 7.49  ? 168 CYS A N   1 
ATOM   1080 C CA  . CYS A 1 148 ? -18.273 -2.548  -1.708  1.00 6.11  ? 168 CYS A CA  1 
ATOM   1081 C C   . CYS A 1 148 ? -19.074 -1.254  -1.523  1.00 8.40  ? 168 CYS A C   1 
ATOM   1082 O O   . CYS A 1 148 ? -18.850 -0.492  -0.576  1.00 8.89  ? 168 CYS A O   1 
ATOM   1083 C CB  . CYS A 1 148 ? -17.230 -2.367  -2.820  1.00 6.70  ? 168 CYS A CB  1 
ATOM   1084 S SG  . CYS A 1 148 ? -16.028 -1.051  -2.498  1.00 6.54  ? 168 CYS A SG  1 
ATOM   1085 N N   . LYS A 1 149 ? -20.015 -1.015  -2.432  1.00 7.86  ? 169 LYS A N   1 
ATOM   1086 C CA  . LYS A 1 149 ? -20.847 0.176   -2.375  1.00 6.95  ? 169 LYS A CA  1 
ATOM   1087 C C   . LYS A 1 149 ? -21.791 0.179   -1.168  1.00 6.71  ? 169 LYS A C   1 
ATOM   1088 O O   . LYS A 1 149 ? -22.133 1.247   -0.652  1.00 5.89  ? 169 LYS A O   1 
ATOM   1089 C CB  . LYS A 1 149 ? -21.661 0.333   -3.686  1.00 10.26 ? 169 LYS A CB  1 
ATOM   1090 C CG  . LYS A 1 149 ? -20.808 0.452   -4.971  1.00 10.16 ? 169 LYS A CG  1 
ATOM   1091 C CD  . LYS A 1 149 ? -21.633 1.052   -6.105  1.00 11.63 ? 169 LYS A CD  1 
ATOM   1092 C CE  . LYS A 1 149 ? -21.265 0.552   -7.498  1.00 13.72 ? 169 LYS A CE  1 
ATOM   1093 N NZ  . LYS A 1 149 ? -21.523 -0.917  -7.606  1.00 18.49 ? 169 LYS A NZ  1 
ATOM   1094 N N   . SER A 1 150 ? -22.201 -1.010  -0.719  1.00 6.07  ? 170 SER A N   1 
ATOM   1095 C CA  . SER A 1 150 ? -23.105 -1.132  0.432   1.00 6.82  ? 170 SER A CA  1 
ATOM   1096 C C   . SER A 1 150 ? -22.412 -0.780  1.739   1.00 6.28  ? 170 SER A C   1 
ATOM   1097 O O   . SER A 1 150 ? -23.014 -0.170  2.620   1.00 6.63  ? 170 SER A O   1 
ATOM   1098 C CB  . SER A 1 150 ? -23.680 -2.553  0.547   1.00 6.43  ? 170 SER A CB  1 
ATOM   1099 O OG  . SER A 1 150 ? -24.370 -2.912  -0.629  1.00 11.98 ? 170 SER A OG  1 
ATOM   1100 N N   . ALA A 1 151 ? -21.147 -1.181  1.856   1.00 7.63  ? 171 ALA A N   1 
ATOM   1101 C CA  . ALA A 1 151 ? -20.358 -0.919  3.055   1.00 7.98  ? 171 ALA A CA  1 
ATOM   1102 C C   . ALA A 1 151 ? -20.052 0.571   3.234   1.00 8.11  ? 171 ALA A C   1 
ATOM   1103 O O   . ALA A 1 151 ? -20.035 1.074   4.354   1.00 9.93  ? 171 ALA A O   1 
ATOM   1104 C CB  . ALA A 1 151 ? -19.054 -1.741  3.022   1.00 6.16  ? 171 ALA A CB  1 
ATOM   1105 N N   . TYR A 1 152 ? -19.793 1.266   2.131   1.00 7.34  ? 172 TYR A N   1 
ATOM   1106 C CA  . TYR A 1 152 ? -19.493 2.693   2.173   1.00 7.72  ? 172 TYR A CA  1 
ATOM   1107 C C   . TYR A 1 152 ? -20.410 3.391   1.191   1.00 7.09  ? 172 TYR A C   1 
ATOM   1108 O O   . TYR A 1 152 ? -19.990 3.816   0.114   1.00 7.89  ? 172 TYR A O   1 
ATOM   1109 C CB  . TYR A 1 152 ? -18.043 2.931   1.809   1.00 7.86  ? 172 TYR A CB  1 
ATOM   1110 C CG  . TYR A 1 152 ? -17.079 2.309   2.794   1.00 8.31  ? 172 TYR A CG  1 
ATOM   1111 C CD1 . TYR A 1 152 ? -16.854 2.896   4.035   1.00 8.37  ? 172 TYR A CD1 1 
ATOM   1112 C CD2 . TYR A 1 152 ? -16.399 1.135   2.488   1.00 7.37  ? 172 TYR A CD2 1 
ATOM   1113 C CE1 . TYR A 1 152 ? -15.980 2.335   4.943   1.00 7.78  ? 172 TYR A CE1 1 
ATOM   1114 C CE2 . TYR A 1 152 ? -15.516 0.563   3.393   1.00 7.06  ? 172 TYR A CE2 1 
ATOM   1115 C CZ  . TYR A 1 152 ? -15.311 1.167   4.619   1.00 7.17  ? 172 TYR A CZ  1 
ATOM   1116 O OH  . TYR A 1 152 ? -14.443 0.604   5.526   1.00 5.11  ? 172 TYR A OH  1 
ATOM   1117 N N   . PRO A 1 153 ? -21.693 3.499   1.551   1.00 8.59  ? 173 PRO A N   1 
ATOM   1118 C CA  . PRO A 1 153 ? -22.747 4.125   0.751   1.00 8.10  ? 173 PRO A CA  1 
ATOM   1119 C C   . PRO A 1 153 ? -22.342 5.476   0.157   1.00 9.80  ? 173 PRO A C   1 
ATOM   1120 O O   . PRO A 1 153 ? -22.117 6.443   0.891   1.00 8.49  ? 173 PRO A O   1 
ATOM   1121 C CB  . PRO A 1 153 ? -23.893 4.255   1.754   1.00 8.76  ? 173 PRO A CB  1 
ATOM   1122 C CG  . PRO A 1 153 ? -23.692 3.055   2.641   1.00 6.94  ? 173 PRO A CG  1 
ATOM   1123 C CD  . PRO A 1 153 ? -22.207 3.107   2.877   1.00 7.45  ? 173 PRO A CD  1 
ATOM   1124 N N   . GLY A 1 154 ? -22.209 5.507   -1.171  1.00 8.61  ? 174 GLY A N   1 
ATOM   1125 C CA  . GLY A 1 154 ? -21.839 6.723   -1.875  1.00 9.14  ? 174 GLY A CA  1 
ATOM   1126 C C   . GLY A 1 154 ? -20.427 7.243   -1.642  1.00 9.62  ? 174 GLY A C   1 
ATOM   1127 O O   . GLY A 1 154 ? -20.095 8.359   -2.049  1.00 8.86  ? 174 GLY A O   1 
ATOM   1128 N N   . GLN A 1 155 ? -19.590 6.427   -1.011  1.00 9.24  ? 175 GLN A N   1 
ATOM   1129 C CA  . GLN A 1 155 ? -18.215 6.813   -0.713  1.00 9.85  ? 175 GLN A CA  1 
ATOM   1130 C C   . GLN A 1 155 ? -17.201 6.095   -1.604  1.00 9.78  ? 175 GLN A C   1 
ATOM   1131 O O   . GLN A 1 155 ? -15.995 6.366   -1.544  1.00 9.24  ? 175 GLN A O   1 
ATOM   1132 C CB  . GLN A 1 155 ? -17.923 6.529   0.750   1.00 9.10  ? 175 GLN A CB  1 
ATOM   1133 C CG  . GLN A 1 155 ? -18.851 7.295   1.701   1.00 8.88  ? 175 GLN A CG  1 
ATOM   1134 C CD  . GLN A 1 155 ? -19.103 6.543   2.998   1.00 11.46 ? 175 GLN A CD  1 
ATOM   1135 O OE1 . GLN A 1 155 ? -20.241 6.461   3.474   1.00 12.39 ? 175 GLN A OE1 1 
ATOM   1136 N NE2 . GLN A 1 155 ? -18.042 5.987   3.577   1.00 12.33 ? 175 GLN A NE2 1 
ATOM   1137 N N   . ILE A 1 156 ? -17.688 5.197   -2.451  1.00 9.08  ? 176 ILE A N   1 
ATOM   1138 C CA  . ILE A 1 156 ? -16.792 4.458   -3.328  1.00 8.60  ? 176 ILE A CA  1 
ATOM   1139 C C   . ILE A 1 156 ? -16.788 5.010   -4.753  1.00 7.97  ? 176 ILE A C   1 
ATOM   1140 O O   . ILE A 1 156 ? -17.783 4.920   -5.468  1.00 9.67  ? 176 ILE A O   1 
ATOM   1141 C CB  . ILE A 1 156 ? -17.138 2.952   -3.353  1.00 7.11  ? 176 ILE A CB  1 
ATOM   1142 C CG1 . ILE A 1 156 ? -17.178 2.372   -1.903  1.00 6.32  ? 176 ILE A CG1 1 
ATOM   1143 C CG2 . ILE A 1 156 ? -16.129 2.221   -4.207  1.00 6.29  ? 176 ILE A CG2 1 
ATOM   1144 C CD1 . ILE A 1 156 ? -15.894 2.605   -1.122  1.00 3.38  ? 176 ILE A CD1 1 
ATOM   1145 N N   . THR A 1 157 ? -15.672 5.618   -5.145  1.00 7.70  ? 177 THR A N   1 
ATOM   1146 C CA  . THR A 1 157 ? -15.527 6.167   -6.492  1.00 6.86  ? 177 THR A CA  1 
ATOM   1147 C C   . THR A 1 157 ? -14.959 5.079   -7.402  1.00 7.21  ? 177 THR A C   1 
ATOM   1148 O O   . THR A 1 157 ? -14.486 4.054   -6.922  1.00 7.42  ? 177 THR A O   1 
ATOM   1149 C CB  . THR A 1 157 ? -14.556 7.355   -6.499  1.00 6.03  ? 177 THR A CB  1 
ATOM   1150 O OG1 . THR A 1 157 ? -13.232 6.883   -6.219  1.00 5.10  ? 177 THR A OG1 1 
ATOM   1151 C CG2 . THR A 1 157 ? -14.967 8.387   -5.433  1.00 3.77  ? 177 THR A CG2 1 
ATOM   1152 N N   . SER A 1 158 ? -14.963 5.317   -8.709  1.00 7.51  ? 178 SER A N   1 
ATOM   1153 C CA  . SER A 1 158 ? -14.444 4.333   -9.652  1.00 8.53  ? 178 SER A CA  1 
ATOM   1154 C C   . SER A 1 158 ? -12.920 4.137   -9.541  1.00 8.56  ? 178 SER A C   1 
ATOM   1155 O O   . SER A 1 158 ? -12.351 3.256   -10.188 1.00 6.15  ? 178 SER A O   1 
ATOM   1156 C CB  . SER A 1 158 ? -14.858 4.699   -11.093 1.00 10.04 ? 178 SER A CB  1 
ATOM   1157 O OG  . SER A 1 158 ? -14.418 5.999   -11.437 1.00 14.16 ? 178 SER A OG  1 
ATOM   1158 N N   . ASN A 1 159 ? -12.277 4.940   -8.695  1.00 8.77  ? 179 ASN A N   1 
ATOM   1159 C CA  . ASN A 1 159 ? -10.836 4.854   -8.465  1.00 7.89  ? 179 ASN A CA  1 
ATOM   1160 C C   . ASN A 1 159 ? -10.592 4.199   -7.111  1.00 7.86  ? 179 ASN A C   1 
ATOM   1161 O O   . ASN A 1 159 ? -9.580  4.449   -6.441  1.00 7.04  ? 179 ASN A O   1 
ATOM   1162 C CB  . ASN A 1 159 ? -10.231 6.222   -8.471  1.00 8.87  ? 179 ASN A CB  1 
ATOM   1163 C CG  . ASN A 1 159 ? -10.489 6.952   -9.761  1.00 9.62  ? 179 ASN A CG  1 
ATOM   1164 O OD1 . ASN A 1 159 ? -10.279 6.404   -10.843 1.00 11.35 ? 179 ASN A OD1 1 
ATOM   1165 N ND2 . ASN A 1 159 ? -10.952 8.195   -9.658  1.00 8.48  ? 179 ASN A ND2 1 
ATOM   1166 N N   . MET A 1 160 ? -11.543 3.362   -6.716  1.00 7.06  ? 180 MET A N   1 
ATOM   1167 C CA  . MET A 1 160 ? -11.474 2.661   -5.446  1.00 4.18  ? 180 MET A CA  1 
ATOM   1168 C C   . MET A 1 160 ? -12.125 1.294   -5.572  1.00 5.19  ? 180 MET A C   1 
ATOM   1169 O O   . MET A 1 160 ? -13.015 1.084   -6.401  1.00 3.90  ? 180 MET A O   1 
ATOM   1170 C CB  . MET A 1 160 ? -12.232 3.445   -4.369  1.00 4.90  ? 180 MET A CB  1 
ATOM   1171 C CG  . MET A 1 160 ? -11.681 4.810   -4.022  1.00 5.27  ? 180 MET A CG  1 
ATOM   1172 S SD  . MET A 1 160 ? -12.820 5.675   -2.916  1.00 7.39  ? 180 MET A SD  1 
ATOM   1173 C CE  . MET A 1 160 ? -12.188 7.388   -3.012  1.00 3.22  ? 180 MET A CE  1 
ATOM   1174 N N   . PHE A 1 161 ? -11.675 0.375   -4.730  1.00 4.18  ? 181 PHE A N   1 
ATOM   1175 C CA  . PHE A 1 161 ? -12.236 -0.963  -4.678  1.00 4.84  ? 181 PHE A CA  1 
ATOM   1176 C C   . PHE A 1 161 ? -12.074 -1.471  -3.253  1.00 4.55  ? 181 PHE A C   1 
ATOM   1177 O O   . PHE A 1 161 ? -11.221 -0.984  -2.509  1.00 5.54  ? 181 PHE A O   1 
ATOM   1178 C CB  . PHE A 1 161 ? -11.579 -1.927  -5.713  1.00 4.29  ? 181 PHE A CB  1 
ATOM   1179 C CG  . PHE A 1 161 ? -10.164 -2.321  -5.395  1.00 7.93  ? 181 PHE A CG  1 
ATOM   1180 C CD1 . PHE A 1 161 ? -9.899  -3.437  -4.610  1.00 5.34  ? 181 PHE A CD1 1 
ATOM   1181 C CD2 . PHE A 1 161 ? -9.095  -1.631  -5.952  1.00 7.21  ? 181 PHE A CD2 1 
ATOM   1182 C CE1 . PHE A 1 161 ? -8.595  -3.863  -4.395  1.00 6.97  ? 181 PHE A CE1 1 
ATOM   1183 C CE2 . PHE A 1 161 ? -7.783  -2.054  -5.740  1.00 7.76  ? 181 PHE A CE2 1 
ATOM   1184 C CZ  . PHE A 1 161 ? -7.536  -3.173  -4.961  1.00 6.32  ? 181 PHE A CZ  1 
ATOM   1185 N N   . CYS A 1 162 ? -12.973 -2.355  -2.838  1.00 4.09  ? 182 CYS A N   1 
ATOM   1186 C CA  . CYS A 1 162 ? -12.911 -2.906  -1.497  1.00 4.37  ? 182 CYS A CA  1 
ATOM   1187 C C   . CYS A 1 162 ? -12.277 -4.274  -1.567  1.00 4.63  ? 182 CYS A C   1 
ATOM   1188 O O   . CYS A 1 162 ? -12.339 -4.951  -2.591  1.00 4.98  ? 182 CYS A O   1 
ATOM   1189 C CB  . CYS A 1 162 ? -14.324 -3.009  -0.856  1.00 4.34  ? 182 CYS A CB  1 
ATOM   1190 S SG  . CYS A 1 162 ? -15.115 -1.414  -0.505  1.00 3.07  ? 182 CYS A SG  1 
ATOM   1191 N N   . ALA A 1 163 ? -11.645 -4.659  -0.472  1.00 4.40  ? 183 ALA A N   1 
ATOM   1192 C CA  . ALA A 1 163 ? -10.991 -5.949  -0.378  1.00 4.62  ? 183 ALA A CA  1 
ATOM   1193 C C   . ALA A 1 163 ? -10.876 -6.275  1.094   1.00 5.45  ? 183 ALA A C   1 
ATOM   1194 O O   . ALA A 1 163 ? -10.538 -5.414  1.908   1.00 5.48  ? 183 ALA A O   1 
ATOM   1195 C CB  . ALA A 1 163 ? -9.590  -5.906  -1.041  1.00 2.64  ? 183 ALA A CB  1 
ATOM   1196 N N   . GLY A 1 164 A -11.213 -7.510  1.438   1.00 7.25  ? 184 GLY A N   1 
ATOM   1197 C CA  . GLY A 1 164 A -11.140 -7.931  2.819   1.00 7.19  ? 184 GLY A CA  1 
ATOM   1198 C C   . GLY A 1 164 A -12.259 -8.889  3.173   1.00 7.94  ? 184 GLY A C   1 
ATOM   1199 O O   . GLY A 1 164 A -12.697 -9.695  2.352   1.00 6.21  ? 184 GLY A O   1 
ATOM   1200 N N   . TYR A 1 165 ? -12.748 -8.764  4.398   1.00 9.57  ? 184 TYR A N   1 
ATOM   1201 C CA  . TYR A 1 165 ? -13.803 -9.620  4.889   1.00 10.57 ? 184 TYR A CA  1 
ATOM   1202 C C   . TYR A 1 165 ? -14.892 -8.798  5.561   1.00 10.52 ? 184 TYR A C   1 
ATOM   1203 O O   . TYR A 1 165 ? -14.661 -8.143  6.585   1.00 11.34 ? 184 TYR A O   1 
ATOM   1204 C CB  . TYR A 1 165 ? -13.221 -10.613 5.851   1.00 11.32 ? 184 TYR A CB  1 
ATOM   1205 C CG  . TYR A 1 165 ? -12.123 -11.437 5.233   1.00 13.40 ? 184 TYR A CG  1 
ATOM   1206 C CD1 . TYR A 1 165 ? -10.827 -10.941 5.137   1.00 13.90 ? 184 TYR A CD1 1 
ATOM   1207 C CD2 . TYR A 1 165 ? -12.389 -12.698 4.709   1.00 14.02 ? 184 TYR A CD2 1 
ATOM   1208 C CE1 . TYR A 1 165 ? -9.824  -11.681 4.530   1.00 11.97 ? 184 TYR A CE1 1 
ATOM   1209 C CE2 . TYR A 1 165 ? -11.400 -13.443 4.105   1.00 12.97 ? 184 TYR A CE2 1 
ATOM   1210 C CZ  . TYR A 1 165 ? -10.117 -12.932 4.013   1.00 12.86 ? 184 TYR A CZ  1 
ATOM   1211 O OH  . TYR A 1 165 ? -9.133  -13.672 3.388   1.00 12.32 ? 184 TYR A OH  1 
ATOM   1212 N N   . LEU A 1 166 ? -16.078 -8.825  4.961   1.00 10.29 ? 185 LEU A N   1 
ATOM   1213 C CA  . LEU A 1 166 ? -17.223 -8.090  5.478   1.00 10.82 ? 185 LEU A CA  1 
ATOM   1214 C C   . LEU A 1 166 ? -17.606 -8.524  6.885   1.00 10.53 ? 185 LEU A C   1 
ATOM   1215 O O   . LEU A 1 166 ? -18.276 -7.780  7.606   1.00 11.48 ? 185 LEU A O   1 
ATOM   1216 C CB  . LEU A 1 166 ? -18.417 -8.238  4.532   1.00 11.01 ? 185 LEU A CB  1 
ATOM   1217 C CG  . LEU A 1 166 ? -18.269 -7.467  3.202   1.00 10.84 ? 185 LEU A CG  1 
ATOM   1218 C CD1 . LEU A 1 166 ? -19.434 -7.852  2.295   1.00 11.23 ? 185 LEU A CD1 1 
ATOM   1219 C CD2 . LEU A 1 166 ? -18.234 -5.950  3.436   1.00 10.82 ? 185 LEU A CD2 1 
ATOM   1220 N N   . GLU A 1 167 ? -17.199 -9.726  7.281   1.00 10.70 ? 186 GLU A N   1 
ATOM   1221 C CA  . GLU A 1 167 ? -17.524 -10.186 8.619   1.00 11.62 ? 186 GLU A CA  1 
ATOM   1222 C C   . GLU A 1 167 ? -16.496 -9.616  9.588   1.00 10.82 ? 186 GLU A C   1 
ATOM   1223 O O   . GLU A 1 167 ? -16.633 -9.757  10.801  1.00 11.28 ? 186 GLU A O   1 
ATOM   1224 C CB  . GLU A 1 167 ? -17.601 -11.737 8.702   1.00 11.91 ? 186 GLU A CB  1 
ATOM   1225 C CG  . GLU A 1 167 ? -16.289 -12.495 8.896   1.00 14.85 ? 186 GLU A CG  1 
ATOM   1226 C CD  . GLU A 1 167 ? -15.495 -12.677 7.605   1.00 16.03 ? 186 GLU A CD  1 
ATOM   1227 O OE1 . GLU A 1 167 ? -15.980 -12.284 6.514   1.00 14.68 ? 186 GLU A OE1 1 
ATOM   1228 O OE2 . GLU A 1 167 ? -14.377 -13.239 7.688   1.00 19.03 ? 186 GLU A OE2 1 
ATOM   1229 N N   . GLY A 1 168 ? -15.514 -8.909  9.026   1.00 9.60  ? 187 GLY A N   1 
ATOM   1230 C CA  . GLY A 1 168 ? -14.467 -8.283  9.815   1.00 9.62  ? 187 GLY A CA  1 
ATOM   1231 C C   . GLY A 1 168 ? -13.409 -9.245  10.310  1.00 10.17 ? 187 GLY A C   1 
ATOM   1232 O O   . GLY A 1 168 ? -13.270 -10.346 9.777   1.00 10.56 ? 187 GLY A O   1 
ATOM   1233 N N   . GLY A 1 169 A -12.647 -8.816  11.313  1.00 8.78  ? 188 GLY A N   1 
ATOM   1234 C CA  . GLY A 1 169 A -11.615 -9.658  11.890  1.00 6.97  ? 188 GLY A CA  1 
ATOM   1235 C C   . GLY A 1 169 A -10.283 -9.678  11.162  1.00 7.50  ? 188 GLY A C   1 
ATOM   1236 O O   . GLY A 1 169 A -9.247  -9.926  11.783  1.00 8.74  ? 188 GLY A O   1 
ATOM   1237 N N   . LYS A 1 170 ? -10.303 -9.448  9.851   1.00 8.78  ? 188 LYS A N   1 
ATOM   1238 C CA  . LYS A 1 170 ? -9.076  -9.435  9.047   1.00 8.62  ? 188 LYS A CA  1 
ATOM   1239 C C   . LYS A 1 170 ? -9.098  -8.240  8.110   1.00 8.57  ? 188 LYS A C   1 
ATOM   1240 O O   . LYS A 1 170 ? -9.923  -8.172  7.192   1.00 6.29  ? 188 LYS A O   1 
ATOM   1241 C CB  . LYS A 1 170 ? -8.932  -10.715 8.266   1.00 10.51 ? 188 LYS A CB  1 
ATOM   1242 C CG  . LYS A 1 170 ? -8.622  -11.909 9.150   1.00 12.15 ? 188 LYS A CG  1 
ATOM   1243 C CD  . LYS A 1 170 ? -8.428  -13.211 8.367   1.00 16.10 ? 188 LYS A CD  1 
ATOM   1244 C CE  . LYS A 1 170 ? -9.626  -13.424 7.451   1.00 16.69 ? 188 LYS A CE  1 
ATOM   1245 N NZ  . LYS A 1 170 ? -10.910 -13.250 8.203   1.00 22.00 ? 188 LYS A NZ  1 
ATOM   1246 N N   . ASP A 1 171 ? -8.125  -7.346  8.287   1.00 8.09  ? 189 ASP A N   1 
ATOM   1247 C CA  . ASP A 1 171 ? -8.093  -6.113  7.510   1.00 7.31  ? 189 ASP A CA  1 
ATOM   1248 C C   . ASP A 1 171 ? -6.748  -5.392  7.640   1.00 7.61  ? 189 ASP A C   1 
ATOM   1249 O O   . ASP A 1 171 ? -5.876  -5.801  8.410   1.00 7.89  ? 189 ASP A O   1 
ATOM   1250 C CB  . ASP A 1 171 ? -9.220  -5.180  8.095   1.00 7.28  ? 189 ASP A CB  1 
ATOM   1251 C CG  . ASP A 1 171 ? -9.689  -4.114  7.128   1.00 4.97  ? 189 ASP A CG  1 
ATOM   1252 O OD1 . ASP A 1 171 ? -9.179  -4.046  5.992   1.00 3.27  ? 189 ASP A OD1 1 
ATOM   1253 O OD2 . ASP A 1 171 ? -10.603 -3.352  7.515   1.00 7.27  ? 189 ASP A OD2 1 
ATOM   1254 N N   . SER A 1 172 ? -6.569  -4.346  6.839   1.00 5.69  ? 190 SER A N   1 
ATOM   1255 C CA  . SER A 1 172 ? -5.373  -3.521  6.934   1.00 5.11  ? 190 SER A CA  1 
ATOM   1256 C C   . SER A 1 172 ? -5.784  -2.436  7.931   1.00 4.61  ? 190 SER A C   1 
ATOM   1257 O O   . SER A 1 172 ? -6.961  -2.324  8.285   1.00 3.44  ? 190 SER A O   1 
ATOM   1258 C CB  . SER A 1 172 ? -4.981  -2.901  5.560   1.00 5.20  ? 190 SER A CB  1 
ATOM   1259 O OG  . SER A 1 172 ? -6.046  -2.163  4.979   1.00 5.23  ? 190 SER A OG  1 
ATOM   1260 N N   . CYS A 1 173 ? -4.838  -1.609  8.349   1.00 4.60  ? 191 CYS A N   1 
ATOM   1261 C CA  . CYS A 1 173 ? -5.148  -0.579  9.326   1.00 6.42  ? 191 CYS A CA  1 
ATOM   1262 C C   . CYS A 1 173 ? -4.163  0.588   9.198   1.00 7.05  ? 191 CYS A C   1 
ATOM   1263 O O   . CYS A 1 173 ? -3.332  0.609   8.285   1.00 6.79  ? 191 CYS A O   1 
ATOM   1264 C CB  . CYS A 1 173 ? -5.073  -1.209  10.725  1.00 6.96  ? 191 CYS A CB  1 
ATOM   1265 S SG  . CYS A 1 173 ? -5.850  -0.287  12.062  1.00 7.49  ? 191 CYS A SG  1 
ATOM   1266 N N   . GLN A 1 174 ? -4.278  1.576   10.084  1.00 7.17  ? 192 GLN A N   1 
ATOM   1267 C CA  . GLN A 1 174 ? -3.358  2.712   10.048  1.00 6.55  ? 192 GLN A CA  1 
ATOM   1268 C C   . GLN A 1 174 ? -1.930  2.176   10.203  1.00 6.86  ? 192 GLN A C   1 
ATOM   1269 O O   . GLN A 1 174 ? -1.672  1.301   11.036  1.00 6.72  ? 192 GLN A O   1 
ATOM   1270 C CB  . GLN A 1 174 ? -3.678  3.726   11.163  1.00 6.24  ? 192 GLN A CB  1 
ATOM   1271 C CG  . GLN A 1 174 ? -4.918  4.624   10.905  1.00 3.35  ? 192 GLN A CG  1 
ATOM   1272 C CD  . GLN A 1 174 ? -6.220  3.844   10.811  1.00 4.10  ? 192 GLN A CD  1 
ATOM   1273 O OE1 . GLN A 1 174 ? -6.474  2.918   11.586  1.00 2.54  ? 192 GLN A OE1 1 
ATOM   1274 N NE2 . GLN A 1 174 ? -7.055  4.222   9.861   1.00 4.77  ? 192 GLN A NE2 1 
ATOM   1275 N N   . GLY A 1 175 ? -1.014  2.686   9.383   1.00 6.38  ? 193 GLY A N   1 
ATOM   1276 C CA  . GLY A 1 175 ? 0.362   2.222   9.431   1.00 4.45  ? 193 GLY A CA  1 
ATOM   1277 C C   . GLY A 1 175 ? 0.659   1.433   8.172   1.00 4.20  ? 193 GLY A C   1 
ATOM   1278 O O   . GLY A 1 175 ? 1.817   1.288   7.765   1.00 2.00  ? 193 GLY A O   1 
ATOM   1279 N N   . ASP A 1 176 ? -0.406  0.913   7.563   1.00 4.41  ? 194 ASP A N   1 
ATOM   1280 C CA  . ASP A 1 176 ? -0.312  0.146   6.325   1.00 4.77  ? 194 ASP A CA  1 
ATOM   1281 C C   . ASP A 1 176 ? -0.398  1.110   5.131   1.00 4.20  ? 194 ASP A C   1 
ATOM   1282 O O   . ASP A 1 176 ? -0.048  0.750   4.010   1.00 4.46  ? 194 ASP A O   1 
ATOM   1283 C CB  . ASP A 1 176 ? -1.451  -0.929  6.251   1.00 4.11  ? 194 ASP A CB  1 
ATOM   1284 C CG  . ASP A 1 176 ? -1.335  -1.994  7.345   1.00 5.25  ? 194 ASP A CG  1 
ATOM   1285 O OD1 . ASP A 1 176 ? -0.200  -2.338  7.733   1.00 4.24  ? 194 ASP A OD1 1 
ATOM   1286 O OD2 . ASP A 1 176 ? -2.376  -2.490  7.822   1.00 6.20  ? 194 ASP A OD2 1 
ATOM   1287 N N   . SER A 1 177 ? -0.841  2.339   5.403   1.00 4.09  ? 195 SER A N   1 
ATOM   1288 C CA  . SER A 1 177 ? -0.978  3.398   4.402   1.00 3.47  ? 195 SER A CA  1 
ATOM   1289 C C   . SER A 1 177 ? 0.036   3.328   3.264   1.00 3.52  ? 195 SER A C   1 
ATOM   1290 O O   . SER A 1 177 ? 1.239   3.276   3.503   1.00 2.48  ? 195 SER A O   1 
ATOM   1291 C CB  . SER A 1 177 ? -0.819  4.769   5.064   1.00 5.32  ? 195 SER A CB  1 
ATOM   1292 O OG  . SER A 1 177 ? -1.901  5.080   5.917   1.00 7.21  ? 195 SER A OG  1 
ATOM   1293 N N   . GLY A 1 178 ? -0.460  3.405   2.031   1.00 4.25  ? 196 GLY A N   1 
ATOM   1294 C CA  . GLY A 1 178 ? 0.408   3.380   0.867   1.00 3.33  ? 196 GLY A CA  1 
ATOM   1295 C C   . GLY A 1 178 ? 0.950   2.014   0.483   1.00 6.23  ? 196 GLY A C   1 
ATOM   1296 O O   . GLY A 1 178 ? 1.502   1.842   -0.612  1.00 7.20  ? 196 GLY A O   1 
ATOM   1297 N N   . GLY A 1 179 ? 0.771   1.045   1.378   1.00 5.40  ? 197 GLY A N   1 
ATOM   1298 C CA  . GLY A 1 179 ? 1.240   -0.309  1.143   1.00 5.84  ? 197 GLY A CA  1 
ATOM   1299 C C   . GLY A 1 179 ? 0.602   -0.994  -0.053  1.00 5.81  ? 197 GLY A C   1 
ATOM   1300 O O   . GLY A 1 179 ? -0.431  -0.546  -0.561  1.00 5.95  ? 197 GLY A O   1 
ATOM   1301 N N   . PRO A 1 180 ? 1.174   -2.121  -0.491  1.00 5.21  ? 198 PRO A N   1 
ATOM   1302 C CA  . PRO A 1 180 ? 0.667   -2.875  -1.639  1.00 5.90  ? 198 PRO A CA  1 
ATOM   1303 C C   . PRO A 1 180 ? -0.560  -3.772  -1.436  1.00 4.93  ? 198 PRO A C   1 
ATOM   1304 O O   . PRO A 1 180 ? -0.937  -4.134  -0.318  1.00 6.65  ? 198 PRO A O   1 
ATOM   1305 C CB  . PRO A 1 180 ? 1.872   -3.703  -2.042  1.00 6.20  ? 198 PRO A CB  1 
ATOM   1306 C CG  . PRO A 1 180 ? 2.484   -4.044  -0.701  1.00 4.42  ? 198 PRO A CG  1 
ATOM   1307 C CD  . PRO A 1 180 ? 2.417   -2.720  0.028   1.00 4.35  ? 198 PRO A CD  1 
ATOM   1308 N N   . VAL A 1 181 ? -1.202  -4.072  -2.559  1.00 4.62  ? 199 VAL A N   1 
ATOM   1309 C CA  . VAL A 1 181 ? -2.346  -4.980  -2.634  1.00 4.53  ? 199 VAL A CA  1 
ATOM   1310 C C   . VAL A 1 181 ? -2.065  -5.698  -3.955  1.00 6.23  ? 199 VAL A C   1 
ATOM   1311 O O   . VAL A 1 181 ? -2.502  -5.264  -5.023  1.00 4.11  ? 199 VAL A O   1 
ATOM   1312 C CB  . VAL A 1 181 ? -3.708  -4.260  -2.734  1.00 5.58  ? 199 VAL A CB  1 
ATOM   1313 C CG1 . VAL A 1 181 ? -4.839  -5.332  -2.857  1.00 5.15  ? 199 VAL A CG1 1 
ATOM   1314 C CG2 . VAL A 1 181 ? -3.959  -3.367  -1.513  1.00 3.80  ? 199 VAL A CG2 1 
ATOM   1315 N N   . VAL A 1 182 ? -1.242  -6.738  -3.867  1.00 6.04  ? 200 VAL A N   1 
ATOM   1316 C CA  . VAL A 1 182 ? -0.831  -7.504  -5.027  1.00 5.01  ? 200 VAL A CA  1 
ATOM   1317 C C   . VAL A 1 182 ? -1.705  -8.717  -5.320  1.00 5.18  ? 200 VAL A C   1 
ATOM   1318 O O   . VAL A 1 182 ? -1.926  -9.570  -4.463  1.00 4.71  ? 200 VAL A O   1 
ATOM   1319 C CB  . VAL A 1 182 ? 0.653   -7.910  -4.897  1.00 3.13  ? 200 VAL A CB  1 
ATOM   1320 C CG1 . VAL A 1 182 ? 1.098   -8.764  -6.071  1.00 2.00  ? 200 VAL A CG1 1 
ATOM   1321 C CG2 . VAL A 1 182 ? 1.514   -6.622  -4.802  1.00 2.00  ? 200 VAL A CG2 1 
ATOM   1322 N N   . CYS A 1 183 ? -2.192  -8.777  -6.555  1.00 7.13  ? 201 CYS A N   1 
ATOM   1323 C CA  . CYS A 1 183 ? -3.060  -9.860  -6.999  1.00 6.90  ? 201 CYS A CA  1 
ATOM   1324 C C   . CYS A 1 183 ? -2.485  -10.472 -8.269  1.00 6.18  ? 201 CYS A C   1 
ATOM   1325 O O   . CYS A 1 183 ? -2.371  -9.807  -9.293  1.00 4.74  ? 201 CYS A O   1 
ATOM   1326 C CB  . CYS A 1 183 ? -4.452  -9.316  -7.266  1.00 7.26  ? 201 CYS A CB  1 
ATOM   1327 S SG  . CYS A 1 183 ? -4.942  -8.011  -6.111  1.00 8.26  ? 201 CYS A SG  1 
ATOM   1328 N N   . SER A 1 184 ? -2.090  -11.737 -8.177  1.00 7.48  ? 202 SER A N   1 
ATOM   1329 C CA  . SER A 1 184 ? -1.505  -12.448 -9.310  1.00 7.35  ? 202 SER A CA  1 
ATOM   1330 C C   . SER A 1 184 ? -0.280  -11.717 -9.859  1.00 6.43  ? 202 SER A C   1 
ATOM   1331 O O   . SER A 1 184 ? -0.136  -11.547 -11.071 1.00 7.29  ? 202 SER A O   1 
ATOM   1332 C CB  . SER A 1 184 ? -2.530  -12.622 -10.393 1.00 8.66  ? 202 SER A CB  1 
ATOM   1333 O OG  . SER A 1 184 ? -3.721  -13.157 -9.851  1.00 14.08 ? 202 SER A OG  1 
ATOM   1334 N N   . GLY A 1 185 ? 0.583   -11.265 -8.952  1.00 5.76  ? 203 GLY A N   1 
ATOM   1335 C CA  . GLY A 1 185 ? 1.797   -10.574 -9.348  1.00 4.24  ? 203 GLY A CA  1 
ATOM   1336 C C   . GLY A 1 185 ? 1.635   -9.148  -9.836  1.00 4.73  ? 203 GLY A C   1 
ATOM   1337 O O   . GLY A 1 185 ? 2.591   -8.548  -10.320 1.00 5.97  ? 203 GLY A O   1 
ATOM   1338 N N   . LYS A 1 186 ? 0.432   -8.595  -9.716  1.00 4.28  ? 204 LYS A N   1 
ATOM   1339 C CA  . LYS A 1 186 ? 0.191   -7.225  -10.159 1.00 4.27  ? 204 LYS A CA  1 
ATOM   1340 C C   . LYS A 1 186 ? -0.264  -6.332  -9.015  1.00 3.35  ? 204 LYS A C   1 
ATOM   1341 O O   . LYS A 1 186 ? -1.068  -6.740  -8.172  1.00 4.28  ? 204 LYS A O   1 
ATOM   1342 C CB  . LYS A 1 186 ? -0.869  -7.186  -11.297 1.00 6.82  ? 204 LYS A CB  1 
ATOM   1343 C CG  . LYS A 1 186 ? -0.500  -8.004  -12.566 1.00 11.60 ? 204 LYS A CG  1 
ATOM   1344 C CD  . LYS A 1 186 ? 1.005   -7.875  -12.922 1.00 15.22 ? 204 LYS A CD  1 
ATOM   1345 C CE  . LYS A 1 186 ? 1.628   -8.731  -14.053 1.00 16.39 ? 204 LYS A CE  1 
ATOM   1346 N NZ  . LYS A 1 186 ? 1.247   -8.255  -15.396 1.00 19.47 ? 204 LYS A NZ  1 
ATOM   1347 N N   . LEU A 1 187 ? 0.288   -5.127  -8.951  1.00 2.62  ? 209 LEU A N   1 
ATOM   1348 C CA  . LEU A 1 187 ? -0.110  -4.188  -7.916  1.00 4.13  ? 209 LEU A CA  1 
ATOM   1349 C C   . LEU A 1 187 ? -1.414  -3.530  -8.365  1.00 4.45  ? 209 LEU A C   1 
ATOM   1350 O O   . LEU A 1 187 ? -1.408  -2.571  -9.143  1.00 5.25  ? 209 LEU A O   1 
ATOM   1351 C CB  . LEU A 1 187 ? 0.968   -3.128  -7.697  1.00 7.45  ? 209 LEU A CB  1 
ATOM   1352 C CG  . LEU A 1 187 ? 0.613   -2.020  -6.678  1.00 8.00  ? 209 LEU A CG  1 
ATOM   1353 C CD1 . LEU A 1 187 ? 0.423   -2.612  -5.268  1.00 6.71  ? 209 LEU A CD1 1 
ATOM   1354 C CD2 . LEU A 1 187 ? 1.735   -0.925  -6.694  1.00 5.26  ? 209 LEU A CD2 1 
ATOM   1355 N N   . GLN A 1 188 ? -2.528  -4.077  -7.889  1.00 3.50  ? 210 GLN A N   1 
ATOM   1356 C CA  . GLN A 1 188 ? -3.859  -3.586  -8.230  1.00 3.58  ? 210 GLN A CA  1 
ATOM   1357 C C   . GLN A 1 188 ? -4.376  -2.485  -7.301  1.00 4.02  ? 210 GLN A C   1 
ATOM   1358 O O   . GLN A 1 188 ? -5.241  -1.690  -7.696  1.00 4.61  ? 210 GLN A O   1 
ATOM   1359 C CB  . GLN A 1 188 ? -4.850  -4.753  -8.228  1.00 5.56  ? 210 GLN A CB  1 
ATOM   1360 C CG  . GLN A 1 188 ? -4.586  -5.805  -9.285  1.00 3.17  ? 210 GLN A CG  1 
ATOM   1361 C CD  . GLN A 1 188 ? -4.943  -5.329  -10.681 1.00 4.67  ? 210 GLN A CD  1 
ATOM   1362 O OE1 . GLN A 1 188 ? -4.817  -6.075  -11.646 1.00 6.18  ? 210 GLN A OE1 1 
ATOM   1363 N NE2 . GLN A 1 188 ? -5.396  -4.083  -10.792 1.00 4.61  ? 210 GLN A NE2 1 
ATOM   1364 N N   . GLY A 1 189 ? -3.853  -2.443  -6.075  1.00 3.63  ? 211 GLY A N   1 
ATOM   1365 C CA  . GLY A 1 189 ? -4.305  -1.444  -5.125  1.00 6.03  ? 211 GLY A CA  1 
ATOM   1366 C C   . GLY A 1 189 ? -3.284  -0.882  -4.151  1.00 6.22  ? 211 GLY A C   1 
ATOM   1367 O O   . GLY A 1 189 ? -2.175  -1.412  -3.992  1.00 7.56  ? 211 GLY A O   1 
ATOM   1368 N N   . ILE A 1 190 ? -3.686  0.198   -3.484  1.00 5.24  ? 212 ILE A N   1 
ATOM   1369 C CA  . ILE A 1 190 ? -2.850  0.891   -2.504  1.00 4.34  ? 212 ILE A CA  1 
ATOM   1370 C C   . ILE A 1 190 ? -3.683  1.113   -1.237  1.00 5.41  ? 212 ILE A C   1 
ATOM   1371 O O   . ILE A 1 190 ? -4.825  1.580   -1.319  1.00 4.26  ? 212 ILE A O   1 
ATOM   1372 C CB  . ILE A 1 190 ? -2.397  2.275   -3.046  1.00 4.58  ? 212 ILE A CB  1 
ATOM   1373 C CG1 . ILE A 1 190 ? -1.624  2.111   -4.350  1.00 2.00  ? 212 ILE A CG1 1 
ATOM   1374 C CG2 . ILE A 1 190 ? -1.560  3.037   -1.990  1.00 2.00  ? 212 ILE A CG2 1 
ATOM   1375 C CD1 . ILE A 1 190 ? -1.253  3.447   -4.988  1.00 2.46  ? 212 ILE A CD1 1 
ATOM   1376 N N   . VAL A 1 191 ? -3.123  0.758   -0.078  1.00 5.29  ? 213 VAL A N   1 
ATOM   1377 C CA  . VAL A 1 191 ? -3.813  0.934   1.197   1.00 5.24  ? 213 VAL A CA  1 
ATOM   1378 C C   . VAL A 1 191 ? -4.219  2.404   1.310   1.00 6.29  ? 213 VAL A C   1 
ATOM   1379 O O   . VAL A 1 191 ? -3.371  3.284   1.487   1.00 3.68  ? 213 VAL A O   1 
ATOM   1380 C CB  . VAL A 1 191 ? -2.910  0.552   2.413   1.00 6.02  ? 213 VAL A CB  1 
ATOM   1381 C CG1 . VAL A 1 191 ? -3.677  0.775   3.739   1.00 2.00  ? 213 VAL A CG1 1 
ATOM   1382 C CG2 . VAL A 1 191 ? -2.441  -0.916  2.305   1.00 5.01  ? 213 VAL A CG2 1 
ATOM   1383 N N   . SER A 1 192 ? -5.520  2.662   1.205   1.00 5.73  ? 214 SER A N   1 
ATOM   1384 C CA  . SER A 1 192 ? -6.017  4.030   1.253   1.00 6.89  ? 214 SER A CA  1 
ATOM   1385 C C   . SER A 1 192 ? -6.776  4.433   2.523   1.00 6.34  ? 214 SER A C   1 
ATOM   1386 O O   . SER A 1 192 ? -6.269  5.231   3.322   1.00 7.99  ? 214 SER A O   1 
ATOM   1387 C CB  . SER A 1 192 ? -6.861  4.320   0.017   1.00 5.02  ? 214 SER A CB  1 
ATOM   1388 O OG  . SER A 1 192 ? -7.279  5.668   -0.005  1.00 7.01  ? 214 SER A OG  1 
ATOM   1389 N N   . TRP A 1 193 ? -7.988  3.906   2.699   1.00 5.73  ? 215 TRP A N   1 
ATOM   1390 C CA  . TRP A 1 193 ? -8.799  4.245   3.866   1.00 5.96  ? 215 TRP A CA  1 
ATOM   1391 C C   . TRP A 1 193 ? -9.806  3.167   4.275   1.00 6.65  ? 215 TRP A C   1 
ATOM   1392 O O   . TRP A 1 193 ? -9.836  2.064   3.711   1.00 6.87  ? 215 TRP A O   1 
ATOM   1393 C CB  . TRP A 1 193 ? -9.561  5.577   3.619   1.00 3.52  ? 215 TRP A CB  1 
ATOM   1394 C CG  . TRP A 1 193 ? -10.507 5.524   2.446   1.00 3.63  ? 215 TRP A CG  1 
ATOM   1395 C CD1 . TRP A 1 193 ? -10.177 5.640   1.126   1.00 2.00  ? 215 TRP A CD1 1 
ATOM   1396 C CD2 . TRP A 1 193 ? -11.935 5.350   2.491   1.00 3.15  ? 215 TRP A CD2 1 
ATOM   1397 N NE1 . TRP A 1 193 ? -11.305 5.553   0.348   1.00 4.08  ? 215 TRP A NE1 1 
ATOM   1398 C CE2 . TRP A 1 193 ? -12.396 5.375   1.154   1.00 3.17  ? 215 TRP A CE2 1 
ATOM   1399 C CE3 . TRP A 1 193 ? -12.866 5.177   3.523   1.00 4.12  ? 215 TRP A CE3 1 
ATOM   1400 C CZ2 . TRP A 1 193 ? -13.750 5.234   0.826   1.00 2.00  ? 215 TRP A CZ2 1 
ATOM   1401 C CZ3 . TRP A 1 193 ? -14.218 5.037   3.191   1.00 2.00  ? 215 TRP A CZ3 1 
ATOM   1402 C CH2 . TRP A 1 193 ? -14.641 5.067   1.853   1.00 2.00  ? 215 TRP A CH2 1 
ATOM   1403 N N   . GLY A 1 194 ? -10.624 3.511   5.271   1.00 6.08  ? 216 GLY A N   1 
ATOM   1404 C CA  . GLY A 1 194 ? -11.643 2.609   5.768   1.00 4.26  ? 216 GLY A CA  1 
ATOM   1405 C C   . GLY A 1 194 ? -12.221 3.117   7.078   1.00 5.59  ? 216 GLY A C   1 
ATOM   1406 O O   . GLY A 1 194 ? -11.654 4.011   7.711   1.00 4.68  ? 216 GLY A O   1 
ATOM   1407 N N   . SER A 1 195 ? -13.373 2.577   7.463   1.00 6.35  ? 217 SER A N   1 
ATOM   1408 C CA  . SER A 1 195 ? -14.029 2.963   8.710   1.00 7.33  ? 217 SER A CA  1 
ATOM   1409 C C   . SER A 1 195 ? -13.551 2.017   9.814   1.00 7.96  ? 217 SER A C   1 
ATOM   1410 O O   . SER A 1 195 ? -13.980 0.857   9.898   1.00 6.01  ? 217 SER A O   1 
ATOM   1411 C CB  . SER A 1 195 ? -15.552 2.899   8.553   1.00 8.67  ? 217 SER A CB  1 
ATOM   1412 O OG  . SER A 1 195 ? -16.199 3.366   9.721   1.00 11.35 ? 217 SER A OG  1 
ATOM   1413 N N   . GLY A 1 196 ? -12.650 2.525   10.652  1.00 8.42  ? 219 GLY A N   1 
ATOM   1414 C CA  . GLY A 1 196 ? -12.092 1.709   11.711  1.00 7.37  ? 219 GLY A CA  1 
ATOM   1415 C C   . GLY A 1 196 ? -11.143 0.725   11.050  1.00 7.63  ? 219 GLY A C   1 
ATOM   1416 O O   . GLY A 1 196 ? -10.590 1.018   9.986   1.00 6.12  ? 219 GLY A O   1 
ATOM   1417 N N   . CYS A 1 197 ? -10.984 -0.448  11.659  1.00 8.66  ? 220 CYS A N   1 
ATOM   1418 C CA  . CYS A 1 197 ? -10.114 -1.494  11.130  1.00 7.27  ? 220 CYS A CA  1 
ATOM   1419 C C   . CYS A 1 197 ? -10.682 -2.843  11.531  1.00 9.25  ? 220 CYS A C   1 
ATOM   1420 O O   . CYS A 1 197 ? -10.944 -3.087  12.709  1.00 9.35  ? 220 CYS A O   1 
ATOM   1421 C CB  . CYS A 1 197 ? -8.654  -1.368  11.713  1.00 7.35  ? 220 CYS A CB  1 
ATOM   1422 S SG  . CYS A 1 197 ? -7.796  0.199   11.382  1.00 6.14  ? 220 CYS A SG  1 
ATOM   1423 N N   . ALA A 1 198 ? -10.880 -3.712  10.546  1.00 9.60  ? 221 ALA A N   1 
ATOM   1424 C CA  . ALA A 1 198 ? -11.390 -5.051  10.782  1.00 8.71  ? 221 ALA A CA  1 
ATOM   1425 C C   . ALA A 1 198 ? -12.824 -5.086  11.293  1.00 9.59  ? 221 ALA A C   1 
ATOM   1426 O O   . ALA A 1 198 ? -13.247 -6.075  11.894  1.00 8.90  ? 221 ALA A O   1 
ATOM   1427 C CB  . ALA A 1 198 ? -10.456 -5.811  11.748  1.00 8.86  ? 221 ALA A CB  1 
ATOM   1428 N N   . GLN A 1 199 A -13.573 -4.009  11.080  1.00 10.07 ? 221 GLN A N   1 
ATOM   1429 C CA  . GLN A 1 199 A -14.962 -3.997  11.520  1.00 11.34 ? 221 GLN A CA  1 
ATOM   1430 C C   . GLN A 1 199 A -15.837 -4.764  10.529  1.00 11.39 ? 221 GLN A C   1 
ATOM   1431 O O   . GLN A 1 199 A -15.490 -4.903  9.356   1.00 11.04 ? 221 GLN A O   1 
ATOM   1432 C CB  . GLN A 1 199 A -15.493 -2.554  11.674  1.00 12.82 ? 221 GLN A CB  1 
ATOM   1433 C CG  . GLN A 1 199 A -14.890 -1.772  12.840  1.00 17.44 ? 221 GLN A CG  1 
ATOM   1434 C CD  . GLN A 1 199 A -14.914 -2.553  14.144  1.00 19.36 ? 221 GLN A CD  1 
ATOM   1435 O OE1 . GLN A 1 199 A -13.871 -2.773  14.763  1.00 22.18 ? 221 GLN A OE1 1 
ATOM   1436 N NE2 . GLN A 1 199 A -16.100 -2.997  14.555  1.00 22.80 ? 221 GLN A NE2 1 
ATOM   1437 N N   . LYS A 1 200 ? -16.957 -5.291  11.016  1.00 11.22 ? 222 LYS A N   1 
ATOM   1438 C CA  . LYS A 1 200 ? -17.885 -6.013  10.161  1.00 10.90 ? 222 LYS A CA  1 
ATOM   1439 C C   . LYS A 1 200 ? -18.482 -5.018  9.169   1.00 10.23 ? 222 LYS A C   1 
ATOM   1440 O O   . LYS A 1 200 ? -18.819 -3.892  9.540   1.00 8.92  ? 222 LYS A O   1 
ATOM   1441 C CB  . LYS A 1 200 ? -18.998 -6.643  11.007  1.00 10.79 ? 222 LYS A CB  1 
ATOM   1442 C CG  . LYS A 1 200 ? -20.220 -7.083  10.199  1.00 12.27 ? 222 LYS A CG  1 
ATOM   1443 C CD  . LYS A 1 200 ? -21.354 -7.697  11.028  1.00 12.29 ? 222 LYS A CD  1 
ATOM   1444 C CE  . LYS A 1 200 ? -22.636 -7.866  10.180  1.00 14.25 ? 222 LYS A CE  1 
ATOM   1445 N NZ  . LYS A 1 200 ? -23.775 -8.440  10.968  1.00 18.71 ? 222 LYS A NZ  1 
ATOM   1446 N N   . ASN A 1 201 ? -18.560 -5.420  7.902   1.00 10.78 ? 223 ASN A N   1 
ATOM   1447 C CA  . ASN A 1 201 ? -19.122 -4.561  6.860   1.00 11.32 ? 223 ASN A CA  1 
ATOM   1448 C C   . ASN A 1 201 ? -18.346 -3.276  6.605   1.00 9.84  ? 223 ASN A C   1 
ATOM   1449 O O   . ASN A 1 201 ? -18.889 -2.327  6.039   1.00 8.27  ? 223 ASN A O   1 
ATOM   1450 C CB  . ASN A 1 201 ? -20.548 -4.209  7.199   1.00 13.22 ? 223 ASN A CB  1 
ATOM   1451 C CG  . ASN A 1 201 ? -21.541 -5.041  6.422   1.00 17.93 ? 223 ASN A CG  1 
ATOM   1452 O OD1 . ASN A 1 201 ? -22.001 -4.632  5.350   1.00 20.95 ? 223 ASN A OD1 1 
ATOM   1453 N ND2 . ASN A 1 201 ? -21.859 -6.224  6.938   1.00 15.92 ? 223 ASN A ND2 1 
ATOM   1454 N N   . LYS A 1 202 ? -17.090 -3.241  7.043   1.00 9.21  ? 224 LYS A N   1 
ATOM   1455 C CA  . LYS A 1 202 ? -16.238 -2.072  6.861   1.00 8.88  ? 224 LYS A CA  1 
ATOM   1456 C C   . LYS A 1 202 ? -14.832 -2.528  6.474   1.00 7.29  ? 224 LYS A C   1 
ATOM   1457 O O   . LYS A 1 202 ? -13.873 -2.385  7.240   1.00 7.89  ? 224 LYS A O   1 
ATOM   1458 C CB  . LYS A 1 202 ? -16.217 -1.219  8.152   1.00 9.29  ? 224 LYS A CB  1 
ATOM   1459 C CG  . LYS A 1 202 ? -17.588 -0.608  8.491   1.00 13.72 ? 224 LYS A CG  1 
ATOM   1460 C CD  . LYS A 1 202 ? -17.932 0.429   7.400   1.00 18.92 ? 224 LYS A CD  1 
ATOM   1461 C CE  . LYS A 1 202 ? -19.378 0.966   7.268   1.00 20.73 ? 224 LYS A CE  1 
ATOM   1462 N NZ  . LYS A 1 202 ? -20.329 -0.058  6.714   1.00 24.60 ? 224 LYS A NZ  1 
ATOM   1463 N N   . PRO A 1 203 ? -14.701 -3.099  5.264   1.00 7.00  ? 225 PRO A N   1 
ATOM   1464 C CA  . PRO A 1 203 ? -13.444 -3.606  4.704   1.00 5.54  ? 225 PRO A CA  1 
ATOM   1465 C C   . PRO A 1 203 ? -12.539 -2.468  4.251   1.00 5.07  ? 225 PRO A C   1 
ATOM   1466 O O   . PRO A 1 203 ? -12.954 -1.305  4.226   1.00 3.60  ? 225 PRO A O   1 
ATOM   1467 C CB  . PRO A 1 203 ? -13.917 -4.419  3.534   1.00 5.17  ? 225 PRO A CB  1 
ATOM   1468 C CG  . PRO A 1 203 ? -15.076 -3.592  3.018   1.00 4.05  ? 225 PRO A CG  1 
ATOM   1469 C CD  . PRO A 1 203 ? -15.806 -3.258  4.299   1.00 4.84  ? 225 PRO A CD  1 
ATOM   1470 N N   . GLY A 1 204 ? -11.307 -2.813  3.887   1.00 3.87  ? 226 GLY A N   1 
ATOM   1471 C CA  . GLY A 1 204 ? -10.366 -1.810  3.430   1.00 5.07  ? 226 GLY A CA  1 
ATOM   1472 C C   . GLY A 1 204 ? -10.733 -1.293  2.049   1.00 5.91  ? 226 GLY A C   1 
ATOM   1473 O O   . GLY A 1 204 ? -11.183 -2.058  1.194   1.00 5.72  ? 226 GLY A O   1 
ATOM   1474 N N   . VAL A 1 205 ? -10.615 0.017   1.860   1.00 5.21  ? 227 VAL A N   1 
ATOM   1475 C CA  . VAL A 1 205 ? -10.896 0.635   0.567   1.00 4.39  ? 227 VAL A CA  1 
ATOM   1476 C C   . VAL A 1 205 ? -9.536  0.944   -0.038  1.00 3.24  ? 227 VAL A C   1 
ATOM   1477 O O   . VAL A 1 205 ? -8.708  1.606   0.589   1.00 2.89  ? 227 VAL A O   1 
ATOM   1478 C CB  . VAL A 1 205 ? -11.705 1.932   0.710   1.00 5.05  ? 227 VAL A CB  1 
ATOM   1479 C CG1 . VAL A 1 205 ? -11.931 2.547   -0.681  1.00 4.50  ? 227 VAL A CG1 1 
ATOM   1480 C CG2 . VAL A 1 205 ? -13.060 1.641   1.421   1.00 2.00  ? 227 VAL A CG2 1 
ATOM   1481 N N   . TYR A 1 206 ? -9.315  0.475   -1.260  1.00 2.28  ? 228 TYR A N   1 
ATOM   1482 C CA  . TYR A 1 206 ? -8.025  0.653   -1.907  1.00 2.90  ? 228 TYR A CA  1 
ATOM   1483 C C   . TYR A 1 206 ? -8.063  1.408   -3.220  1.00 3.41  ? 228 TYR A C   1 
ATOM   1484 O O   . TYR A 1 206 ? -9.067  1.399   -3.938  1.00 4.34  ? 228 TYR A O   1 
ATOM   1485 C CB  . TYR A 1 206 ? -7.342  -0.740  -2.106  1.00 2.00  ? 228 TYR A CB  1 
ATOM   1486 C CG  . TYR A 1 206 ? -7.272  -1.545  -0.825  1.00 2.00  ? 228 TYR A CG  1 
ATOM   1487 C CD1 . TYR A 1 206 ? -6.226  -1.364  0.072   1.00 2.51  ? 228 TYR A CD1 1 
ATOM   1488 C CD2 . TYR A 1 206 ? -8.289  -2.429  -0.476  1.00 3.23  ? 228 TYR A CD2 1 
ATOM   1489 C CE1 . TYR A 1 206 ? -6.199  -2.032  1.288   1.00 2.00  ? 228 TYR A CE1 1 
ATOM   1490 C CE2 . TYR A 1 206 ? -8.271  -3.104  0.736   1.00 2.41  ? 228 TYR A CE2 1 
ATOM   1491 C CZ  . TYR A 1 206 ? -7.225  -2.897  1.617   1.00 3.40  ? 228 TYR A CZ  1 
ATOM   1492 O OH  . TYR A 1 206 ? -7.225  -3.521  2.842   1.00 2.00  ? 228 TYR A OH  1 
ATOM   1493 N N   . THR A 1 207 ? -6.964  2.100   -3.499  1.00 3.35  ? 229 THR A N   1 
ATOM   1494 C CA  . THR A 1 207 ? -6.817  2.872   -4.726  1.00 3.40  ? 229 THR A CA  1 
ATOM   1495 C C   . THR A 1 207 ? -6.752  1.891   -5.901  1.00 4.87  ? 229 THR A C   1 
ATOM   1496 O O   . THR A 1 207 ? -5.987  0.926   -5.862  1.00 4.10  ? 229 THR A O   1 
ATOM   1497 C CB  . THR A 1 207 ? -5.517  3.708   -4.688  1.00 5.03  ? 229 THR A CB  1 
ATOM   1498 O OG1 . THR A 1 207 ? -5.490  4.498   -3.489  1.00 2.00  ? 229 THR A OG1 1 
ATOM   1499 C CG2 . THR A 1 207 ? -5.407  4.628   -5.942  1.00 2.36  ? 229 THR A CG2 1 
ATOM   1500 N N   . LYS A 1 208 ? -7.576  2.119   -6.924  1.00 5.84  ? 230 LYS A N   1 
ATOM   1501 C CA  . LYS A 1 208 ? -7.589  1.238   -8.087  1.00 5.77  ? 230 LYS A CA  1 
ATOM   1502 C C   . LYS A 1 208 ? -6.433  1.614   -9.023  1.00 5.75  ? 230 LYS A C   1 
ATOM   1503 O O   . LYS A 1 208 ? -6.578  2.446   -9.924  1.00 7.67  ? 230 LYS A O   1 
ATOM   1504 C CB  . LYS A 1 208 ? -8.934  1.337   -8.802  1.00 5.93  ? 230 LYS A CB  1 
ATOM   1505 C CG  . LYS A 1 208 ? -9.315  0.087   -9.604  1.00 7.10  ? 230 LYS A CG  1 
ATOM   1506 C CD  . LYS A 1 208 ? -10.600 0.471   -10.305 1.00 8.11  ? 230 LYS A CD  1 
ATOM   1507 C CE  . LYS A 1 208 ? -11.824 -0.397  -10.028 1.00 8.36  ? 230 LYS A CE  1 
ATOM   1508 N NZ  . LYS A 1 208 ? -13.014 0.056   -10.820 1.00 12.65 ? 230 LYS A NZ  1 
ATOM   1509 N N   . VAL A 1 209 ? -5.285  0.979   -8.809  1.00 6.34  ? 231 VAL A N   1 
ATOM   1510 C CA  . VAL A 1 209 ? -4.087  1.261   -9.591  1.00 6.18  ? 231 VAL A CA  1 
ATOM   1511 C C   . VAL A 1 209 ? -4.246  1.146   -11.104 1.00 5.24  ? 231 VAL A C   1 
ATOM   1512 O O   . VAL A 1 209 ? -3.661  1.930   -11.852 1.00 3.30  ? 231 VAL A O   1 
ATOM   1513 C CB  . VAL A 1 209 ? -2.907  0.372   -9.149  1.00 6.12  ? 231 VAL A CB  1 
ATOM   1514 C CG1 . VAL A 1 209 ? -1.615  0.809   -9.875  1.00 4.69  ? 231 VAL A CG1 1 
ATOM   1515 C CG2 . VAL A 1 209 ? -2.732  0.441   -7.625  1.00 7.01  ? 231 VAL A CG2 1 
ATOM   1516 N N   . CYS A 1 210 ? -5.025  0.170   -11.556 1.00 5.52  ? 232 CYS A N   1 
ATOM   1517 C CA  . CYS A 1 210 ? -5.221  -0.023  -12.990 1.00 5.35  ? 232 CYS A CA  1 
ATOM   1518 C C   . CYS A 1 210 ? -5.700  1.260   -13.663 1.00 4.89  ? 232 CYS A C   1 
ATOM   1519 O O   . CYS A 1 210 ? -5.436  1.484   -14.840 1.00 4.64  ? 232 CYS A O   1 
ATOM   1520 C CB  . CYS A 1 210 ? -6.195  -1.198  -13.264 1.00 5.89  ? 232 CYS A CB  1 
ATOM   1521 S SG  . CYS A 1 210 ? -7.827  -0.976  -12.559 1.00 4.13  ? 232 CYS A SG  1 
ATOM   1522 N N   . ASN A 1 211 ? -6.368  2.119   -12.898 1.00 4.76  ? 233 ASN A N   1 
ATOM   1523 C CA  . ASN A 1 211 ? -6.859  3.389   -13.429 1.00 4.50  ? 233 ASN A CA  1 
ATOM   1524 C C   . ASN A 1 211 ? -5.756  4.432   -13.617 1.00 3.79  ? 233 ASN A C   1 
ATOM   1525 O O   . ASN A 1 211 ? -5.908  5.360   -14.412 1.00 4.53  ? 233 ASN A O   1 
ATOM   1526 C CB  . ASN A 1 211 ? -7.912  3.985   -12.497 1.00 6.12  ? 233 ASN A CB  1 
ATOM   1527 C CG  . ASN A 1 211 ? -9.222  3.232   -12.529 1.00 6.73  ? 233 ASN A CG  1 
ATOM   1528 O OD1 . ASN A 1 211 ? -10.160 3.592   -11.827 1.00 7.98  ? 233 ASN A OD1 1 
ATOM   1529 N ND2 . ASN A 1 211 ? -9.301  2.199   -13.359 1.00 6.30  ? 233 ASN A ND2 1 
ATOM   1530 N N   . TYR A 1 212 ? -4.646  4.269   -12.899 1.00 3.90  ? 234 TYR A N   1 
ATOM   1531 C CA  . TYR A 1 212 ? -3.542  5.230   -12.946 1.00 2.86  ? 234 TYR A CA  1 
ATOM   1532 C C   . TYR A 1 212 ? -2.275  4.810   -13.687 1.00 2.69  ? 234 TYR A C   1 
ATOM   1533 O O   . TYR A 1 212 ? -1.270  5.523   -13.652 1.00 3.50  ? 234 TYR A O   1 
ATOM   1534 C CB  . TYR A 1 212 ? -3.177  5.642   -11.507 1.00 2.43  ? 234 TYR A CB  1 
ATOM   1535 C CG  . TYR A 1 212 ? -4.357  6.183   -10.735 1.00 4.91  ? 234 TYR A CG  1 
ATOM   1536 C CD1 . TYR A 1 212 ? -5.219  5.328   -10.042 1.00 6.13  ? 234 TYR A CD1 1 
ATOM   1537 C CD2 . TYR A 1 212 ? -4.641  7.543   -10.736 1.00 7.05  ? 234 TYR A CD2 1 
ATOM   1538 C CE1 . TYR A 1 212 ? -6.340  5.824   -9.369  1.00 6.13  ? 234 TYR A CE1 1 
ATOM   1539 C CE2 . TYR A 1 212 ? -5.756  8.046   -10.070 1.00 6.88  ? 234 TYR A CE2 1 
ATOM   1540 C CZ  . TYR A 1 212 ? -6.598  7.187   -9.390  1.00 6.37  ? 234 TYR A CZ  1 
ATOM   1541 O OH  . TYR A 1 212 ? -7.690  7.699   -8.731  1.00 6.47  ? 234 TYR A OH  1 
ATOM   1542 N N   . VAL A 1 213 ? -2.320  3.677   -14.379 1.00 3.97  ? 235 VAL A N   1 
ATOM   1543 C CA  . VAL A 1 213 ? -1.140  3.190   -15.088 1.00 6.19  ? 235 VAL A CA  1 
ATOM   1544 C C   . VAL A 1 213 ? -0.571  4.162   -16.132 1.00 6.93  ? 235 VAL A C   1 
ATOM   1545 O O   . VAL A 1 213 ? 0.644   4.334   -16.233 1.00 7.66  ? 235 VAL A O   1 
ATOM   1546 C CB  . VAL A 1 213 ? -1.396  1.800   -15.700 1.00 7.20  ? 235 VAL A CB  1 
ATOM   1547 C CG1 . VAL A 1 213 ? -0.170  1.334   -16.504 1.00 9.31  ? 235 VAL A CG1 1 
ATOM   1548 C CG2 . VAL A 1 213 ? -1.711  0.787   -14.555 1.00 6.87  ? 235 VAL A CG2 1 
ATOM   1549 N N   . SER A 1 214 ? -1.444  4.827   -16.880 1.00 7.88  ? 236 SER A N   1 
ATOM   1550 C CA  . SER A 1 214 ? -0.994  5.785   -17.883 1.00 8.35  ? 236 SER A CA  1 
ATOM   1551 C C   . SER A 1 214 ? -0.372  7.010   -17.211 1.00 8.71  ? 236 SER A C   1 
ATOM   1552 O O   . SER A 1 214 ? 0.646   7.528   -17.664 1.00 9.22  ? 236 SER A O   1 
ATOM   1553 C CB  . SER A 1 214 ? -2.149  6.199   -18.763 1.00 10.16 ? 236 SER A CB  1 
ATOM   1554 O OG  . SER A 1 214 ? -2.618  5.088   -19.503 1.00 13.26 ? 236 SER A OG  1 
ATOM   1555 N N   . TRP A 1 215 ? -0.978  7.456   -16.117 1.00 8.37  ? 237 TRP A N   1 
ATOM   1556 C CA  . TRP A 1 215 ? -0.466  8.605   -15.384 1.00 8.15  ? 237 TRP A CA  1 
ATOM   1557 C C   . TRP A 1 215 ? 0.909   8.295   -14.793 1.00 8.18  ? 237 TRP A C   1 
ATOM   1558 O O   . TRP A 1 215 ? 1.833   9.115   -14.846 1.00 6.59  ? 237 TRP A O   1 
ATOM   1559 C CB  . TRP A 1 215 ? -1.427  8.985   -14.267 1.00 8.53  ? 237 TRP A CB  1 
ATOM   1560 C CG  . TRP A 1 215 ? -0.873  10.048  -13.374 1.00 8.29  ? 237 TRP A CG  1 
ATOM   1561 C CD1 . TRP A 1 215 ? -0.685  11.369  -13.681 1.00 6.83  ? 237 TRP A CD1 1 
ATOM   1562 C CD2 . TRP A 1 215 ? -0.397  9.874   -12.030 1.00 7.07  ? 237 TRP A CD2 1 
ATOM   1563 N NE1 . TRP A 1 215 ? -0.120  12.022  -12.613 1.00 8.15  ? 237 TRP A NE1 1 
ATOM   1564 C CE2 . TRP A 1 215 ? 0.071   11.131  -11.590 1.00 7.63  ? 237 TRP A CE2 1 
ATOM   1565 C CE3 . TRP A 1 215 ? -0.318  8.781   -11.162 1.00 6.96  ? 237 TRP A CE3 1 
ATOM   1566 C CZ2 . TRP A 1 215 ? 0.606   11.322  -10.313 1.00 6.50  ? 237 TRP A CZ2 1 
ATOM   1567 C CZ3 . TRP A 1 215 ? 0.214   8.974   -9.892  1.00 6.96  ? 237 TRP A CZ3 1 
ATOM   1568 C CH2 . TRP A 1 215 ? 0.671   10.235  -9.484  1.00 5.53  ? 237 TRP A CH2 1 
ATOM   1569 N N   . ILE A 1 216 ? 1.015   7.121   -14.184 1.00 7.58  ? 238 ILE A N   1 
ATOM   1570 C CA  . ILE A 1 216 ? 2.262   6.669   -13.586 1.00 7.95  ? 238 ILE A CA  1 
ATOM   1571 C C   . ILE A 1 216 ? 3.360   6.685   -14.640 1.00 8.36  ? 238 ILE A C   1 
ATOM   1572 O O   . ILE A 1 216 ? 4.421   7.276   -14.439 1.00 9.76  ? 238 ILE A O   1 
ATOM   1573 C CB  . ILE A 1 216 ? 2.132   5.221   -13.063 1.00 7.80  ? 238 ILE A CB  1 
ATOM   1574 C CG1 . ILE A 1 216 ? 1.143   5.165   -11.913 1.00 7.71  ? 238 ILE A CG1 1 
ATOM   1575 C CG2 . ILE A 1 216 ? 3.502   4.653   -12.693 1.00 7.26  ? 238 ILE A CG2 1 
ATOM   1576 C CD1 . ILE A 1 216 ? 0.833   3.755   -11.494 1.00 8.78  ? 238 ILE A CD1 1 
ATOM   1577 N N   . LYS A 1 217 ? 3.085   6.028   -15.763 1.00 9.70  ? 239 LYS A N   1 
ATOM   1578 C CA  . LYS A 1 217 ? 4.037   5.940   -16.867 1.00 12.05 ? 239 LYS A CA  1 
ATOM   1579 C C   . LYS A 1 217 ? 4.428   7.320   -17.367 1.00 11.14 ? 239 LYS A C   1 
ATOM   1580 O O   . LYS A 1 217 ? 5.602   7.584   -17.624 1.00 11.48 ? 239 LYS A O   1 
ATOM   1581 C CB  . LYS A 1 217 ? 3.445   5.137   -18.034 1.00 14.27 ? 239 LYS A CB  1 
ATOM   1582 C CG  . LYS A 1 217 ? 3.229   3.645   -17.774 1.00 18.45 ? 239 LYS A CG  1 
ATOM   1583 C CD  . LYS A 1 217 ? 2.890   3.023   -19.154 1.00 20.77 ? 239 LYS A CD  1 
ATOM   1584 C CE  . LYS A 1 217 ? 4.118   3.314   -20.051 1.00 23.00 ? 239 LYS A CE  1 
ATOM   1585 N NZ  . LYS A 1 217 ? 3.998   2.732   -21.426 1.00 25.39 ? 239 LYS A NZ  1 
ATOM   1586 N N   . GLN A 1 218 ? 3.426   8.182   -17.523 1.00 12.38 ? 240 GLN A N   1 
ATOM   1587 C CA  . GLN A 1 218 ? 3.643   9.542   -17.990 1.00 13.10 ? 240 GLN A CA  1 
ATOM   1588 C C   . GLN A 1 218 ? 4.477   10.375  -17.011 1.00 11.72 ? 240 GLN A C   1 
ATOM   1589 O O   . GLN A 1 218 ? 5.345   11.149  -17.415 1.00 11.79 ? 240 GLN A O   1 
ATOM   1590 C CB  . GLN A 1 218 ? 2.295   10.222  -18.245 1.00 16.84 ? 240 GLN A CB  1 
ATOM   1591 C CG  . GLN A 1 218 ? 2.291   11.707  -17.885 1.00 23.24 ? 240 GLN A CG  1 
ATOM   1592 C CD  . GLN A 1 218 ? 1.031   12.425  -18.363 1.00 26.27 ? 240 GLN A CD  1 
ATOM   1593 O OE1 . GLN A 1 218 ? -0.048  12.310  -17.756 1.00 24.62 ? 240 GLN A OE1 1 
ATOM   1594 N NE2 . GLN A 1 218 ? 1.171   13.180  -19.455 1.00 24.82 ? 240 GLN A NE2 1 
ATOM   1595 N N   . THR A 1 219 ? 4.238   10.178  -15.719 1.00 11.50 ? 241 THR A N   1 
ATOM   1596 C CA  . THR A 1 219 ? 4.942   10.913  -14.672 1.00 9.63  ? 241 THR A CA  1 
ATOM   1597 C C   . THR A 1 219 ? 6.389   10.436  -14.581 1.00 10.13 ? 241 THR A C   1 
ATOM   1598 O O   . THR A 1 219 ? 7.323   11.237  -14.606 1.00 11.56 ? 241 THR A O   1 
ATOM   1599 C CB  . THR A 1 219 ? 4.218   10.734  -13.308 1.00 10.67 ? 241 THR A CB  1 
ATOM   1600 O OG1 . THR A 1 219 ? 2.909   11.326  -13.376 1.00 7.87  ? 241 THR A OG1 1 
ATOM   1601 C CG2 . THR A 1 219 ? 5.007   11.378  -12.167 1.00 10.48 ? 241 THR A CG2 1 
ATOM   1602 N N   . ILE A 1 220 ? 6.567   9.122   -14.535 1.00 9.09  ? 242 ILE A N   1 
ATOM   1603 C CA  . ILE A 1 220 ? 7.889   8.519   -14.453 1.00 9.42  ? 242 ILE A CA  1 
ATOM   1604 C C   . ILE A 1 220 ? 8.764   8.927   -15.628 1.00 10.29 ? 242 ILE A C   1 
ATOM   1605 O O   . ILE A 1 220 ? 9.944   9.248   -15.457 1.00 10.78 ? 242 ILE A O   1 
ATOM   1606 C CB  . ILE A 1 220 ? 7.767   6.983   -14.436 1.00 10.05 ? 242 ILE A CB  1 
ATOM   1607 C CG1 . ILE A 1 220 ? 7.299   6.537   -13.059 1.00 8.21  ? 242 ILE A CG1 1 
ATOM   1608 C CG2 . ILE A 1 220 ? 9.056   6.321   -14.886 1.00 8.82  ? 242 ILE A CG2 1 
ATOM   1609 C CD1 . ILE A 1 220 ? 7.137   5.028   -12.944 1.00 11.59 ? 242 ILE A CD1 1 
ATOM   1610 N N   . ALA A 1 221 ? 8.166   8.911   -16.818 1.00 10.41 ? 243 ALA A N   1 
ATOM   1611 C CA  . ALA A 1 221 ? 8.857   9.247   -18.057 1.00 10.81 ? 243 ALA A CA  1 
ATOM   1612 C C   . ALA A 1 221 ? 9.280   10.705  -18.182 1.00 13.06 ? 243 ALA A C   1 
ATOM   1613 O O   . ALA A 1 221 ? 10.303  11.007  -18.811 1.00 12.67 ? 243 ALA A O   1 
ATOM   1614 C CB  . ALA A 1 221 ? 7.993   8.839   -19.265 1.00 9.51  ? 243 ALA A CB  1 
ATOM   1615 N N   . SER A 1 222 ? 8.486   11.615  -17.620 1.00 13.29 ? 244 SER A N   1 
ATOM   1616 C CA  . SER A 1 222 ? 8.824   13.034  -17.696 1.00 11.70 ? 244 SER A CA  1 
ATOM   1617 C C   . SER A 1 222 ? 9.494   13.547  -16.419 1.00 12.11 ? 244 SER A C   1 
ATOM   1618 O O   . SER A 1 222 ? 9.590   14.759  -16.193 1.00 9.34  ? 244 SER A O   1 
ATOM   1619 C CB  . SER A 1 222 ? 7.589   13.887  -18.059 1.00 11.75 ? 244 SER A CB  1 
ATOM   1620 O OG  . SER A 1 222 ? 6.496   13.658  -17.188 1.00 12.94 ? 244 SER A OG  1 
ATOM   1621 N N   . ASN A 1 223 ? 10.001  12.613  -15.619 1.00 11.23 ? 245 ASN A N   1 
ATOM   1622 C CA  . ASN A 1 223 ? 10.672  12.943  -14.366 1.00 12.71 ? 245 ASN A CA  1 
ATOM   1623 C C   . ASN A 1 223 ? 11.955  12.130  -14.203 1.00 14.14 ? 245 ASN A C   1 
ATOM   1624 O O   . ASN A 1 223 ? 12.715  12.425  -13.250 1.00 14.43 ? 245 ASN A O   1 
ATOM   1625 C CB  . ASN A 1 223 ? 9.728   12.708  -13.145 1.00 13.55 ? 245 ASN A CB  1 
ATOM   1626 C CG  . ASN A 1 223 ? 8.728   13.841  -12.946 1.00 13.98 ? 245 ASN A CG  1 
ATOM   1627 O OD1 . ASN A 1 223 ? 8.999   14.797  -12.227 1.00 14.08 ? 245 ASN A OD1 1 
ATOM   1628 N ND2 . ASN A 1 223 ? 7.572   13.741  -13.591 1.00 14.57 ? 245 ASN A ND2 1 
ATOM   1629 O OXT . ASN A 1 223 ? 12.194  11.222  -15.039 1.00 13.32 ? 245 ASN A OXT 1 
HETATM 1630 O O4  . 34H B 2 1   ? -11.807 5.312   10.769  1.00 4.63  ? 1   34H B O4  1 
HETATM 1631 C C9  . 34H B 2 1   ? -9.239  3.743   13.115  1.00 8.09  ? 1   34H B C9  1 
HETATM 1632 C C8  . 34H B 2 1   ? -9.149  2.637   14.005  1.00 8.36  ? 1   34H B C8  1 
HETATM 1633 C C7  . 34H B 2 1   ? -10.225 2.435   15.091  1.00 6.62  ? 1   34H B C7  1 
HETATM 1634 C C6  . 34H B 2 1   ? -11.392 3.474   15.116  1.00 6.64  ? 1   34H B C6  1 
HETATM 1635 C C5  . 34H B 2 1   ? -11.358 4.539   14.177  1.00 7.77  ? 1   34H B C5  1 
HETATM 1636 C C4  . 34H B 2 1   ? -10.306 4.688   13.219  1.00 8.37  ? 1   34H B C4  1 
HETATM 1637 O O3  . 34H B 2 1   ? -10.133 1.482   15.851  1.00 9.75  ? 1   34H B O3  1 
HETATM 1638 C C3  . 34H B 2 1   ? -10.268 5.944   12.319  1.00 5.35  ? 1   34H B C3  1 
HETATM 1639 C C2  . 34H B 2 1   ? -10.463 5.621   10.872  1.00 5.45  ? 1   34H B C2  1 
HETATM 1640 C C1  . 34H B 2 1   ? -10.111 6.806   9.972   1.00 6.60  ? 1   34H B C1  1 
HETATM 1641 O O1  . 34H B 2 1   ? -9.320  7.685   10.346  1.00 6.75  ? 1   34H B O1  1 
HETATM 1642 N N   . DIL B 2 2   ? -10.728 6.815   8.792   1.00 6.73  ? 2   DIL B N   1 
HETATM 1643 C CA  . DIL B 2 2   ? -10.089 7.631   7.776   1.00 6.04  ? 2   DIL B CA  1 
HETATM 1644 C C   . DIL B 2 2   ? -8.931  6.850   7.097   1.00 7.16  ? 2   DIL B C   1 
HETATM 1645 O O   . DIL B 2 2   ? -8.984  5.628   6.920   1.00 7.75  ? 2   DIL B O   1 
HETATM 1646 C CB  . DIL B 2 2   ? -11.133 8.325   6.849   1.00 6.81  ? 2   DIL B CB  1 
HETATM 1647 C CG1 . DIL B 2 2   ? -10.704 8.567   5.413   1.00 3.21  ? 2   DIL B CG1 1 
HETATM 1648 C CG2 . DIL B 2 2   ? -12.593 8.058   7.099   1.00 2.00  ? 2   DIL B CG2 1 
HETATM 1649 C CD1 . DIL B 2 2   ? -11.817 8.691   4.362   1.00 6.72  ? 2   DIL B CD1 1 
HETATM 1650 N N   . XPR B 2 3   ? -7.880  7.616   6.740   1.00 6.58  ? 3   XPR B N   1 
HETATM 1651 C CD  . XPR B 2 3   ? -7.690  9.064   6.968   1.00 6.43  ? 3   XPR B CD  1 
HETATM 1652 C CG  . XPR B 2 3   ? -6.747  9.511   5.807   1.00 6.25  ? 3   XPR B CG  1 
HETATM 1653 C CB  . XPR B 2 3   ? -5.891  8.241   5.552   1.00 6.73  ? 3   XPR B CB  1 
HETATM 1654 C CA  . XPR B 2 3   ? -6.747  7.057   5.971   1.00 7.90  ? 3   XPR B CA  1 
HETATM 1655 C C14 . XPR B 2 3   ? -7.036  9.314   8.350   1.00 6.63  ? 3   XPR B C14 1 
HETATM 1656 C C13 . XPR B 2 3   ? -6.399  10.713  8.461   1.00 7.26  ? 3   XPR B C13 1 
HETATM 1657 C C12 . XPR B 2 3   ? -5.281  10.807  7.413   1.00 5.08  ? 3   XPR B C12 1 
HETATM 1658 C C11 . XPR B 2 3   ? -5.913  10.755  6.029   1.00 5.42  ? 3   XPR B C11 1 
HETATM 1659 O O2  . XPR B 2 3   ? -7.388  11.765  8.331   1.00 9.01  ? 3   XPR B O2  1 
HETATM 1660 S S   . XPR B 2 3   ? -7.231  13.311  8.674   1.00 9.09  ? 3   XPR B S   1 
HETATM 1661 O OS1 . XPR B 2 3   ? -6.636  13.855  7.529   1.00 11.45 ? 3   XPR B OS1 1 
HETATM 1662 O OS2 . XPR B 2 3   ? -6.104  13.541  9.716   1.00 11.43 ? 3   XPR B OS2 1 
HETATM 1663 O OS3 . XPR B 2 3   ? -8.482  13.812  9.175   1.00 10.61 ? 3   XPR B OS3 1 
HETATM 1664 C C   . XPR B 2 3   ? -5.986  6.029   6.850   1.00 8.36  ? 3   XPR B C   1 
HETATM 1665 O O   . XPR B 2 3   ? -5.852  6.117   8.085   1.00 9.26  ? 3   XPR B O   1 
HETATM 1666 N N   . AG2 B 2 4   ? -5.515  5.040   6.087   1.00 6.82  ? 4   AG2 B N   1 
HETATM 1667 C CA  . AG2 B 2 4   ? -4.885  3.843   6.682   1.00 6.59  ? 4   AG2 B CA  1 
HETATM 1668 C CB  . AG2 B 2 4   ? -5.647  2.552   6.411   1.00 6.63  ? 4   AG2 B CB  1 
HETATM 1669 C CG  . AG2 B 2 4   ? -7.019  2.459   7.042   1.00 4.78  ? 4   AG2 B CG  1 
HETATM 1670 C CD  . AG2 B 2 4   ? -7.680  1.164   6.570   1.00 4.84  ? 4   AG2 B CD  1 
HETATM 1671 N NE  . AG2 B 2 4   ? -8.845  0.789   7.305   1.00 6.31  ? 4   AG2 B NE  1 
HETATM 1672 C CZ  . AG2 B 2 4   ? -9.475  -0.337  6.981   1.00 6.64  ? 4   AG2 B CZ  1 
HETATM 1673 N NH1 . AG2 B 2 4   ? -10.573 -0.702  7.657   1.00 5.44  ? 4   AG2 B NH1 1 
HETATM 1674 N NH2 . AG2 B 2 4   ? -9.031  -1.091  5.976   1.00 7.32  ? 4   AG2 B NH2 1 
HETATM 1675 O O   . HOH C 3 .   ? -1.466  -9.476  11.486  1.00 7.66  ? 246 HOH A O   1 
HETATM 1676 O O   . HOH C 3 .   ? 12.027  -4.024  -0.346  1.00 5.16  ? 247 HOH A O   1 
HETATM 1677 O O   . HOH C 3 .   ? 10.841  2.308   9.223   1.00 9.24  ? 248 HOH A O   1 
HETATM 1678 O O   . HOH C 3 .   ? 19.971  8.670   -0.511  1.00 3.50  ? 249 HOH A O   1 
HETATM 1679 O O   . HOH C 3 .   ? -4.319  13.597  3.079   1.00 8.99  ? 250 HOH A O   1 
HETATM 1680 O O   . HOH C 3 .   ? 19.897  -3.720  -9.685  1.00 16.07 ? 252 HOH A O   1 
HETATM 1681 O O   . HOH C 3 .   ? 0.656   -6.092  -16.265 1.00 3.37  ? 253 HOH A O   1 
HETATM 1682 O O   . HOH C 3 .   ? -8.697  6.531   -5.313  1.00 2.00  ? 254 HOH A O   1 
HETATM 1683 O O   . HOH C 3 .   ? -14.804 -3.606  -4.678  1.00 9.01  ? 255 HOH A O   1 
HETATM 1684 O O   . HOH C 3 .   ? -2.013  5.518   8.514   1.00 6.76  ? 256 HOH A O   1 
HETATM 1685 O O   . HOH C 3 .   ? -2.787  -6.868  -15.339 1.00 13.79 ? 257 HOH A O   1 
HETATM 1686 O O   . HOH C 3 .   ? -8.970  6.012   -2.329  1.00 2.20  ? 258 HOH A O   1 
HETATM 1687 O O   . HOH C 3 .   ? 6.215   14.735  9.805   1.00 24.04 ? 260 HOH A O   1 
HETATM 1688 O O   . HOH C 3 .   ? -9.763  12.275  5.077   1.00 18.32 ? 261 HOH A O   1 
HETATM 1689 O O   . HOH C 3 .   ? -4.232  -14.010 8.584   1.00 11.35 ? 262 HOH A O   1 
HETATM 1690 O O   . HOH C 3 .   ? -8.740  -10.555 14.012  1.00 26.52 ? 263 HOH A O   1 
HETATM 1691 O O   . HOH C 3 .   ? -6.545  -9.861  16.175  1.00 29.18 ? 264 HOH A O   1 
HETATM 1692 O O   . HOH C 3 .   ? -1.081  -10.589 14.201  1.00 25.05 ? 265 HOH A O   1 
HETATM 1693 O O   . HOH C 3 .   ? 1.630   -7.056  16.815  1.00 25.81 ? 266 HOH A O   1 
HETATM 1694 O O   . HOH C 3 .   ? 16.565  -8.972  5.956   1.00 6.08  ? 267 HOH A O   1 
HETATM 1695 O O   . HOH C 3 .   ? 10.037  2.982   12.776  1.00 15.82 ? 268 HOH A O   1 
HETATM 1696 O O   . HOH C 3 .   ? 2.881   -13.988 14.374  1.00 28.98 ? 269 HOH A O   1 
HETATM 1697 O O   . HOH C 3 .   ? 2.539   -15.475 12.188  1.00 7.31  ? 270 HOH A O   1 
HETATM 1698 O O   . HOH C 3 .   ? -2.442  12.421  5.169   1.00 11.79 ? 271 HOH A O   1 
HETATM 1699 O O   . HOH C 3 .   ? 7.699   14.243  11.503  1.00 16.45 ? 272 HOH A O   1 
HETATM 1700 O O   . HOH C 3 .   ? -1.105  14.348  0.023   1.00 2.00  ? 273 HOH A O   1 
HETATM 1701 O O   . HOH C 3 .   ? 9.283   13.559  -0.093  1.00 18.10 ? 274 HOH A O   1 
HETATM 1702 O O   . HOH C 3 .   ? 3.100   15.986  6.384   1.00 17.30 ? 275 HOH A O   1 
HETATM 1703 O O   . HOH C 3 .   ? 8.613   16.580  -2.154  1.00 24.97 ? 276 HOH A O   1 
HETATM 1704 O O   . HOH C 3 .   ? 3.632   10.746  10.156  1.00 23.18 ? 277 HOH A O   1 
HETATM 1705 O O   . HOH C 3 .   ? 3.756   15.949  -4.545  1.00 6.48  ? 278 HOH A O   1 
HETATM 1706 O O   . HOH C 3 .   ? -6.365  17.817  -2.132  1.00 9.04  ? 279 HOH A O   1 
HETATM 1707 O O   . HOH C 3 .   ? -9.472  10.173  -12.037 1.00 23.16 ? 280 HOH A O   1 
HETATM 1708 O O   . HOH C 3 .   ? -2.786  11.225  -16.588 1.00 25.35 ? 281 HOH A O   1 
HETATM 1709 O O   . HOH C 3 .   ? -9.649  -3.530  -16.614 1.00 24.23 ? 282 HOH A O   1 
HETATM 1710 O O   . HOH C 3 .   ? -15.352 -11.463 -3.331  1.00 2.14  ? 283 HOH A O   1 
HETATM 1711 O O   . HOH C 3 .   ? -24.101 -6.913  -2.660  1.00 16.86 ? 284 HOH A O   1 
HETATM 1712 O O   . HOH C 3 .   ? -21.513 -4.462  2.600   1.00 10.00 ? 285 HOH A O   1 
HETATM 1713 O O   . HOH C 3 .   ? 2.345   13.377  -14.335 1.00 16.44 ? 286 HOH A O   1 
HETATM 1714 O O   . HOH C 3 .   ? -5.056  9.821   -13.626 1.00 19.68 ? 287 HOH A O   1 
HETATM 1715 O O   . HOH C 3 .   ? 11.436  15.833  -1.226  1.00 19.02 ? 288 HOH A O   1 
HETATM 1716 O O   . HOH C 3 .   ? 11.543  17.649  -4.518  1.00 26.38 ? 289 HOH A O   1 
HETATM 1717 O O   . HOH C 3 .   ? 17.044  -6.277  6.335   1.00 5.77  ? 290 HOH A O   1 
HETATM 1718 O O   . HOH C 3 .   ? 12.095  -7.386  1.433   1.00 7.77  ? 291 HOH A O   1 
HETATM 1719 O O   . HOH C 3 .   ? 21.477  3.411   -3.942  1.00 12.71 ? 292 HOH A O   1 
HETATM 1720 O O   . HOH C 3 .   ? 15.319  -3.703  9.583   1.00 2.00  ? 293 HOH A O   1 
HETATM 1721 O O   . HOH C 3 .   ? 21.084  -2.625  5.646   1.00 24.41 ? 294 HOH A O   1 
HETATM 1722 O O   . HOH C 3 .   ? 19.593  -5.244  -0.164  1.00 18.01 ? 295 HOH A O   1 
HETATM 1723 O O   . HOH C 3 .   ? 21.433  1.344   -2.287  1.00 5.69  ? 296 HOH A O   1 
HETATM 1724 O O   . HOH C 3 .   ? 10.327  -8.528  5.089   1.00 5.32  ? 297 HOH A O   1 
HETATM 1725 O O   . HOH C 3 .   ? 1.740   -7.478  -0.822  1.00 3.16  ? 298 HOH A O   1 
HETATM 1726 O O   . HOH C 3 .   ? 12.965  -13.245 -1.129  1.00 11.49 ? 299 HOH A O   1 
HETATM 1727 O O   . HOH C 3 .   ? 5.473   -12.360 -2.090  1.00 8.39  ? 301 HOH A O   1 
HETATM 1728 O O   . HOH C 3 .   ? 8.685   -8.888  -6.869  1.00 13.69 ? 302 HOH A O   1 
HETATM 1729 O O   . HOH C 3 .   ? 11.749  -11.763 -6.686  1.00 12.36 ? 303 HOH A O   1 
HETATM 1730 O O   . HOH C 3 .   ? 16.458  -1.145  9.653   1.00 9.09  ? 304 HOH A O   1 
HETATM 1731 O O   . HOH C 3 .   ? 11.782  -14.992 8.358   1.00 19.35 ? 305 HOH A O   1 
HETATM 1732 O O   . HOH C 3 .   ? 2.848   -15.271 2.007   1.00 17.05 ? 306 HOH A O   1 
HETATM 1733 O O   . HOH C 3 .   ? 9.904   -5.659  2.476   1.00 8.00  ? 307 HOH A O   1 
HETATM 1734 O O   . HOH C 3 .   ? -11.780 -0.514  14.603  1.00 12.71 ? 308 HOH A O   1 
HETATM 1735 O O   . HOH C 3 .   ? 20.089  -13.717 -4.554  1.00 9.27  ? 309 HOH A O   1 
HETATM 1736 O O   . HOH C 3 .   ? 13.008  -6.862  -9.594  1.00 8.79  ? 310 HOH A O   1 
HETATM 1737 O O   . HOH C 3 .   ? 5.015   -2.964  -14.406 1.00 10.61 ? 311 HOH A O   1 
HETATM 1738 O O   . HOH C 3 .   ? 12.077  8.083   -14.206 1.00 18.63 ? 312 HOH A O   1 
HETATM 1739 O O   . HOH C 3 .   ? 21.797  5.787   -9.081  1.00 11.55 ? 313 HOH A O   1 
HETATM 1740 O O   . HOH C 3 .   ? 3.402   -1.499  -16.827 1.00 26.49 ? 314 HOH A O   1 
HETATM 1741 O O   . HOH C 3 .   ? -6.360  -1.831  -10.067 1.00 5.60  ? 315 HOH A O   1 
HETATM 1742 O O   . HOH C 3 .   ? -3.979  6.853   -16.019 1.00 14.77 ? 316 HOH A O   1 
HETATM 1743 O O   . HOH C 3 .   ? -9.535  2.940   8.811   1.00 8.68  ? 317 HOH A O   1 
HETATM 1744 O O   . HOH C 3 .   ? -12.912 -1.647  9.665   1.00 7.70  ? 318 HOH A O   1 
HETATM 1745 O O   . HOH C 3 .   ? -12.956 -5.009  7.946   1.00 10.79 ? 319 HOH A O   1 
HETATM 1746 O O   . HOH C 3 .   ? -8.687  -5.075  3.598   1.00 11.90 ? 320 HOH A O   1 
HETATM 1747 O O   . HOH C 3 .   ? -1.840  14.258  6.990   1.00 22.89 ? 323 HOH A O   1 
HETATM 1748 O O   . HOH C 3 .   ? -6.060  2.291   14.355  1.00 14.51 ? 325 HOH A O   1 
HETATM 1749 O O   . HOH C 3 .   ? -19.132 -2.397  12.180  1.00 17.74 ? 326 HOH A O   1 
HETATM 1750 O O   . HOH C 3 .   ? -16.420 10.112  -2.824  1.00 6.86  ? 327 HOH A O   1 
HETATM 1751 O O   . HOH C 3 .   ? -18.496 11.498  -0.161  1.00 30.19 ? 328 HOH A O   1 
HETATM 1752 O O   . HOH C 3 .   ? -15.177 9.135   -0.842  1.00 17.86 ? 329 HOH A O   1 
HETATM 1753 O O   . HOH C 3 .   ? -17.882 5.658   6.319   1.00 31.22 ? 330 HOH A O   1 
HETATM 1754 O O   . HOH C 3 .   ? -25.030 4.198   -4.523  1.00 23.31 ? 331 HOH A O   1 
HETATM 1755 O O   . HOH C 3 .   ? -21.926 9.292   3.196   1.00 12.10 ? 332 HOH A O   1 
HETATM 1756 O O   . HOH C 3 .   ? -17.961 6.292   -10.338 1.00 22.94 ? 333 HOH A O   1 
HETATM 1757 O O   . HOH C 3 .   ? -13.652 -3.346  -8.414  1.00 22.89 ? 334 HOH A O   1 
HETATM 1758 O O   . HOH C 3 .   ? -14.687 -4.736  -10.690 1.00 21.60 ? 335 HOH A O   1 
HETATM 1759 O O   . HOH C 3 .   ? -19.738 -0.777  -10.260 1.00 18.85 ? 336 HOH A O   1 
HETATM 1760 O O   . HOH C 3 .   ? -12.658 1.983   -13.137 1.00 20.73 ? 337 HOH A O   1 
HETATM 1761 O O   . HOH C 3 .   ? -18.475 3.750   -7.797  1.00 21.01 ? 338 HOH A O   1 
HETATM 1762 O O   . HOH C 3 .   ? -18.422 8.926   -4.595  1.00 20.74 ? 339 HOH A O   1 
HETATM 1763 O O   . HOH C 3 .   ? -20.443 4.453   -3.755  1.00 10.53 ? 340 HOH A O   1 
HETATM 1764 O O   . HOH C 3 .   ? -8.695  17.079  4.233   1.00 3.86  ? 341 HOH A O   1 
HETATM 1765 O O   . HOH C 3 .   ? 18.820  8.278   3.248   1.00 11.24 ? 342 HOH A O   1 
HETATM 1766 O O   . HOH C 3 .   ? 21.131  7.642   -2.574  1.00 19.88 ? 343 HOH A O   1 
HETATM 1767 O O   . HOH C 3 .   ? 21.617  2.187   0.436   1.00 19.04 ? 344 HOH A O   1 
HETATM 1768 O O   . HOH C 3 .   ? 21.526  1.497   3.353   1.00 21.76 ? 345 HOH A O   1 
HETATM 1769 O O   . HOH C 3 .   ? 12.422  4.510   12.688  1.00 28.17 ? 346 HOH A O   1 
HETATM 1770 O O   . HOH C 3 .   ? 6.510   -2.396  -12.088 1.00 12.49 ? 347 HOH A O   1 
HETATM 1771 O O   . HOH C 3 .   ? 10.205  -8.757  -12.776 1.00 12.19 ? 348 HOH A O   1 
HETATM 1772 O O   . HOH C 3 .   ? 10.698  -10.403 -8.548  1.00 16.37 ? 349 HOH A O   1 
HETATM 1773 O O   . HOH C 3 .   ? 12.748  -3.437  -12.376 1.00 14.83 ? 350 HOH A O   1 
HETATM 1774 O O   . HOH C 3 .   ? 8.574   -10.785 -13.567 1.00 2.00  ? 351 HOH A O   1 
HETATM 1775 O O   . HOH C 3 .   ? 5.579   -9.723  -13.044 1.00 20.01 ? 352 HOH A O   1 
HETATM 1776 O O   . HOH C 3 .   ? 16.611  -0.934  -17.531 1.00 19.60 ? 353 HOH A O   1 
HETATM 1777 O O   . HOH C 3 .   ? 9.501   -7.690  -17.177 1.00 7.78  ? 354 HOH A O   1 
HETATM 1778 O O   . HOH C 3 .   ? 18.607  7.097   8.670   1.00 32.06 ? 355 HOH A O   1 
HETATM 1779 O O   . HOH C 3 .   ? 14.211  12.885  1.028   1.00 24.83 ? 356 HOH A O   1 
HETATM 1780 O O   . HOH C 3 .   ? -24.128 -6.965  5.401   1.00 21.67 ? 357 HOH A O   1 
HETATM 1781 O O   . HOH C 3 .   ? -25.491 -0.096  2.943   1.00 10.62 ? 358 HOH A O   1 
HETATM 1782 O O   . HOH C 3 .   ? -21.990 -15.061 2.595   1.00 14.82 ? 359 HOH A O   1 
HETATM 1783 O O   . HOH C 3 .   ? -14.247 -11.998 2.181   1.00 14.32 ? 360 HOH A O   1 
HETATM 1784 O O   . HOH C 3 .   ? -14.126 -14.870 2.136   1.00 8.64  ? 361 HOH A O   1 
HETATM 1785 O O   . HOH C 3 .   ? -7.710  -15.408 -7.879  1.00 21.91 ? 362 HOH A O   1 
HETATM 1786 O O   . HOH C 3 .   ? -8.077  -12.455 -11.696 1.00 15.28 ? 363 HOH A O   1 
HETATM 1787 O O   . HOH C 3 .   ? -8.109  -14.857 -10.851 1.00 4.08  ? 364 HOH A O   1 
HETATM 1788 O O   . HOH C 3 .   ? -4.173  -16.879 -3.102  1.00 32.94 ? 365 HOH A O   1 
HETATM 1789 O O   . HOH C 3 .   ? -6.985  -18.228 -3.752  1.00 16.72 ? 366 HOH A O   1 
HETATM 1790 O O   . HOH C 3 .   ? -0.768  -12.070 -13.404 1.00 20.84 ? 367 HOH A O   1 
HETATM 1791 O O   . HOH C 3 .   ? -18.026 -12.103 -5.858  1.00 13.81 ? 368 HOH A O   1 
HETATM 1792 O O   . HOH C 3 .   ? -4.066  -8.943  14.901  1.00 8.14  ? 369 HOH A O   1 
HETATM 1793 O O   . HOH C 3 .   ? -7.834  -13.524 13.101  1.00 30.78 ? 370 HOH A O   1 
HETATM 1794 O O   . HOH C 3 .   ? 1.993   0.658   -2.914  1.00 7.77  ? 371 HOH A O   1 
HETATM 1795 O O   . HOH C 3 .   ? -8.747  -3.708  -9.729  1.00 15.12 ? 372 HOH A O   1 
HETATM 1796 O O   . HOH C 3 .   ? -8.752  1.344   -15.796 1.00 20.32 ? 373 HOH A O   1 
HETATM 1797 O O   . HOH C 3 .   ? -7.188  -0.868  -17.224 1.00 10.18 ? 374 HOH A O   1 
HETATM 1798 O O   . HOH C 3 .   ? -15.657 -1.571  -6.676  1.00 10.97 ? 375 HOH A O   1 
HETATM 1799 O O   . HOH C 3 .   ? -26.501 8.937   1.809   1.00 14.97 ? 376 HOH A O   1 
HETATM 1800 O O   . HOH C 3 .   ? -25.329 6.595   4.969   1.00 10.92 ? 377 HOH A O   1 
HETATM 1801 O O   . HOH C 3 .   ? 22.725  0.970   -6.697  1.00 35.77 ? 378 HOH A O   1 
HETATM 1802 O O   . HOH C 3 .   ? 18.692  -4.356  -11.954 1.00 13.56 ? 379 HOH A O   1 
HETATM 1803 O O   . HOH C 3 .   ? 4.750   -17.466 7.465   1.00 18.60 ? 380 HOH A O   1 
HETATM 1804 O O   . HOH C 3 .   ? 7.133   -17.126 8.031   1.00 21.96 ? 381 HOH A O   1 
HETATM 1805 O O   . HOH C 3 .   ? 6.323   -13.239 14.197  1.00 11.88 ? 382 HOH A O   1 
HETATM 1806 O O   . HOH C 3 .   ? 13.375  -10.570 10.865  1.00 4.74  ? 383 HOH A O   1 
HETATM 1807 O O   . HOH C 3 .   ? 16.239  -10.899 8.089   1.00 16.30 ? 384 HOH A O   1 
HETATM 1808 O O   . HOH C 3 .   ? 11.380  -2.604  2.642   1.00 6.38  ? 385 HOH A O   1 
HETATM 1809 O O   . HOH C 3 .   ? 10.035  -12.093 9.895   1.00 14.66 ? 386 HOH A O   1 
HETATM 1810 O O   . HOH C 3 .   ? -4.292  -9.162  -10.942 1.00 6.52  ? 387 HOH A O   1 
HETATM 1811 O O   . HOH C 3 .   ? -2.804  2.023   -19.560 1.00 32.87 ? 388 HOH A O   1 
HETATM 1812 O O   . HOH C 3 .   ? -4.198  3.422   -17.316 1.00 20.18 ? 389 HOH A O   1 
HETATM 1813 O O   . HOH C 3 .   ? -6.920  -9.332  -14.854 1.00 26.10 ? 390 HOH A O   1 
HETATM 1814 O O   . HOH C 3 .   ? -8.678  12.324  -12.130 1.00 28.71 ? 391 HOH A O   1 
HETATM 1815 O O   . HOH C 3 .   ? -14.518 9.042   -10.519 1.00 34.03 ? 392 HOH A O   1 
HETATM 1816 O O   . HOH C 3 .   ? -11.944 14.103  -6.501  1.00 25.04 ? 393 HOH A O   1 
HETATM 1817 O O   . HOH C 3 .   ? -11.031 12.715  -10.247 1.00 15.98 ? 394 HOH A O   1 
HETATM 1818 O O   . HOH C 3 .   ? -14.161 12.194  -4.142  1.00 25.80 ? 395 HOH A O   1 
HETATM 1819 O O   . HOH C 3 .   ? -11.050 20.169  -1.045  1.00 15.81 ? 396 HOH A O   1 
HETATM 1820 O O   . HOH C 3 .   ? -17.393 16.476  1.470   1.00 20.63 ? 397 HOH A O   1 
HETATM 1821 O O   . HOH C 3 .   ? -20.696 15.428  -1.385  1.00 31.51 ? 398 HOH A O   1 
HETATM 1822 O O   . HOH C 3 .   ? -13.401 15.527  5.196   1.00 14.38 ? 399 HOH A O   1 
HETATM 1823 O O   . HOH C 3 .   ? -14.706 17.046  -0.364  1.00 28.44 ? 400 HOH A O   1 
HETATM 1824 O O   . HOH C 3 .   ? 11.344  12.456  14.048  1.00 15.10 ? 401 HOH A O   1 
HETATM 1825 O O   . HOH C 3 .   ? 14.767  12.162  12.736  1.00 22.29 ? 402 HOH A O   1 
HETATM 1826 O O   . HOH C 3 .   ? 10.284  -2.874  -13.287 1.00 18.39 ? 403 HOH A O   1 
HETATM 1827 O O   . HOH C 3 .   ? 8.717   15.790  6.698   1.00 20.52 ? 404 HOH A O   1 
HETATM 1828 O O   . HOH C 3 .   ? 24.117  -6.269  2.974   1.00 10.56 ? 405 HOH A O   1 
HETATM 1829 O O   . HOH C 3 .   ? 21.988  -5.564  0.286   1.00 17.20 ? 406 HOH A O   1 
HETATM 1830 O O   . HOH C 3 .   ? -0.562  -9.207  16.975  1.00 31.71 ? 407 HOH A O   1 
HETATM 1831 O O   . HOH C 3 .   ? -15.080 0.160   -7.932  1.00 5.47  ? 408 HOH A O   1 
HETATM 1832 O O   . HOH C 3 .   ? -22.309 -9.709  -3.988  1.00 8.69  ? 409 HOH A O   1 
HETATM 1833 O O   . HOH C 3 .   ? -16.769 8.119   -9.462  1.00 22.52 ? 410 HOH A O   1 
HETATM 1834 O O   . HOH C 3 .   ? 1.083   -5.133  10.503  1.00 4.41  ? 411 HOH A O   1 
HETATM 1835 O O   . HOH C 3 .   ? 0.004   -12.236 -5.658  1.00 21.58 ? 412 HOH A O   1 
HETATM 1836 O O   . HOH C 3 .   ? 2.097   -1.144  3.995   1.00 7.39  ? 413 HOH A O   1 
HETATM 1837 O O   . HOH C 3 .   ? 14.494  -1.033  -14.289 1.00 20.04 ? 414 HOH A O   1 
HETATM 1838 O O   . HOH C 3 .   ? -6.482  14.516  -12.829 1.00 17.09 ? 415 HOH A O   1 
HETATM 1839 O O   . HOH C 3 .   ? 5.715   -8.353  -10.644 1.00 18.76 ? 416 HOH A O   1 
HETATM 1840 O O   . HOH C 3 .   ? -15.431 -5.885  -7.648  1.00 9.83  ? 417 HOH A O   1 
HETATM 1841 O O   . HOH C 3 .   ? 4.099   -12.864 -12.197 1.00 23.57 ? 418 HOH A O   1 
HETATM 1842 O O   . HOH C 3 .   ? -11.321 -3.994  -9.412  1.00 33.96 ? 419 HOH A O   1 
HETATM 1843 O O   . HOH C 3 .   ? 19.922  -10.599 -0.829  1.00 17.16 ? 420 HOH A O   1 
HETATM 1844 O O   . HOH C 3 .   ? 7.204   -0.770  15.341  1.00 37.72 ? 421 HOH A O   1 
HETATM 1845 O O   . HOH C 3 .   ? 21.100  7.371   2.769   1.00 25.41 ? 422 HOH A O   1 
HETATM 1846 O O   . HOH C 3 .   ? -16.725 -11.247 3.566   1.00 11.92 ? 423 HOH A O   1 
HETATM 1847 O O   . HOH C 3 .   ? -19.780 -12.191 5.924   1.00 15.04 ? 424 HOH A O   1 
HETATM 1848 O O   . HOH C 3 .   ? -18.876 -9.999  11.956  1.00 19.83 ? 425 HOH A O   1 
HETATM 1849 O O   . HOH C 3 .   ? 0.033   5.661   8.620   1.00 22.12 ? 426 HOH A O   1 
HETATM 1850 O O   . HOH C 3 .   ? 5.467   -1.003  12.963  1.00 18.30 ? 427 HOH A O   1 
HETATM 1851 O O   . HOH C 3 .   ? -11.930 -4.096  17.655  1.00 32.50 ? 428 HOH A O   1 
HETATM 1852 O O   . HOH C 3 .   ? 15.150  -5.821  8.421   1.00 4.09  ? 429 HOH A O   1 
HETATM 1853 O O   . HOH C 3 .   ? -7.038  -2.153  23.464  1.00 33.48 ? 430 HOH A O   1 
HETATM 1854 O O   . HOH C 3 .   ? -22.687 3.159   -2.640  1.00 17.82 ? 431 HOH A O   1 
HETATM 1855 O O   . HOH C 3 .   ? -17.483 -10.741 -3.193  1.00 15.03 ? 432 HOH A O   1 
HETATM 1856 O O   . HOH C 3 .   ? 7.987   -14.381 -9.852  1.00 23.42 ? 433 HOH A O   1 
HETATM 1857 O O   . HOH C 3 .   ? -12.462 -12.630 9.992   1.00 11.86 ? 434 HOH A O   1 
HETATM 1858 O O   . HOH C 3 .   ? -5.666  -11.702 -10.856 1.00 34.82 ? 435 HOH A O   1 
HETATM 1859 O O   . HOH C 3 .   ? 1.049   -10.827 -16.997 1.00 19.94 ? 436 HOH A O   1 
HETATM 1860 O O   . HOH C 3 .   ? -13.385 18.796  -1.110  1.00 19.96 ? 437 HOH A O   1 
HETATM 1861 O O   . HOH C 3 .   ? -10.450 -13.390 11.588  1.00 33.85 ? 438 HOH A O   1 
HETATM 1862 O O   . HOH C 3 .   ? -6.604  -16.420 -14.588 1.00 21.07 ? 439 HOH A O   1 
HETATM 1863 O O   . HOH C 3 .   ? -12.513 19.324  -3.845  1.00 24.87 ? 440 HOH A O   1 
HETATM 1864 O O   . HOH C 3 .   ? 3.488   -0.609  6.390   1.00 4.01  ? 441 HOH A O   1 
HETATM 1865 O O   . HOH C 3 .   ? 6.636   0.532   -14.486 1.00 18.97 ? 442 HOH A O   1 
HETATM 1866 O O   . HOH C 3 .   ? 3.015   17.751  4.173   1.00 18.64 ? 443 HOH A O   1 
HETATM 1867 O O   . HOH C 3 .   ? -11.680 -6.765  5.930   1.00 2.84  ? 444 HOH A O   1 
HETATM 1868 O O   . HOH C 3 .   ? 15.633  11.295  3.939   1.00 25.67 ? 445 HOH A O   1 
HETATM 1869 O O   . HOH C 3 .   ? 20.106  -10.097 8.396   1.00 41.36 ? 446 HOH A O   1 
HETATM 1870 O O   . HOH C 3 .   ? -1.741  -13.472 -4.183  1.00 26.34 ? 447 HOH A O   1 
HETATM 1871 O O   . HOH C 3 .   ? -2.192  -12.936 -5.947  1.00 12.95 ? 448 HOH A O   1 
HETATM 1872 O O   . HOH C 3 .   ? 5.838   1.330   -16.540 1.00 30.69 ? 449 HOH A O   1 
HETATM 1873 O O   . HOH C 3 .   ? 17.352  -10.657 12.305  1.00 18.57 ? 450 HOH A O   1 
HETATM 1874 O O   . HOH C 3 .   ? 0.980   8.079   -19.972 1.00 38.08 ? 451 HOH A O   1 
HETATM 1875 O O   . HOH C 3 .   ? -4.751  -0.750  -16.094 1.00 27.20 ? 452 HOH A O   1 
HETATM 1876 O O   . HOH C 3 .   ? -10.877 16.916  -10.456 1.00 33.29 ? 453 HOH A O   1 
HETATM 1877 O O   . HOH C 3 .   ? 13.745  -1.413  -12.413 1.00 23.34 ? 454 HOH A O   1 
HETATM 1878 O O   . HOH C 3 .   ? 3.926   -7.339  17.963  1.00 29.48 ? 455 HOH A O   1 
HETATM 1879 O O   . HOH C 3 .   ? 5.996   -9.131  15.785  1.00 9.80  ? 456 HOH A O   1 
HETATM 1880 O O   . HOH C 3 .   ? -7.419  -0.018  16.323  1.00 35.28 ? 457 HOH A O   1 
HETATM 1881 O O   . HOH D 3 .   ? -9.294  15.139  6.203   1.00 3.39  ? 251 HOH B O   1 
HETATM 1882 O O   . HOH D 3 .   ? -3.256  7.616   8.531   1.00 12.17 ? 259 HOH B O   1 
HETATM 1883 O O   . HOH D 3 .   ? -13.428 7.036   10.590  1.00 6.54  ? 300 HOH B O   1 
HETATM 1884 O O   . HOH D 3 .   ? -7.103  11.804  12.285  1.00 21.21 ? 321 HOH B O   1 
HETATM 1885 O O   . HOH D 3 .   ? -9.205  10.185  11.399  1.00 24.57 ? 322 HOH B O   1 
HETATM 1886 O O   . HOH D 3 .   ? -6.344  14.258  4.789   1.00 11.93 ? 324 HOH B O   1 
# 
loop_
_pdbx_poly_seq_scheme.asym_id 
_pdbx_poly_seq_scheme.entity_id 
_pdbx_poly_seq_scheme.seq_id 
_pdbx_poly_seq_scheme.mon_id 
_pdbx_poly_seq_scheme.ndb_seq_num 
_pdbx_poly_seq_scheme.pdb_seq_num 
_pdbx_poly_seq_scheme.auth_seq_num 
_pdbx_poly_seq_scheme.pdb_mon_id 
_pdbx_poly_seq_scheme.auth_mon_id 
_pdbx_poly_seq_scheme.pdb_strand_id 
_pdbx_poly_seq_scheme.pdb_ins_code 
_pdbx_poly_seq_scheme.hetero 
A 1 1   ILE 1   16  16  ILE ILE A . n 
A 1 2   VAL 2   17  17  VAL VAL A . n 
A 1 3   GLY 3   18  18  GLY GLY A . n 
A 1 4   GLY 4   19  19  GLY GLY A . n 
A 1 5   TYR 5   20  20  TYR TYR A . n 
A 1 6   THR 6   21  21  THR THR A . n 
A 1 7   CYS 7   22  22  CYS CYS A . n 
A 1 8   GLY 8   23  23  GLY GLY A . n 
A 1 9   ALA 9   24  24  ALA ALA A . n 
A 1 10  ASN 10  25  25  ASN ASN A . n 
A 1 11  THR 11  26  26  THR THR A . n 
A 1 12  VAL 12  27  27  VAL VAL A . n 
A 1 13  PRO 13  28  28  PRO PRO A . n 
A 1 14  TYR 14  29  29  TYR TYR A . n 
A 1 15  GLN 15  30  30  GLN GLN A . n 
A 1 16  VAL 16  31  31  VAL VAL A . n 
A 1 17  SER 17  32  32  SER SER A . n 
A 1 18  LEU 18  33  33  LEU LEU A . n 
A 1 19  ASN 19  34  34  ASN ASN A . n 
A 1 20  SER 20  37  37  SER SER A . n 
A 1 21  GLY 21  38  38  GLY GLY A . n 
A 1 22  TYR 22  39  39  TYR TYR A . n 
A 1 23  HIS 23  40  40  HIS HIS A . n 
A 1 24  PHE 24  41  41  PHE PHE A . n 
A 1 25  CYS 25  42  42  CYS CYS A . n 
A 1 26  GLY 26  43  43  GLY GLY A . n 
A 1 27  GLY 27  44  44  GLY GLY A . n 
A 1 28  SER 28  45  45  SER SER A . n 
A 1 29  LEU 29  46  46  LEU LEU A . n 
A 1 30  ILE 30  47  47  ILE ILE A . n 
A 1 31  ASN 31  48  48  ASN ASN A . n 
A 1 32  SER 32  49  49  SER SER A . n 
A 1 33  GLN 33  50  50  GLN GLN A . n 
A 1 34  TRP 34  51  51  TRP TRP A . n 
A 1 35  VAL 35  52  52  VAL VAL A . n 
A 1 36  VAL 36  53  53  VAL VAL A . n 
A 1 37  SER 37  54  54  SER SER A . n 
A 1 38  ALA 38  55  55  ALA ALA A . n 
A 1 39  ALA 39  56  56  ALA ALA A . n 
A 1 40  HIS 40  57  57  HIS HIS A . n 
A 1 41  CYS 41  58  58  CYS CYS A . n 
A 1 42  TYR 42  59  59  TYR TYR A . n 
A 1 43  LYS 43  60  60  LYS LYS A . n 
A 1 44  SER 44  61  61  SER SER A . n 
A 1 45  GLY 45  62  62  GLY GLY A . n 
A 1 46  ILE 46  63  63  ILE ILE A . n 
A 1 47  GLN 47  64  64  GLN GLN A . n 
A 1 48  VAL 48  65  65  VAL VAL A . n 
A 1 49  ARG 49  66  66  ARG ARG A . n 
A 1 50  LEU 50  67  67  LEU LEU A . n 
A 1 51  GLY 51  69  69  GLY GLY A . n 
A 1 52  GLU 52  70  70  GLU GLU A . n 
A 1 53  ASP 53  71  71  ASP ASP A . n 
A 1 54  ASN 54  72  72  ASN ASN A . n 
A 1 55  ILE 55  73  73  ILE ILE A . n 
A 1 56  ASN 56  74  74  ASN ASN A . n 
A 1 57  VAL 57  75  75  VAL VAL A . n 
A 1 58  VAL 58  76  76  VAL VAL A . n 
A 1 59  GLU 59  77  77  GLU GLU A . n 
A 1 60  GLY 60  78  78  GLY GLY A . n 
A 1 61  ASN 61  79  79  ASN ASN A . n 
A 1 62  GLU 62  80  80  GLU GLU A . n 
A 1 63  GLN 63  81  81  GLN GLN A . n 
A 1 64  PHE 64  82  82  PHE PHE A . n 
A 1 65  ILE 65  83  83  ILE ILE A . n 
A 1 66  SER 66  84  84  SER SER A . n 
A 1 67  ALA 67  85  85  ALA ALA A . n 
A 1 68  SER 68  86  86  SER SER A . n 
A 1 69  LYS 69  87  87  LYS LYS A . n 
A 1 70  SER 70  88  88  SER SER A . n 
A 1 71  ILE 71  89  89  ILE ILE A . n 
A 1 72  VAL 72  90  90  VAL VAL A . n 
A 1 73  HIS 73  91  91  HIS HIS A . n 
A 1 74  PRO 74  92  92  PRO PRO A . n 
A 1 75  SER 75  93  93  SER SER A . n 
A 1 76  TYR 76  94  94  TYR TYR A . n 
A 1 77  ASN 77  95  95  ASN ASN A . n 
A 1 78  SER 78  96  96  SER SER A . n 
A 1 79  ASN 79  97  97  ASN ASN A . n 
A 1 80  THR 80  98  98  THR THR A . n 
A 1 81  LEU 81  99  99  LEU LEU A . n 
A 1 82  ASN 82  100 100 ASN ASN A . n 
A 1 83  ASN 83  101 101 ASN ASN A . n 
A 1 84  ASP 84  102 102 ASP ASP A . n 
A 1 85  ILE 85  103 103 ILE ILE A . n 
A 1 86  MET 86  104 104 MET MET A . n 
A 1 87  LEU 87  105 105 LEU LEU A . n 
A 1 88  ILE 88  106 106 ILE ILE A . n 
A 1 89  LYS 89  107 107 LYS LYS A . n 
A 1 90  LEU 90  108 108 LEU LEU A . n 
A 1 91  LYS 91  109 109 LYS LYS A . n 
A 1 92  SER 92  110 110 SER SER A . n 
A 1 93  ALA 93  111 111 ALA ALA A . n 
A 1 94  ALA 94  112 112 ALA ALA A . n 
A 1 95  SER 95  113 113 SER SER A . n 
A 1 96  LEU 96  114 114 LEU LEU A . n 
A 1 97  ASN 97  115 115 ASN ASN A . n 
A 1 98  SER 98  116 116 SER SER A . n 
A 1 99  ARG 99  117 117 ARG ARG A . n 
A 1 100 VAL 100 118 118 VAL VAL A . n 
A 1 101 ALA 101 119 119 ALA ALA A . n 
A 1 102 SER 102 120 120 SER SER A . n 
A 1 103 ILE 103 121 121 ILE ILE A . n 
A 1 104 SER 104 122 122 SER SER A . n 
A 1 105 LEU 105 123 123 LEU LEU A . n 
A 1 106 PRO 106 124 124 PRO PRO A . n 
A 1 107 THR 107 125 125 THR THR A . n 
A 1 108 SER 108 127 127 SER SER A . n 
A 1 109 CYS 109 128 128 CYS CYS A . n 
A 1 110 ALA 110 129 129 ALA ALA A . n 
A 1 111 SER 111 130 130 SER SER A . n 
A 1 112 ALA 112 132 132 ALA ALA A . n 
A 1 113 GLY 113 133 133 GLY GLY A . n 
A 1 114 THR 114 134 134 THR THR A . n 
A 1 115 GLN 115 135 135 GLN GLN A . n 
A 1 116 CYS 116 136 136 CYS CYS A . n 
A 1 117 LEU 117 137 137 LEU LEU A . n 
A 1 118 ILE 118 138 138 ILE ILE A . n 
A 1 119 SER 119 139 139 SER SER A . n 
A 1 120 GLY 120 140 140 GLY GLY A . n 
A 1 121 TRP 121 141 141 TRP TRP A . n 
A 1 122 GLY 122 142 142 GLY GLY A . n 
A 1 123 ASN 123 143 143 ASN ASN A . n 
A 1 124 THR 124 144 144 THR THR A . n 
A 1 125 LYS 125 145 145 LYS LYS A . n 
A 1 126 SER 126 146 146 SER SER A . n 
A 1 127 SER 127 147 147 SER SER A . n 
A 1 128 GLY 128 148 148 GLY GLY A . n 
A 1 129 THR 129 149 149 THR THR A . n 
A 1 130 SER 130 150 150 SER SER A . n 
A 1 131 TYR 131 151 151 TYR TYR A . n 
A 1 132 PRO 132 152 152 PRO PRO A . n 
A 1 133 ASP 133 153 153 ASP ASP A . n 
A 1 134 VAL 134 154 154 VAL VAL A . n 
A 1 135 LEU 135 155 155 LEU LEU A . n 
A 1 136 LYS 136 156 156 LYS LYS A . n 
A 1 137 CYS 137 157 157 CYS CYS A . n 
A 1 138 LEU 138 158 158 LEU LEU A . n 
A 1 139 LYS 139 159 159 LYS LYS A . n 
A 1 140 ALA 140 160 160 ALA ALA A . n 
A 1 141 PRO 141 161 161 PRO PRO A . n 
A 1 142 ILE 142 162 162 ILE ILE A . n 
A 1 143 LEU 143 163 163 LEU LEU A . n 
A 1 144 SER 144 164 164 SER SER A . n 
A 1 145 ASP 145 165 165 ASP ASP A . n 
A 1 146 SER 146 166 166 SER SER A . n 
A 1 147 SER 147 167 167 SER SER A . n 
A 1 148 CYS 148 168 168 CYS CYS A . n 
A 1 149 LYS 149 169 169 LYS LYS A . n 
A 1 150 SER 150 170 170 SER SER A . n 
A 1 151 ALA 151 171 171 ALA ALA A . n 
A 1 152 TYR 152 172 172 TYR TYR A . n 
A 1 153 PRO 153 173 173 PRO PRO A . n 
A 1 154 GLY 154 174 174 GLY GLY A . n 
A 1 155 GLN 155 175 175 GLN GLN A . n 
A 1 156 ILE 156 176 176 ILE ILE A . n 
A 1 157 THR 157 177 177 THR THR A . n 
A 1 158 SER 158 178 178 SER SER A . n 
A 1 159 ASN 159 179 179 ASN ASN A . n 
A 1 160 MET 160 180 180 MET MET A . n 
A 1 161 PHE 161 181 181 PHE PHE A . n 
A 1 162 CYS 162 182 182 CYS CYS A . n 
A 1 163 ALA 163 183 183 ALA ALA A . n 
A 1 164 GLY 164 184 184 GLY GLY A A n 
A 1 165 TYR 165 184 184 TYR TYR A . n 
A 1 166 LEU 166 185 185 LEU LEU A . n 
A 1 167 GLU 167 186 186 GLU GLU A . n 
A 1 168 GLY 168 187 187 GLY GLY A . n 
A 1 169 GLY 169 188 188 GLY GLY A A n 
A 1 170 LYS 170 188 188 LYS LYS A . n 
A 1 171 ASP 171 189 189 ASP ASP A . n 
A 1 172 SER 172 190 190 SER SER A . n 
A 1 173 CYS 173 191 191 CYS CYS A . n 
A 1 174 GLN 174 192 192 GLN GLN A . n 
A 1 175 GLY 175 193 193 GLY GLY A . n 
A 1 176 ASP 176 194 194 ASP ASP A . n 
A 1 177 SER 177 195 195 SER SER A . n 
A 1 178 GLY 178 196 196 GLY GLY A . n 
A 1 179 GLY 179 197 197 GLY GLY A . n 
A 1 180 PRO 180 198 198 PRO PRO A . n 
A 1 181 VAL 181 199 199 VAL VAL A . n 
A 1 182 VAL 182 200 200 VAL VAL A . n 
A 1 183 CYS 183 201 201 CYS CYS A . n 
A 1 184 SER 184 202 202 SER SER A . n 
A 1 185 GLY 185 203 203 GLY GLY A . n 
A 1 186 LYS 186 204 204 LYS LYS A . n 
A 1 187 LEU 187 209 209 LEU LEU A . n 
A 1 188 GLN 188 210 210 GLN GLN A . n 
A 1 189 GLY 189 211 211 GLY GLY A . n 
A 1 190 ILE 190 212 212 ILE ILE A . n 
A 1 191 VAL 191 213 213 VAL VAL A . n 
A 1 192 SER 192 214 214 SER SER A . n 
A 1 193 TRP 193 215 215 TRP TRP A . n 
A 1 194 GLY 194 216 216 GLY GLY A . n 
A 1 195 SER 195 217 217 SER SER A . n 
A 1 196 GLY 196 219 219 GLY GLY A . n 
A 1 197 CYS 197 220 220 CYS CYS A . n 
A 1 198 ALA 198 221 221 ALA ALA A . n 
A 1 199 GLN 199 221 221 GLN GLN A A n 
A 1 200 LYS 200 222 222 LYS LYS A . n 
A 1 201 ASN 201 223 223 ASN ASN A . n 
A 1 202 LYS 202 224 224 LYS LYS A . n 
A 1 203 PRO 203 225 225 PRO PRO A . n 
A 1 204 GLY 204 226 226 GLY GLY A . n 
A 1 205 VAL 205 227 227 VAL VAL A . n 
A 1 206 TYR 206 228 228 TYR TYR A . n 
A 1 207 THR 207 229 229 THR THR A . n 
A 1 208 LYS 208 230 230 LYS LYS A . n 
A 1 209 VAL 209 231 231 VAL VAL A . n 
A 1 210 CYS 210 232 232 CYS CYS A . n 
A 1 211 ASN 211 233 233 ASN ASN A . n 
A 1 212 TYR 212 234 234 TYR TYR A . n 
A 1 213 VAL 213 235 235 VAL VAL A . n 
A 1 214 SER 214 236 236 SER SER A . n 
A 1 215 TRP 215 237 237 TRP TRP A . n 
A 1 216 ILE 216 238 238 ILE ILE A . n 
A 1 217 LYS 217 239 239 LYS LYS A . n 
A 1 218 GLN 218 240 240 GLN GLN A . n 
A 1 219 THR 219 241 241 THR THR A . n 
A 1 220 ILE 220 242 242 ILE ILE A . n 
A 1 221 ALA 221 243 243 ALA ALA A . n 
A 1 222 SER 222 244 244 SER SER A . n 
A 1 223 ASN 223 245 245 ASN ASN A . n 
B 2 1   34H 1   1   1   34H 34H B . n 
B 2 2   DIL 2   2   2   DIL DIL B . n 
B 2 3   XPR 3   3   3   XPR XPR B . n 
B 2 4   AG2 4   4   4   AG2 AG2 B . n 
# 
loop_
_pdbx_nonpoly_scheme.asym_id 
_pdbx_nonpoly_scheme.entity_id 
_pdbx_nonpoly_scheme.mon_id 
_pdbx_nonpoly_scheme.ndb_seq_num 
_pdbx_nonpoly_scheme.pdb_seq_num 
_pdbx_nonpoly_scheme.auth_seq_num 
_pdbx_nonpoly_scheme.pdb_mon_id 
_pdbx_nonpoly_scheme.auth_mon_id 
_pdbx_nonpoly_scheme.pdb_strand_id 
_pdbx_nonpoly_scheme.pdb_ins_code 
C 3 HOH 1   246 246 HOH HOH A . 
C 3 HOH 2   247 247 HOH HOH A . 
C 3 HOH 3   248 248 HOH HOH A . 
C 3 HOH 4   249 249 HOH HOH A . 
C 3 HOH 5   250 250 HOH HOH A . 
C 3 HOH 6   252 252 HOH HOH A . 
C 3 HOH 7   253 253 HOH HOH A . 
C 3 HOH 8   254 254 HOH HOH A . 
C 3 HOH 9   255 255 HOH HOH A . 
C 3 HOH 10  256 256 HOH HOH A . 
C 3 HOH 11  257 257 HOH HOH A . 
C 3 HOH 12  258 258 HOH HOH A . 
C 3 HOH 13  260 260 HOH HOH A . 
C 3 HOH 14  261 261 HOH HOH A . 
C 3 HOH 15  262 262 HOH HOH A . 
C 3 HOH 16  263 263 HOH HOH A . 
C 3 HOH 17  264 264 HOH HOH A . 
C 3 HOH 18  265 265 HOH HOH A . 
C 3 HOH 19  266 266 HOH HOH A . 
C 3 HOH 20  267 267 HOH HOH A . 
C 3 HOH 21  268 268 HOH HOH A . 
C 3 HOH 22  269 269 HOH HOH A . 
C 3 HOH 23  270 270 HOH HOH A . 
C 3 HOH 24  271 271 HOH HOH A . 
C 3 HOH 25  272 272 HOH HOH A . 
C 3 HOH 26  273 273 HOH HOH A . 
C 3 HOH 27  274 274 HOH HOH A . 
C 3 HOH 28  275 275 HOH HOH A . 
C 3 HOH 29  276 276 HOH HOH A . 
C 3 HOH 30  277 277 HOH HOH A . 
C 3 HOH 31  278 278 HOH HOH A . 
C 3 HOH 32  279 279 HOH HOH A . 
C 3 HOH 33  280 280 HOH HOH A . 
C 3 HOH 34  281 281 HOH HOH A . 
C 3 HOH 35  282 282 HOH HOH A . 
C 3 HOH 36  283 283 HOH HOH A . 
C 3 HOH 37  284 284 HOH HOH A . 
C 3 HOH 38  285 285 HOH HOH A . 
C 3 HOH 39  286 286 HOH HOH A . 
C 3 HOH 40  287 287 HOH HOH A . 
C 3 HOH 41  288 288 HOH HOH A . 
C 3 HOH 42  289 289 HOH HOH A . 
C 3 HOH 43  290 290 HOH HOH A . 
C 3 HOH 44  291 291 HOH HOH A . 
C 3 HOH 45  292 292 HOH HOH A . 
C 3 HOH 46  293 293 HOH HOH A . 
C 3 HOH 47  294 294 HOH HOH A . 
C 3 HOH 48  295 295 HOH HOH A . 
C 3 HOH 49  296 296 HOH HOH A . 
C 3 HOH 50  297 297 HOH HOH A . 
C 3 HOH 51  298 298 HOH HOH A . 
C 3 HOH 52  299 299 HOH HOH A . 
C 3 HOH 53  301 301 HOH HOH A . 
C 3 HOH 54  302 302 HOH HOH A . 
C 3 HOH 55  303 303 HOH HOH A . 
C 3 HOH 56  304 304 HOH HOH A . 
C 3 HOH 57  305 305 HOH HOH A . 
C 3 HOH 58  306 306 HOH HOH A . 
C 3 HOH 59  307 307 HOH HOH A . 
C 3 HOH 60  308 308 HOH HOH A . 
C 3 HOH 61  309 309 HOH HOH A . 
C 3 HOH 62  310 310 HOH HOH A . 
C 3 HOH 63  311 311 HOH HOH A . 
C 3 HOH 64  312 312 HOH HOH A . 
C 3 HOH 65  313 313 HOH HOH A . 
C 3 HOH 66  314 314 HOH HOH A . 
C 3 HOH 67  315 315 HOH HOH A . 
C 3 HOH 68  316 316 HOH HOH A . 
C 3 HOH 69  317 317 HOH HOH A . 
C 3 HOH 70  318 318 HOH HOH A . 
C 3 HOH 71  319 319 HOH HOH A . 
C 3 HOH 72  320 320 HOH HOH A . 
C 3 HOH 73  323 323 HOH HOH A . 
C 3 HOH 74  325 325 HOH HOH A . 
C 3 HOH 75  326 326 HOH HOH A . 
C 3 HOH 76  327 327 HOH HOH A . 
C 3 HOH 77  328 328 HOH HOH A . 
C 3 HOH 78  329 329 HOH HOH A . 
C 3 HOH 79  330 330 HOH HOH A . 
C 3 HOH 80  331 331 HOH HOH A . 
C 3 HOH 81  332 332 HOH HOH A . 
C 3 HOH 82  333 333 HOH HOH A . 
C 3 HOH 83  334 334 HOH HOH A . 
C 3 HOH 84  335 335 HOH HOH A . 
C 3 HOH 85  336 336 HOH HOH A . 
C 3 HOH 86  337 337 HOH HOH A . 
C 3 HOH 87  338 338 HOH HOH A . 
C 3 HOH 88  339 339 HOH HOH A . 
C 3 HOH 89  340 340 HOH HOH A . 
C 3 HOH 90  341 341 HOH HOH A . 
C 3 HOH 91  342 342 HOH HOH A . 
C 3 HOH 92  343 343 HOH HOH A . 
C 3 HOH 93  344 344 HOH HOH A . 
C 3 HOH 94  345 345 HOH HOH A . 
C 3 HOH 95  346 346 HOH HOH A . 
C 3 HOH 96  347 347 HOH HOH A . 
C 3 HOH 97  348 348 HOH HOH A . 
C 3 HOH 98  349 349 HOH HOH A . 
C 3 HOH 99  350 350 HOH HOH A . 
C 3 HOH 100 351 351 HOH HOH A . 
C 3 HOH 101 352 352 HOH HOH A . 
C 3 HOH 102 353 353 HOH HOH A . 
C 3 HOH 103 354 354 HOH HOH A . 
C 3 HOH 104 355 355 HOH HOH A . 
C 3 HOH 105 356 356 HOH HOH A . 
C 3 HOH 106 357 357 HOH HOH A . 
C 3 HOH 107 358 358 HOH HOH A . 
C 3 HOH 108 359 359 HOH HOH A . 
C 3 HOH 109 360 360 HOH HOH A . 
C 3 HOH 110 361 361 HOH HOH A . 
C 3 HOH 111 362 362 HOH HOH A . 
C 3 HOH 112 363 363 HOH HOH A . 
C 3 HOH 113 364 364 HOH HOH A . 
C 3 HOH 114 365 365 HOH HOH A . 
C 3 HOH 115 366 366 HOH HOH A . 
C 3 HOH 116 367 367 HOH HOH A . 
C 3 HOH 117 368 368 HOH HOH A . 
C 3 HOH 118 369 369 HOH HOH A . 
C 3 HOH 119 370 370 HOH HOH A . 
C 3 HOH 120 371 371 HOH HOH A . 
C 3 HOH 121 372 372 HOH HOH A . 
C 3 HOH 122 373 373 HOH HOH A . 
C 3 HOH 123 374 374 HOH HOH A . 
C 3 HOH 124 375 375 HOH HOH A . 
C 3 HOH 125 376 376 HOH HOH A . 
C 3 HOH 126 377 377 HOH HOH A . 
C 3 HOH 127 378 378 HOH HOH A . 
C 3 HOH 128 379 379 HOH HOH A . 
C 3 HOH 129 380 380 HOH HOH A . 
C 3 HOH 130 381 381 HOH HOH A . 
C 3 HOH 131 382 382 HOH HOH A . 
C 3 HOH 132 383 383 HOH HOH A . 
C 3 HOH 133 384 384 HOH HOH A . 
C 3 HOH 134 385 385 HOH HOH A . 
C 3 HOH 135 386 386 HOH HOH A . 
C 3 HOH 136 387 387 HOH HOH A . 
C 3 HOH 137 388 388 HOH HOH A . 
C 3 HOH 138 389 389 HOH HOH A . 
C 3 HOH 139 390 390 HOH HOH A . 
C 3 HOH 140 391 391 HOH HOH A . 
C 3 HOH 141 392 392 HOH HOH A . 
C 3 HOH 142 393 393 HOH HOH A . 
C 3 HOH 143 394 394 HOH HOH A . 
C 3 HOH 144 395 395 HOH HOH A . 
C 3 HOH 145 396 396 HOH HOH A . 
C 3 HOH 146 397 397 HOH HOH A . 
C 3 HOH 147 398 398 HOH HOH A . 
C 3 HOH 148 399 399 HOH HOH A . 
C 3 HOH 149 400 400 HOH HOH A . 
C 3 HOH 150 401 401 HOH HOH A . 
C 3 HOH 151 402 402 HOH HOH A . 
C 3 HOH 152 403 403 HOH HOH A . 
C 3 HOH 153 404 404 HOH HOH A . 
C 3 HOH 154 405 405 HOH HOH A . 
C 3 HOH 155 406 406 HOH HOH A . 
C 3 HOH 156 407 407 HOH HOH A . 
C 3 HOH 157 408 408 HOH HOH A . 
C 3 HOH 158 409 409 HOH HOH A . 
C 3 HOH 159 410 410 HOH HOH A . 
C 3 HOH 160 411 411 HOH HOH A . 
C 3 HOH 161 412 412 HOH HOH A . 
C 3 HOH 162 413 413 HOH HOH A . 
C 3 HOH 163 414 414 HOH HOH A . 
C 3 HOH 164 415 415 HOH HOH A . 
C 3 HOH 165 416 416 HOH HOH A . 
C 3 HOH 166 417 417 HOH HOH A . 
C 3 HOH 167 418 418 HOH HOH A . 
C 3 HOH 168 419 419 HOH HOH A . 
C 3 HOH 169 420 420 HOH HOH A . 
C 3 HOH 170 421 421 HOH HOH A . 
C 3 HOH 171 422 422 HOH HOH A . 
C 3 HOH 172 423 423 HOH HOH A . 
C 3 HOH 173 424 424 HOH HOH A . 
C 3 HOH 174 425 425 HOH HOH A . 
C 3 HOH 175 426 426 HOH HOH A . 
C 3 HOH 176 427 427 HOH HOH A . 
C 3 HOH 177 428 428 HOH HOH A . 
C 3 HOH 178 429 429 HOH HOH A . 
C 3 HOH 179 430 430 HOH HOH A . 
C 3 HOH 180 431 431 HOH HOH A . 
C 3 HOH 181 432 432 HOH HOH A . 
C 3 HOH 182 433 433 HOH HOH A . 
C 3 HOH 183 434 434 HOH HOH A . 
C 3 HOH 184 435 435 HOH HOH A . 
C 3 HOH 185 436 436 HOH HOH A . 
C 3 HOH 186 437 437 HOH HOH A . 
C 3 HOH 187 438 438 HOH HOH A . 
C 3 HOH 188 439 439 HOH HOH A . 
C 3 HOH 189 440 440 HOH HOH A . 
C 3 HOH 190 441 441 HOH HOH A . 
C 3 HOH 191 442 442 HOH HOH A . 
C 3 HOH 192 443 443 HOH HOH A . 
C 3 HOH 193 444 444 HOH HOH A . 
C 3 HOH 194 445 445 HOH HOH A . 
C 3 HOH 195 446 446 HOH HOH A . 
C 3 HOH 196 447 447 HOH HOH A . 
C 3 HOH 197 448 448 HOH HOH A . 
C 3 HOH 198 449 449 HOH HOH A . 
C 3 HOH 199 450 450 HOH HOH A . 
C 3 HOH 200 451 451 HOH HOH A . 
C 3 HOH 201 452 452 HOH HOH A . 
C 3 HOH 202 453 453 HOH HOH A . 
C 3 HOH 203 454 454 HOH HOH A . 
C 3 HOH 204 455 455 HOH HOH A . 
C 3 HOH 205 456 456 HOH HOH A . 
C 3 HOH 206 457 457 HOH HOH A . 
D 3 HOH 1   251 251 HOH HOH B . 
D 3 HOH 2   259 259 HOH HOH B . 
D 3 HOH 3   300 300 HOH HOH B . 
D 3 HOH 4   321 321 HOH HOH B . 
D 3 HOH 5   322 322 HOH HOH B . 
D 3 HOH 6   324 324 HOH HOH B . 
# 
_pdbx_molecule_features.prd_id    PRD_000556 
_pdbx_molecule_features.name      'AERUGINOSIN 98-B' 
_pdbx_molecule_features.type      Oligopeptide 
_pdbx_molecule_features.class     'Thrombin inhibitor, Trypsin inhibitor' 
_pdbx_molecule_features.details   ? 
# 
_pdbx_molecule.instance_id   1 
_pdbx_molecule.prd_id        PRD_000556 
_pdbx_molecule.asym_id       B 
# 
_pdbx_struct_mod_residue.id               1 
_pdbx_struct_mod_residue.label_asym_id    B 
_pdbx_struct_mod_residue.label_comp_id    XPR 
_pdbx_struct_mod_residue.label_seq_id     3 
_pdbx_struct_mod_residue.auth_asym_id     B 
_pdbx_struct_mod_residue.auth_comp_id     XPR 
_pdbx_struct_mod_residue.auth_seq_id      3 
_pdbx_struct_mod_residue.PDB_ins_code     ? 
_pdbx_struct_mod_residue.parent_comp_id   PRO 
_pdbx_struct_mod_residue.details          ? 
# 
_pdbx_struct_assembly.id                   1 
_pdbx_struct_assembly.details              author_defined_assembly 
_pdbx_struct_assembly.method_details       ? 
_pdbx_struct_assembly.oligomeric_details   dimeric 
_pdbx_struct_assembly.oligomeric_count     2 
# 
_pdbx_struct_assembly_gen.assembly_id       1 
_pdbx_struct_assembly_gen.oper_expression   1 
_pdbx_struct_assembly_gen.asym_id_list      A,B,C,D 
# 
_pdbx_struct_oper_list.id                   1 
_pdbx_struct_oper_list.type                 'identity operation' 
_pdbx_struct_oper_list.name                 1_555 
_pdbx_struct_oper_list.symmetry_operation   x,y,z 
_pdbx_struct_oper_list.matrix[1][1]         1.0000000000 
_pdbx_struct_oper_list.matrix[1][2]         0.0000000000 
_pdbx_struct_oper_list.matrix[1][3]         0.0000000000 
_pdbx_struct_oper_list.vector[1]            0.0000000000 
_pdbx_struct_oper_list.matrix[2][1]         0.0000000000 
_pdbx_struct_oper_list.matrix[2][2]         1.0000000000 
_pdbx_struct_oper_list.matrix[2][3]         0.0000000000 
_pdbx_struct_oper_list.vector[2]            0.0000000000 
_pdbx_struct_oper_list.matrix[3][1]         0.0000000000 
_pdbx_struct_oper_list.matrix[3][2]         0.0000000000 
_pdbx_struct_oper_list.matrix[3][3]         1.0000000000 
_pdbx_struct_oper_list.vector[3]            0.0000000000 
# 
loop_
_pdbx_audit_revision_history.ordinal 
_pdbx_audit_revision_history.data_content_type 
_pdbx_audit_revision_history.major_revision 
_pdbx_audit_revision_history.minor_revision 
_pdbx_audit_revision_history.revision_date 
1 'Structure model' 1 0 1998-02-25 
2 'Structure model' 1 1 2008-03-03 
3 'Structure model' 1 2 2011-07-13 
4 'Structure model' 1 3 2012-12-12 
5 'Structure model' 1 4 2023-08-02 
# 
_pdbx_audit_revision_details.ordinal             1 
_pdbx_audit_revision_details.revision_ordinal    1 
_pdbx_audit_revision_details.data_content_type   'Structure model' 
_pdbx_audit_revision_details.provider            repository 
_pdbx_audit_revision_details.type                'Initial release' 
_pdbx_audit_revision_details.description         ? 
_pdbx_audit_revision_details.details             ? 
# 
loop_
_pdbx_audit_revision_group.ordinal 
_pdbx_audit_revision_group.revision_ordinal 
_pdbx_audit_revision_group.data_content_type 
_pdbx_audit_revision_group.group 
1  2 'Structure model' 'Version format compliance' 
2  3 'Structure model' 'Atomic model'              
3  3 'Structure model' 'Database references'       
4  3 'Structure model' 'Derived calculations'      
5  3 'Structure model' 'Non-polymer description'   
6  3 'Structure model' 'Structure summary'         
7  3 'Structure model' 'Version format compliance' 
8  4 'Structure model' Other                       
9  5 'Structure model' Advisory                    
10 5 'Structure model' 'Database references'       
11 5 'Structure model' 'Derived calculations'      
12 5 'Structure model' 'Refinement description'    
# 
loop_
_pdbx_audit_revision_category.ordinal 
_pdbx_audit_revision_category.revision_ordinal 
_pdbx_audit_revision_category.data_content_type 
_pdbx_audit_revision_category.category 
1 5 'Structure model' database_2                    
2 5 'Structure model' pdbx_initial_refinement_model 
3 5 'Structure model' pdbx_validate_polymer_linkage 
4 5 'Structure model' struct_conn                   
# 
loop_
_pdbx_audit_revision_item.ordinal 
_pdbx_audit_revision_item.revision_ordinal 
_pdbx_audit_revision_item.data_content_type 
_pdbx_audit_revision_item.item 
1 5 'Structure model' '_database_2.pdbx_DOI'                
2 5 'Structure model' '_database_2.pdbx_database_accession' 
3 5 'Structure model' '_struct_conn.pdbx_leaving_atom_flag' 
# 
loop_
_software.name 
_software.classification 
_software.version 
_software.citation_id 
_software.pdbx_ordinal 
DENZO     'data reduction' .   ? 1 
SCALEPACK 'data scaling'   .   ? 2 
X-PLOR    'model building' 3.1 ? 3 
X-PLOR    refinement       3.1 ? 4 
X-PLOR    phasing          3.1 ? 5 
# 
loop_
_pdbx_validate_close_contact.id 
_pdbx_validate_close_contact.PDB_model_num 
_pdbx_validate_close_contact.auth_atom_id_1 
_pdbx_validate_close_contact.auth_asym_id_1 
_pdbx_validate_close_contact.auth_comp_id_1 
_pdbx_validate_close_contact.auth_seq_id_1 
_pdbx_validate_close_contact.PDB_ins_code_1 
_pdbx_validate_close_contact.label_alt_id_1 
_pdbx_validate_close_contact.auth_atom_id_2 
_pdbx_validate_close_contact.auth_asym_id_2 
_pdbx_validate_close_contact.auth_comp_id_2 
_pdbx_validate_close_contact.auth_seq_id_2 
_pdbx_validate_close_contact.PDB_ins_code_2 
_pdbx_validate_close_contact.label_alt_id_2 
_pdbx_validate_close_contact.dist 
1 1 C1 B 34H 1   ? ? N B DIL 2   ? ? 1.33 
2 1 O  A HOH 447 ? ? O A HOH 448 ? ? 1.90 
3 1 OG A SER 93  ? ? O A HOH 415 ? ? 2.04 
4 1 O  A VAL 75  ? ? O A HOH 293 ? ? 2.05 
5 1 O  A HOH 256 ? ? O A HOH 426 ? ? 2.05 
6 1 O  A HOH 414 ? ? O A HOH 454 ? ? 2.06 
# 
_pdbx_validate_symm_contact.id                1 
_pdbx_validate_symm_contact.PDB_model_num     1 
_pdbx_validate_symm_contact.auth_atom_id_1    NZ 
_pdbx_validate_symm_contact.auth_asym_id_1    A 
_pdbx_validate_symm_contact.auth_comp_id_1    LYS 
_pdbx_validate_symm_contact.auth_seq_id_1     169 
_pdbx_validate_symm_contact.PDB_ins_code_1    ? 
_pdbx_validate_symm_contact.label_alt_id_1    ? 
_pdbx_validate_symm_contact.site_symmetry_1   1_555 
_pdbx_validate_symm_contact.auth_atom_id_2    O 
_pdbx_validate_symm_contact.auth_asym_id_2    A 
_pdbx_validate_symm_contact.auth_comp_id_2    HOH 
_pdbx_validate_symm_contact.auth_seq_id_2     405 
_pdbx_validate_symm_contact.PDB_ins_code_2    ? 
_pdbx_validate_symm_contact.label_alt_id_2    ? 
_pdbx_validate_symm_contact.site_symmetry_2   1_565 
_pdbx_validate_symm_contact.dist              1.85 
# 
_pdbx_validate_rmsd_angle.id                         1 
_pdbx_validate_rmsd_angle.PDB_model_num              1 
_pdbx_validate_rmsd_angle.auth_atom_id_1             CB 
_pdbx_validate_rmsd_angle.auth_asym_id_1             A 
_pdbx_validate_rmsd_angle.auth_comp_id_1             LYS 
_pdbx_validate_rmsd_angle.auth_seq_id_1              145 
_pdbx_validate_rmsd_angle.PDB_ins_code_1             ? 
_pdbx_validate_rmsd_angle.label_alt_id_1             ? 
_pdbx_validate_rmsd_angle.auth_atom_id_2             CG 
_pdbx_validate_rmsd_angle.auth_asym_id_2             A 
_pdbx_validate_rmsd_angle.auth_comp_id_2             LYS 
_pdbx_validate_rmsd_angle.auth_seq_id_2              145 
_pdbx_validate_rmsd_angle.PDB_ins_code_2             ? 
_pdbx_validate_rmsd_angle.label_alt_id_2             ? 
_pdbx_validate_rmsd_angle.auth_atom_id_3             CD 
_pdbx_validate_rmsd_angle.auth_asym_id_3             A 
_pdbx_validate_rmsd_angle.auth_comp_id_3             LYS 
_pdbx_validate_rmsd_angle.auth_seq_id_3              145 
_pdbx_validate_rmsd_angle.PDB_ins_code_3             ? 
_pdbx_validate_rmsd_angle.label_alt_id_3             ? 
_pdbx_validate_rmsd_angle.angle_value                93.40 
_pdbx_validate_rmsd_angle.angle_target_value         111.60 
_pdbx_validate_rmsd_angle.angle_deviation            -18.20 
_pdbx_validate_rmsd_angle.angle_standard_deviation   2.60 
_pdbx_validate_rmsd_angle.linker_flag                N 
# 
loop_
_pdbx_validate_torsion.id 
_pdbx_validate_torsion.PDB_model_num 
_pdbx_validate_torsion.auth_comp_id 
_pdbx_validate_torsion.auth_asym_id 
_pdbx_validate_torsion.auth_seq_id 
_pdbx_validate_torsion.PDB_ins_code 
_pdbx_validate_torsion.label_alt_id 
_pdbx_validate_torsion.phi 
_pdbx_validate_torsion.psi 
1 1 LYS A 60  ? ? 173.36  148.56 
2 1 ASP A 71  ? ? -139.51 -62.83 
3 1 LYS A 87  ? ? -171.61 138.38 
4 1 ASN A 101 ? ? 70.48   42.65  
5 1 SER A 127 ? ? -174.64 144.76 
6 1 SER A 195 ? ? -31.19  130.22 
7 1 VAL A 213 ? ? -54.93  109.21 
8 1 SER A 214 ? ? -108.34 -71.04 
# 
_pdbx_validate_polymer_linkage.id               1 
_pdbx_validate_polymer_linkage.PDB_model_num    1 
_pdbx_validate_polymer_linkage.auth_atom_id_1   C2 
_pdbx_validate_polymer_linkage.auth_asym_id_1   B 
_pdbx_validate_polymer_linkage.auth_comp_id_1   34H 
_pdbx_validate_polymer_linkage.auth_seq_id_1    1 
_pdbx_validate_polymer_linkage.PDB_ins_code_1   ? 
_pdbx_validate_polymer_linkage.label_alt_id_1   ? 
_pdbx_validate_polymer_linkage.auth_atom_id_2   N 
_pdbx_validate_polymer_linkage.auth_asym_id_2   B 
_pdbx_validate_polymer_linkage.auth_comp_id_2   DIL 
_pdbx_validate_polymer_linkage.auth_seq_id_2    2 
_pdbx_validate_polymer_linkage.PDB_ins_code_2   ? 
_pdbx_validate_polymer_linkage.label_alt_id_2   ? 
_pdbx_validate_polymer_linkage.dist             2.41 
# 
_pdbx_unobs_or_zero_occ_atoms.id               1 
_pdbx_unobs_or_zero_occ_atoms.PDB_model_num    1 
_pdbx_unobs_or_zero_occ_atoms.polymer_flag     Y 
_pdbx_unobs_or_zero_occ_atoms.occupancy_flag   1 
_pdbx_unobs_or_zero_occ_atoms.auth_asym_id     B 
_pdbx_unobs_or_zero_occ_atoms.auth_comp_id     34H 
_pdbx_unobs_or_zero_occ_atoms.auth_seq_id      1 
_pdbx_unobs_or_zero_occ_atoms.PDB_ins_code     ? 
_pdbx_unobs_or_zero_occ_atoms.auth_atom_id     O2 
_pdbx_unobs_or_zero_occ_atoms.label_alt_id     ? 
_pdbx_unobs_or_zero_occ_atoms.label_asym_id    B 
_pdbx_unobs_or_zero_occ_atoms.label_comp_id    34H 
_pdbx_unobs_or_zero_occ_atoms.label_seq_id     1 
_pdbx_unobs_or_zero_occ_atoms.label_atom_id    O2 
# 
_pdbx_entity_nonpoly.entity_id   3 
_pdbx_entity_nonpoly.name        water 
_pdbx_entity_nonpoly.comp_id     HOH 
# 
_pdbx_initial_refinement_model.id               1 
_pdbx_initial_refinement_model.entity_id_list   ? 
_pdbx_initial_refinement_model.type             'experimental model' 
_pdbx_initial_refinement_model.source_name      PDB 
_pdbx_initial_refinement_model.accession_code   1TPS 
_pdbx_initial_refinement_model.details          'PDB ENTRY 1TPS' 
# 
